data_7PAC
# 
_entry.id   7PAC 
# 
_audit_conform.dict_name       mmcif_pdbx.dic 
_audit_conform.dict_version    5.384 
_audit_conform.dict_location   http://mmcif.pdb.org/dictionaries/ascii/mmcif_pdbx.dic 
# 
loop_
_database_2.database_id 
_database_2.database_code 
_database_2.pdbx_database_accession 
_database_2.pdbx_DOI 
PDB   7PAC         pdb_00007pac 10.2210/pdb7pac/pdb 
WWPDB D_1292117351 ?            ?                   
# 
loop_
_pdbx_audit_revision_history.ordinal 
_pdbx_audit_revision_history.data_content_type 
_pdbx_audit_revision_history.major_revision 
_pdbx_audit_revision_history.minor_revision 
_pdbx_audit_revision_history.revision_date 
1 'Structure model' 1 0 2022-06-08 
2 'Structure model' 1 1 2024-01-31 
# 
_pdbx_audit_revision_details.ordinal             1 
_pdbx_audit_revision_details.revision_ordinal    1 
_pdbx_audit_revision_details.data_content_type   'Structure model' 
_pdbx_audit_revision_details.provider            repository 
_pdbx_audit_revision_details.type                'Initial release' 
_pdbx_audit_revision_details.description         ? 
_pdbx_audit_revision_details.details             ? 
# 
loop_
_pdbx_audit_revision_group.ordinal 
_pdbx_audit_revision_group.revision_ordinal 
_pdbx_audit_revision_group.data_content_type 
_pdbx_audit_revision_group.group 
1 2 'Structure model' 'Data collection'        
2 2 'Structure model' 'Refinement description' 
# 
loop_
_pdbx_audit_revision_category.ordinal 
_pdbx_audit_revision_category.revision_ordinal 
_pdbx_audit_revision_category.data_content_type 
_pdbx_audit_revision_category.category 
1 2 'Structure model' chem_comp_atom                
2 2 'Structure model' chem_comp_bond                
3 2 'Structure model' pdbx_initial_refinement_model 
# 
_pdbx_database_status.status_code                     REL 
_pdbx_database_status.status_code_sf                  REL 
_pdbx_database_status.status_code_mr                  ? 
_pdbx_database_status.entry_id                        7PAC 
_pdbx_database_status.recvd_initial_deposition_date   2021-07-29 
_pdbx_database_status.SG_entry                        N 
_pdbx_database_status.deposit_site                    PDBE 
_pdbx_database_status.process_site                    PDBE 
_pdbx_database_status.status_code_cs                  ? 
_pdbx_database_status.status_code_nmr_data            ? 
_pdbx_database_status.methods_development_category    ? 
_pdbx_database_status.pdb_format_compatible           Y 
# 
loop_
_audit_author.name 
_audit_author.pdbx_ordinal 
_audit_author.identifier_ORCID 
'Beaumont, E.' 1 0000-0003-4813-1141 
'Williams, D.' 2 0000-0001-7057-6863 
# 
_citation.abstract                  ? 
_citation.abstract_id_CAS           ? 
_citation.book_id_ISBN              ? 
_citation.book_publisher            ? 
_citation.book_publisher_city       ? 
_citation.book_title                ? 
_citation.coordinate_linkage        ? 
_citation.country                   ? 
_citation.database_id_Medline       ? 
_citation.details                   ? 
_citation.id                        primary 
_citation.journal_abbrev            'Blood Cancer J' 
_citation.journal_id_ASTM           ? 
_citation.journal_id_CSD            ? 
_citation.journal_id_ISSN           2044-5385 
_citation.journal_full              ? 
_citation.journal_issue             ? 
_citation.journal_volume            12 
_citation.language                  ? 
_citation.page_first                64 
_citation.page_last                 64 
_citation.title                     
'Validation of a small molecule inhibitor of PDE6D-RAS interaction with favorable anti-leukemic effects.' 
_citation.year                      2022 
_citation.database_id_CSD           ? 
_citation.pdbx_database_id_DOI      10.1038/s41408-022-00663-z 
_citation.pdbx_database_id_PubMed   35422065 
_citation.pdbx_database_id_patent   ? 
_citation.unpublished_flag          ? 
# 
loop_
_citation_author.citation_id 
_citation_author.name 
_citation_author.ordinal 
_citation_author.identifier_ORCID 
primary 'Canovas Nunes, S.' 1  0000-0002-5582-0773 
primary 'De Vita, S.'       2  ?                   
primary 'Anighoro, A.'      3  ?                   
primary 'Autelitano, F.'    4  0000-0001-6269-2629 
primary 'Beaumont, E.'      5  ?                   
primary 'Klingbeil, P.'     6  ?                   
primary 'McGuinness, M.'    7  ?                   
primary 'Duvert, B.'        8  ?                   
primary 'Harris, C.'        9  ?                   
primary 'Yang, L.'          10 ?                   
primary 'Pokharel, S.P.'    11 ?                   
primary 'Chen, C.W.'        12 0000-0002-8737-6830 
primary 'Ermann, M.'        13 ?                   
primary 'Williams, D.A.'    14 0000-0001-7057-6863 
primary 'Xu, H.'            15 ?                   
# 
loop_
_entity.id 
_entity.type 
_entity.src_method 
_entity.pdbx_description 
_entity.formula_weight 
_entity.pdbx_number_of_molecules 
_entity.pdbx_ec 
_entity.pdbx_mutation 
_entity.pdbx_fragment 
_entity.details 
1 polymer     man 
;Retinal rod rhodopsin-sensitive cGMP 3',5'-cyclic phosphodiesterase subunit delta
;
19352.996 1   ? ? ? ? 
2 non-polymer syn 'NICKEL (II) ION'                                                                   58.693    1   ? ? ? ? 
3 non-polymer syn '4-(2-HYDROXYETHYL)-1-PIPERAZINE ETHANESULFONIC ACID'                               238.305   1   ? ? ? ? 
4 water       nat water                                                                               18.015    102 ? ? ? ? 
# 
_entity_name_com.entity_id   1 
_entity_name_com.name        'GMP-PDE delta,Protein p17' 
# 
_entity_poly.entity_id                      1 
_entity_poly.type                           'polypeptide(L)' 
_entity_poly.nstd_linkage                   no 
_entity_poly.nstd_monomer                   no 
_entity_poly.pdbx_seq_one_letter_code       
;MGSHHHHHHGSENLYFQSAKDERAREILRGFKLNWMNLRDAETGKILWQGTEDLSVPGVEHEARVPKKILKCKAVSRELN
FSSTEQMEKFRLEQKVYFKGQCLEEWFFEFGFVIPNSTNTWQSLIEAAPESQMMPASVLTGNVIIETKFFDDDLLVSTSR
VRLFYV
;
_entity_poly.pdbx_seq_one_letter_code_can   
;MGSHHHHHHGSENLYFQSAKDERAREILRGFKLNWMNLRDAETGKILWQGTEDLSVPGVEHEARVPKKILKCKAVSRELN
FSSTEQMEKFRLEQKVYFKGQCLEEWFFEFGFVIPNSTNTWQSLIEAAPESQMMPASVLTGNVIIETKFFDDDLLVSTSR
VRLFYV
;
_entity_poly.pdbx_strand_id                 B 
_entity_poly.pdbx_target_identifier         ? 
# 
loop_
_pdbx_entity_nonpoly.entity_id 
_pdbx_entity_nonpoly.name 
_pdbx_entity_nonpoly.comp_id 
2 'NICKEL (II) ION'                                     NI  
3 '4-(2-HYDROXYETHYL)-1-PIPERAZINE ETHANESULFONIC ACID' EPE 
4 water                                                 HOH 
# 
loop_
_entity_poly_seq.entity_id 
_entity_poly_seq.num 
_entity_poly_seq.mon_id 
_entity_poly_seq.hetero 
1 1   MET n 
1 2   GLY n 
1 3   SER n 
1 4   HIS n 
1 5   HIS n 
1 6   HIS n 
1 7   HIS n 
1 8   HIS n 
1 9   HIS n 
1 10  GLY n 
1 11  SER n 
1 12  GLU n 
1 13  ASN n 
1 14  LEU n 
1 15  TYR n 
1 16  PHE n 
1 17  GLN n 
1 18  SER n 
1 19  ALA n 
1 20  LYS n 
1 21  ASP n 
1 22  GLU n 
1 23  ARG n 
1 24  ALA n 
1 25  ARG n 
1 26  GLU n 
1 27  ILE n 
1 28  LEU n 
1 29  ARG n 
1 30  GLY n 
1 31  PHE n 
1 32  LYS n 
1 33  LEU n 
1 34  ASN n 
1 35  TRP n 
1 36  MET n 
1 37  ASN n 
1 38  LEU n 
1 39  ARG n 
1 40  ASP n 
1 41  ALA n 
1 42  GLU n 
1 43  THR n 
1 44  GLY n 
1 45  LYS n 
1 46  ILE n 
1 47  LEU n 
1 48  TRP n 
1 49  GLN n 
1 50  GLY n 
1 51  THR n 
1 52  GLU n 
1 53  ASP n 
1 54  LEU n 
1 55  SER n 
1 56  VAL n 
1 57  PRO n 
1 58  GLY n 
1 59  VAL n 
1 60  GLU n 
1 61  HIS n 
1 62  GLU n 
1 63  ALA n 
1 64  ARG n 
1 65  VAL n 
1 66  PRO n 
1 67  LYS n 
1 68  LYS n 
1 69  ILE n 
1 70  LEU n 
1 71  LYS n 
1 72  CYS n 
1 73  LYS n 
1 74  ALA n 
1 75  VAL n 
1 76  SER n 
1 77  ARG n 
1 78  GLU n 
1 79  LEU n 
1 80  ASN n 
1 81  PHE n 
1 82  SER n 
1 83  SER n 
1 84  THR n 
1 85  GLU n 
1 86  GLN n 
1 87  MET n 
1 88  GLU n 
1 89  LYS n 
1 90  PHE n 
1 91  ARG n 
1 92  LEU n 
1 93  GLU n 
1 94  GLN n 
1 95  LYS n 
1 96  VAL n 
1 97  TYR n 
1 98  PHE n 
1 99  LYS n 
1 100 GLY n 
1 101 GLN n 
1 102 CYS n 
1 103 LEU n 
1 104 GLU n 
1 105 GLU n 
1 106 TRP n 
1 107 PHE n 
1 108 PHE n 
1 109 GLU n 
1 110 PHE n 
1 111 GLY n 
1 112 PHE n 
1 113 VAL n 
1 114 ILE n 
1 115 PRO n 
1 116 ASN n 
1 117 SER n 
1 118 THR n 
1 119 ASN n 
1 120 THR n 
1 121 TRP n 
1 122 GLN n 
1 123 SER n 
1 124 LEU n 
1 125 ILE n 
1 126 GLU n 
1 127 ALA n 
1 128 ALA n 
1 129 PRO n 
1 130 GLU n 
1 131 SER n 
1 132 GLN n 
1 133 MET n 
1 134 MET n 
1 135 PRO n 
1 136 ALA n 
1 137 SER n 
1 138 VAL n 
1 139 LEU n 
1 140 THR n 
1 141 GLY n 
1 142 ASN n 
1 143 VAL n 
1 144 ILE n 
1 145 ILE n 
1 146 GLU n 
1 147 THR n 
1 148 LYS n 
1 149 PHE n 
1 150 PHE n 
1 151 ASP n 
1 152 ASP n 
1 153 ASP n 
1 154 LEU n 
1 155 LEU n 
1 156 VAL n 
1 157 SER n 
1 158 THR n 
1 159 SER n 
1 160 ARG n 
1 161 VAL n 
1 162 ARG n 
1 163 LEU n 
1 164 PHE n 
1 165 TYR n 
1 166 VAL n 
# 
_entity_src_gen.entity_id                          1 
_entity_src_gen.pdbx_src_id                        1 
_entity_src_gen.pdbx_alt_source_flag               sample 
_entity_src_gen.pdbx_seq_type                      'Biological sequence' 
_entity_src_gen.pdbx_beg_seq_num                   1 
_entity_src_gen.pdbx_end_seq_num                   166 
_entity_src_gen.gene_src_common_name               Human 
_entity_src_gen.gene_src_genus                     ? 
_entity_src_gen.pdbx_gene_src_gene                 'PDE6D, PDED' 
_entity_src_gen.gene_src_species                   ? 
_entity_src_gen.gene_src_strain                    ? 
_entity_src_gen.gene_src_tissue                    ? 
_entity_src_gen.gene_src_tissue_fraction           ? 
_entity_src_gen.gene_src_details                   ? 
_entity_src_gen.pdbx_gene_src_fragment             ? 
_entity_src_gen.pdbx_gene_src_scientific_name      'Homo sapiens' 
_entity_src_gen.pdbx_gene_src_ncbi_taxonomy_id     9606 
_entity_src_gen.pdbx_gene_src_variant              ? 
_entity_src_gen.pdbx_gene_src_cell_line            ? 
_entity_src_gen.pdbx_gene_src_atcc                 ? 
_entity_src_gen.pdbx_gene_src_organ                ? 
_entity_src_gen.pdbx_gene_src_organelle            ? 
_entity_src_gen.pdbx_gene_src_cell                 ? 
_entity_src_gen.pdbx_gene_src_cellular_location    ? 
_entity_src_gen.host_org_common_name               ? 
_entity_src_gen.pdbx_host_org_scientific_name      'Escherichia coli BL21(DE3)' 
_entity_src_gen.pdbx_host_org_ncbi_taxonomy_id     469008 
_entity_src_gen.host_org_genus                     ? 
_entity_src_gen.pdbx_host_org_gene                 ? 
_entity_src_gen.pdbx_host_org_organ                ? 
_entity_src_gen.host_org_species                   ? 
_entity_src_gen.pdbx_host_org_tissue               ? 
_entity_src_gen.pdbx_host_org_tissue_fraction      ? 
_entity_src_gen.pdbx_host_org_strain               ? 
_entity_src_gen.pdbx_host_org_variant              RIL 
_entity_src_gen.pdbx_host_org_cell_line            ? 
_entity_src_gen.pdbx_host_org_atcc                 ? 
_entity_src_gen.pdbx_host_org_culture_collection   ? 
_entity_src_gen.pdbx_host_org_cell                 ? 
_entity_src_gen.pdbx_host_org_organelle            ? 
_entity_src_gen.pdbx_host_org_cellular_location    ? 
_entity_src_gen.pdbx_host_org_vector_type          ? 
_entity_src_gen.pdbx_host_org_vector               ? 
_entity_src_gen.host_org_details                   ? 
_entity_src_gen.expression_system_id               ? 
_entity_src_gen.plasmid_name                       ? 
_entity_src_gen.plasmid_details                    ? 
_entity_src_gen.pdbx_description                   ? 
# 
loop_
_chem_comp.id 
_chem_comp.type 
_chem_comp.mon_nstd_flag 
_chem_comp.name 
_chem_comp.pdbx_synonyms 
_chem_comp.formula 
_chem_comp.formula_weight 
ALA 'L-peptide linking' y ALANINE                                               ?     'C3 H7 N O2'     89.093  
ARG 'L-peptide linking' y ARGININE                                              ?     'C6 H15 N4 O2 1' 175.209 
ASN 'L-peptide linking' y ASPARAGINE                                            ?     'C4 H8 N2 O3'    132.118 
ASP 'L-peptide linking' y 'ASPARTIC ACID'                                       ?     'C4 H7 N O4'     133.103 
CYS 'L-peptide linking' y CYSTEINE                                              ?     'C3 H7 N O2 S'   121.158 
EPE non-polymer         . '4-(2-HYDROXYETHYL)-1-PIPERAZINE ETHANESULFONIC ACID' HEPES 'C8 H18 N2 O4 S' 238.305 
GLN 'L-peptide linking' y GLUTAMINE                                             ?     'C5 H10 N2 O3'   146.144 
GLU 'L-peptide linking' y 'GLUTAMIC ACID'                                       ?     'C5 H9 N O4'     147.129 
GLY 'peptide linking'   y GLYCINE                                               ?     'C2 H5 N O2'     75.067  
HIS 'L-peptide linking' y HISTIDINE                                             ?     'C6 H10 N3 O2 1' 156.162 
HOH non-polymer         . WATER                                                 ?     'H2 O'           18.015  
ILE 'L-peptide linking' y ISOLEUCINE                                            ?     'C6 H13 N O2'    131.173 
LEU 'L-peptide linking' y LEUCINE                                               ?     'C6 H13 N O2'    131.173 
LYS 'L-peptide linking' y LYSINE                                                ?     'C6 H15 N2 O2 1' 147.195 
MET 'L-peptide linking' y METHIONINE                                            ?     'C5 H11 N O2 S'  149.211 
NI  non-polymer         . 'NICKEL (II) ION'                                     ?     'Ni 2'           58.693  
PHE 'L-peptide linking' y PHENYLALANINE                                         ?     'C9 H11 N O2'    165.189 
PRO 'L-peptide linking' y PROLINE                                               ?     'C5 H9 N O2'     115.130 
SER 'L-peptide linking' y SERINE                                                ?     'C3 H7 N O3'     105.093 
THR 'L-peptide linking' y THREONINE                                             ?     'C4 H9 N O3'     119.119 
TRP 'L-peptide linking' y TRYPTOPHAN                                            ?     'C11 H12 N2 O2'  204.225 
TYR 'L-peptide linking' y TYROSINE                                              ?     'C9 H11 N O3'    181.189 
VAL 'L-peptide linking' y VALINE                                                ?     'C5 H11 N O2'    117.146 
# 
loop_
_pdbx_poly_seq_scheme.asym_id 
_pdbx_poly_seq_scheme.entity_id 
_pdbx_poly_seq_scheme.seq_id 
_pdbx_poly_seq_scheme.mon_id 
_pdbx_poly_seq_scheme.ndb_seq_num 
_pdbx_poly_seq_scheme.pdb_seq_num 
_pdbx_poly_seq_scheme.auth_seq_num 
_pdbx_poly_seq_scheme.pdb_mon_id 
_pdbx_poly_seq_scheme.auth_mon_id 
_pdbx_poly_seq_scheme.pdb_strand_id 
_pdbx_poly_seq_scheme.pdb_ins_code 
_pdbx_poly_seq_scheme.hetero 
A 1 1   MET 1   -15 ?   ?   ?   B . n 
A 1 2   GLY 2   -14 ?   ?   ?   B . n 
A 1 3   SER 3   -13 ?   ?   ?   B . n 
A 1 4   HIS 4   -12 ?   ?   ?   B . n 
A 1 5   HIS 5   -11 ?   ?   ?   B . n 
A 1 6   HIS 6   -10 ?   ?   ?   B . n 
A 1 7   HIS 7   -9  ?   ?   ?   B . n 
A 1 8   HIS 8   -8  ?   ?   ?   B . n 
A 1 9   HIS 9   -7  ?   ?   ?   B . n 
A 1 10  GLY 10  -6  ?   ?   ?   B . n 
A 1 11  SER 11  -5  ?   ?   ?   B . n 
A 1 12  GLU 12  -4  ?   ?   ?   B . n 
A 1 13  ASN 13  -3  ?   ?   ?   B . n 
A 1 14  LEU 14  -2  ?   ?   ?   B . n 
A 1 15  TYR 15  -1  ?   ?   ?   B . n 
A 1 16  PHE 16  0   ?   ?   ?   B . n 
A 1 17  GLN 17  1   ?   ?   ?   B . n 
A 1 18  SER 18  2   2   SER SER B . n 
A 1 19  ALA 19  3   3   ALA ALA B . n 
A 1 20  LYS 20  4   4   LYS LYS B . n 
A 1 21  ASP 21  5   5   ASP ASP B . n 
A 1 22  GLU 22  6   6   GLU GLU B . n 
A 1 23  ARG 23  7   7   ARG ARG B . n 
A 1 24  ALA 24  8   8   ALA ALA B . n 
A 1 25  ARG 25  9   9   ARG ARG B . n 
A 1 26  GLU 26  10  10  GLU GLU B . n 
A 1 27  ILE 27  11  11  ILE ILE B . n 
A 1 28  LEU 28  12  12  LEU LEU B . n 
A 1 29  ARG 29  13  13  ARG ARG B . n 
A 1 30  GLY 30  14  14  GLY GLY B . n 
A 1 31  PHE 31  15  15  PHE PHE B . n 
A 1 32  LYS 32  16  16  LYS LYS B . n 
A 1 33  LEU 33  17  17  LEU LEU B . n 
A 1 34  ASN 34  18  18  ASN ASN B . n 
A 1 35  TRP 35  19  19  TRP TRP B . n 
A 1 36  MET 36  20  20  MET MET B . n 
A 1 37  ASN 37  21  21  ASN ASN B . n 
A 1 38  LEU 38  22  22  LEU LEU B . n 
A 1 39  ARG 39  23  23  ARG ARG B . n 
A 1 40  ASP 40  24  24  ASP ASP B . n 
A 1 41  ALA 41  25  25  ALA ALA B . n 
A 1 42  GLU 42  26  26  GLU GLU B . n 
A 1 43  THR 43  27  27  THR THR B . n 
A 1 44  GLY 44  28  28  GLY GLY B . n 
A 1 45  LYS 45  29  29  LYS LYS B . n 
A 1 46  ILE 46  30  30  ILE ILE B . n 
A 1 47  LEU 47  31  31  LEU LEU B . n 
A 1 48  TRP 48  32  32  TRP TRP B . n 
A 1 49  GLN 49  33  33  GLN GLN B . n 
A 1 50  GLY 50  34  34  GLY GLY B . n 
A 1 51  THR 51  35  35  THR THR B . n 
A 1 52  GLU 52  36  36  GLU GLU B . n 
A 1 53  ASP 53  37  37  ASP ASP B . n 
A 1 54  LEU 54  38  38  LEU LEU B . n 
A 1 55  SER 55  39  39  SER SER B . n 
A 1 56  VAL 56  40  40  VAL VAL B . n 
A 1 57  PRO 57  41  41  PRO PRO B . n 
A 1 58  GLY 58  42  42  GLY GLY B . n 
A 1 59  VAL 59  43  43  VAL VAL B . n 
A 1 60  GLU 60  44  44  GLU GLU B . n 
A 1 61  HIS 61  45  45  HIS HIS B . n 
A 1 62  GLU 62  46  46  GLU GLU B . n 
A 1 63  ALA 63  47  47  ALA ALA B . n 
A 1 64  ARG 64  48  48  ARG ARG B . n 
A 1 65  VAL 65  49  49  VAL VAL B . n 
A 1 66  PRO 66  50  50  PRO PRO B . n 
A 1 67  LYS 67  51  51  LYS LYS B . n 
A 1 68  LYS 68  52  52  LYS LYS B . n 
A 1 69  ILE 69  53  53  ILE ILE B . n 
A 1 70  LEU 70  54  54  LEU LEU B . n 
A 1 71  LYS 71  55  55  LYS LYS B . n 
A 1 72  CYS 72  56  56  CYS CYS B . n 
A 1 73  LYS 73  57  57  LYS LYS B . n 
A 1 74  ALA 74  58  58  ALA ALA B . n 
A 1 75  VAL 75  59  59  VAL VAL B . n 
A 1 76  SER 76  60  60  SER SER B . n 
A 1 77  ARG 77  61  61  ARG ARG B . n 
A 1 78  GLU 78  62  62  GLU GLU B . n 
A 1 79  LEU 79  63  63  LEU LEU B . n 
A 1 80  ASN 80  64  64  ASN ASN B . n 
A 1 81  PHE 81  65  65  PHE PHE B . n 
A 1 82  SER 82  66  66  SER SER B . n 
A 1 83  SER 83  67  67  SER SER B . n 
A 1 84  THR 84  68  68  THR THR B . n 
A 1 85  GLU 85  69  69  GLU GLU B . n 
A 1 86  GLN 86  70  70  GLN GLN B . n 
A 1 87  MET 87  71  71  MET MET B . n 
A 1 88  GLU 88  72  72  GLU GLU B . n 
A 1 89  LYS 89  73  73  LYS LYS B . n 
A 1 90  PHE 90  74  74  PHE PHE B . n 
A 1 91  ARG 91  75  75  ARG ARG B . n 
A 1 92  LEU 92  76  76  LEU LEU B . n 
A 1 93  GLU 93  77  77  GLU GLU B . n 
A 1 94  GLN 94  78  78  GLN GLN B . n 
A 1 95  LYS 95  79  79  LYS LYS B . n 
A 1 96  VAL 96  80  80  VAL VAL B . n 
A 1 97  TYR 97  81  81  TYR TYR B . n 
A 1 98  PHE 98  82  82  PHE PHE B . n 
A 1 99  LYS 99  83  83  LYS LYS B . n 
A 1 100 GLY 100 84  84  GLY GLY B . n 
A 1 101 GLN 101 85  85  GLN GLN B . n 
A 1 102 CYS 102 86  86  CYS CYS B . n 
A 1 103 LEU 103 87  87  LEU LEU B . n 
A 1 104 GLU 104 88  88  GLU GLU B . n 
A 1 105 GLU 105 89  89  GLU GLU B . n 
A 1 106 TRP 106 90  90  TRP TRP B . n 
A 1 107 PHE 107 91  91  PHE PHE B . n 
A 1 108 PHE 108 92  92  PHE PHE B . n 
A 1 109 GLU 109 93  93  GLU GLU B . n 
A 1 110 PHE 110 94  94  PHE PHE B . n 
A 1 111 GLY 111 95  95  GLY GLY B . n 
A 1 112 PHE 112 96  96  PHE PHE B . n 
A 1 113 VAL 113 97  97  VAL VAL B . n 
A 1 114 ILE 114 98  98  ILE ILE B . n 
A 1 115 PRO 115 99  99  PRO PRO B . n 
A 1 116 ASN 116 100 100 ASN ASN B . n 
A 1 117 SER 117 101 101 SER SER B . n 
A 1 118 THR 118 102 102 THR THR B . n 
A 1 119 ASN 119 103 103 ASN ASN B . n 
A 1 120 THR 120 104 104 THR THR B . n 
A 1 121 TRP 121 105 105 TRP TRP B . n 
A 1 122 GLN 122 106 106 GLN GLN B . n 
A 1 123 SER 123 107 107 SER SER B . n 
A 1 124 LEU 124 108 108 LEU LEU B . n 
A 1 125 ILE 125 109 109 ILE ILE B . n 
A 1 126 GLU 126 110 110 GLU GLU B . n 
A 1 127 ALA 127 111 111 ALA ALA B . n 
A 1 128 ALA 128 112 112 ALA ALA B . n 
A 1 129 PRO 129 113 113 PRO PRO B . n 
A 1 130 GLU 130 114 114 GLU GLU B . n 
A 1 131 SER 131 115 115 SER SER B . n 
A 1 132 GLN 132 116 116 GLN GLN B . n 
A 1 133 MET 133 117 117 MET MET B . n 
A 1 134 MET 134 118 118 MET MET B . n 
A 1 135 PRO 135 119 119 PRO PRO B . n 
A 1 136 ALA 136 120 120 ALA ALA B . n 
A 1 137 SER 137 121 121 SER SER B . n 
A 1 138 VAL 138 122 122 VAL VAL B . n 
A 1 139 LEU 139 123 123 LEU LEU B . n 
A 1 140 THR 140 124 124 THR THR B . n 
A 1 141 GLY 141 125 125 GLY GLY B . n 
A 1 142 ASN 142 126 126 ASN ASN B . n 
A 1 143 VAL 143 127 127 VAL VAL B . n 
A 1 144 ILE 144 128 128 ILE ILE B . n 
A 1 145 ILE 145 129 129 ILE ILE B . n 
A 1 146 GLU 146 130 130 GLU GLU B . n 
A 1 147 THR 147 131 131 THR THR B . n 
A 1 148 LYS 148 132 132 LYS LYS B . n 
A 1 149 PHE 149 133 133 PHE PHE B . n 
A 1 150 PHE 150 134 134 PHE PHE B . n 
A 1 151 ASP 151 135 135 ASP ASP B . n 
A 1 152 ASP 152 136 136 ASP ASP B . n 
A 1 153 ASP 153 137 137 ASP ASP B . n 
A 1 154 LEU 154 138 138 LEU LEU B . n 
A 1 155 LEU 155 139 139 LEU LEU B . n 
A 1 156 VAL 156 140 140 VAL VAL B . n 
A 1 157 SER 157 141 141 SER SER B . n 
A 1 158 THR 158 142 142 THR THR B . n 
A 1 159 SER 159 143 143 SER SER B . n 
A 1 160 ARG 160 144 144 ARG ARG B . n 
A 1 161 VAL 161 145 145 VAL VAL B . n 
A 1 162 ARG 162 146 146 ARG ARG B . n 
A 1 163 LEU 163 147 147 LEU LEU B . n 
A 1 164 PHE 164 148 148 PHE PHE B . n 
A 1 165 TYR 165 149 149 TYR TYR B . n 
A 1 166 VAL 166 150 150 VAL VAL B . n 
# 
loop_
_pdbx_nonpoly_scheme.asym_id 
_pdbx_nonpoly_scheme.entity_id 
_pdbx_nonpoly_scheme.mon_id 
_pdbx_nonpoly_scheme.ndb_seq_num 
_pdbx_nonpoly_scheme.pdb_seq_num 
_pdbx_nonpoly_scheme.auth_seq_num 
_pdbx_nonpoly_scheme.pdb_mon_id 
_pdbx_nonpoly_scheme.auth_mon_id 
_pdbx_nonpoly_scheme.pdb_strand_id 
_pdbx_nonpoly_scheme.pdb_ins_code 
B 2 NI  1   201 201 NI  NI  B . 
C 3 EPE 1   202 202 EPE EPE B . 
D 4 HOH 1   301 301 HOH HOH B . 
D 4 HOH 2   302 302 HOH HOH B . 
D 4 HOH 3   303 303 HOH HOH B . 
D 4 HOH 4   304 304 HOH HOH B . 
D 4 HOH 5   305 305 HOH HOH B . 
D 4 HOH 6   306 306 HOH HOH B . 
D 4 HOH 7   307 307 HOH HOH B . 
D 4 HOH 8   308 308 HOH HOH B . 
D 4 HOH 9   309 309 HOH HOH B . 
D 4 HOH 10  310 310 HOH HOH B . 
D 4 HOH 11  311 311 HOH HOH B . 
D 4 HOH 12  312 312 HOH HOH B . 
D 4 HOH 13  313 313 HOH HOH B . 
D 4 HOH 14  314 314 HOH HOH B . 
D 4 HOH 15  315 315 HOH HOH B . 
D 4 HOH 16  316 316 HOH HOH B . 
D 4 HOH 17  317 317 HOH HOH B . 
D 4 HOH 18  318 318 HOH HOH B . 
D 4 HOH 19  319 319 HOH HOH B . 
D 4 HOH 20  320 320 HOH HOH B . 
D 4 HOH 21  321 321 HOH HOH B . 
D 4 HOH 22  322 322 HOH HOH B . 
D 4 HOH 23  323 323 HOH HOH B . 
D 4 HOH 24  324 324 HOH HOH B . 
D 4 HOH 25  325 325 HOH HOH B . 
D 4 HOH 26  326 326 HOH HOH B . 
D 4 HOH 27  327 327 HOH HOH B . 
D 4 HOH 28  328 328 HOH HOH B . 
D 4 HOH 29  329 329 HOH HOH B . 
D 4 HOH 30  330 330 HOH HOH B . 
D 4 HOH 31  331 331 HOH HOH B . 
D 4 HOH 32  332 332 HOH HOH B . 
D 4 HOH 33  333 333 HOH HOH B . 
D 4 HOH 34  334 334 HOH HOH B . 
D 4 HOH 35  335 335 HOH HOH B . 
D 4 HOH 36  336 336 HOH HOH B . 
D 4 HOH 37  337 337 HOH HOH B . 
D 4 HOH 38  338 338 HOH HOH B . 
D 4 HOH 39  339 339 HOH HOH B . 
D 4 HOH 40  340 340 HOH HOH B . 
D 4 HOH 41  341 341 HOH HOH B . 
D 4 HOH 42  342 342 HOH HOH B . 
D 4 HOH 43  343 343 HOH HOH B . 
D 4 HOH 44  344 344 HOH HOH B . 
D 4 HOH 45  345 345 HOH HOH B . 
D 4 HOH 46  346 346 HOH HOH B . 
D 4 HOH 47  347 347 HOH HOH B . 
D 4 HOH 48  348 348 HOH HOH B . 
D 4 HOH 49  349 349 HOH HOH B . 
D 4 HOH 50  350 350 HOH HOH B . 
D 4 HOH 51  351 351 HOH HOH B . 
D 4 HOH 52  352 352 HOH HOH B . 
D 4 HOH 53  353 353 HOH HOH B . 
D 4 HOH 54  354 354 HOH HOH B . 
D 4 HOH 55  355 355 HOH HOH B . 
D 4 HOH 56  356 356 HOH HOH B . 
D 4 HOH 57  357 357 HOH HOH B . 
D 4 HOH 58  358 358 HOH HOH B . 
D 4 HOH 59  359 359 HOH HOH B . 
D 4 HOH 60  360 360 HOH HOH B . 
D 4 HOH 61  361 361 HOH HOH B . 
D 4 HOH 62  362 362 HOH HOH B . 
D 4 HOH 63  363 363 HOH HOH B . 
D 4 HOH 64  364 364 HOH HOH B . 
D 4 HOH 65  365 365 HOH HOH B . 
D 4 HOH 66  366 366 HOH HOH B . 
D 4 HOH 67  367 367 HOH HOH B . 
D 4 HOH 68  368 368 HOH HOH B . 
D 4 HOH 69  369 369 HOH HOH B . 
D 4 HOH 70  370 370 HOH HOH B . 
D 4 HOH 71  371 371 HOH HOH B . 
D 4 HOH 72  372 372 HOH HOH B . 
D 4 HOH 73  373 373 HOH HOH B . 
D 4 HOH 74  374 374 HOH HOH B . 
D 4 HOH 75  375 375 HOH HOH B . 
D 4 HOH 76  376 376 HOH HOH B . 
D 4 HOH 77  377 377 HOH HOH B . 
D 4 HOH 78  378 378 HOH HOH B . 
D 4 HOH 79  379 379 HOH HOH B . 
D 4 HOH 80  380 380 HOH HOH B . 
D 4 HOH 81  381 381 HOH HOH B . 
D 4 HOH 82  382 382 HOH HOH B . 
D 4 HOH 83  383 383 HOH HOH B . 
D 4 HOH 84  384 384 HOH HOH B . 
D 4 HOH 85  385 385 HOH HOH B . 
D 4 HOH 86  386 386 HOH HOH B . 
D 4 HOH 87  387 387 HOH HOH B . 
D 4 HOH 88  388 388 HOH HOH B . 
D 4 HOH 89  389 389 HOH HOH B . 
D 4 HOH 90  390 390 HOH HOH B . 
D 4 HOH 91  391 391 HOH HOH B . 
D 4 HOH 92  392 392 HOH HOH B . 
D 4 HOH 93  393 393 HOH HOH B . 
D 4 HOH 94  394 394 HOH HOH B . 
D 4 HOH 95  395 395 HOH HOH B . 
D 4 HOH 96  396 396 HOH HOH B . 
D 4 HOH 97  397 397 HOH HOH B . 
D 4 HOH 98  398 398 HOH HOH B . 
D 4 HOH 99  399 399 HOH HOH B . 
D 4 HOH 100 400 400 HOH HOH B . 
D 4 HOH 101 401 401 HOH HOH B . 
D 4 HOH 102 402 402 HOH HOH B . 
# 
loop_
_software.citation_id 
_software.classification 
_software.compiler_name 
_software.compiler_version 
_software.contact_author 
_software.contact_author_email 
_software.date 
_software.description 
_software.dependencies 
_software.hardware 
_software.language 
_software.location 
_software.mods 
_software.name 
_software.os 
_software.os_version 
_software.type 
_software.version 
_software.pdbx_ordinal 
? refinement        ? ? ? ? ? ? ? ? ? ? ? REFMAC      ? ? ? 5.8.0238 1 
? 'data extraction' ? ? ? ? ? ? ? ? ? ? ? PDB_EXTRACT ? ? ? 3.25     2 
? 'data reduction'  ? ? ? ? ? ? ? ? ? ? ? xia2        ? ? ? .        3 
? 'data scaling'    ? ? ? ? ? ? ? ? ? ? ? Aimless     ? ? ? .        4 
? phasing           ? ? ? ? ? ? ? ? ? ? ? DIMPLE      ? ? ? .        5 
# 
_cell.angle_alpha                  90.000 
_cell.angle_alpha_esd              ? 
_cell.angle_beta                   105.890 
_cell.angle_beta_esd               ? 
_cell.angle_gamma                  90.000 
_cell.angle_gamma_esd              ? 
_cell.entry_id                     7PAC 
_cell.details                      ? 
_cell.formula_units_Z              ? 
_cell.length_a                     44.250 
_cell.length_a_esd                 ? 
_cell.length_b                     39.180 
_cell.length_b_esd                 ? 
_cell.length_c                     44.680 
_cell.length_c_esd                 ? 
_cell.volume                       ? 
_cell.volume_esd                   ? 
_cell.Z_PDB                        2 
_cell.reciprocal_angle_alpha       ? 
_cell.reciprocal_angle_beta        ? 
_cell.reciprocal_angle_gamma       ? 
_cell.reciprocal_angle_alpha_esd   ? 
_cell.reciprocal_angle_beta_esd    ? 
_cell.reciprocal_angle_gamma_esd   ? 
_cell.reciprocal_length_a          ? 
_cell.reciprocal_length_b          ? 
_cell.reciprocal_length_c          ? 
_cell.reciprocal_length_a_esd      ? 
_cell.reciprocal_length_b_esd      ? 
_cell.reciprocal_length_c_esd      ? 
_cell.pdbx_unique_axis             ? 
# 
_symmetry.entry_id                         7PAC 
_symmetry.cell_setting                     ? 
_symmetry.Int_Tables_number                4 
_symmetry.space_group_name_Hall            ? 
_symmetry.space_group_name_H-M             'P 1 21 1' 
_symmetry.pdbx_full_space_group_name_H-M   ? 
# 
_exptl.absorpt_coefficient_mu     ? 
_exptl.absorpt_correction_T_max   ? 
_exptl.absorpt_correction_T_min   ? 
_exptl.absorpt_correction_type    ? 
_exptl.absorpt_process_details    ? 
_exptl.entry_id                   7PAC 
_exptl.crystals_number            1 
_exptl.details                    ? 
_exptl.method                     'X-RAY DIFFRACTION' 
_exptl.method_details             ? 
# 
_exptl_crystal.colour                      ? 
_exptl_crystal.density_diffrn              ? 
_exptl_crystal.density_Matthews            1.92 
_exptl_crystal.density_method              ? 
_exptl_crystal.density_percent_sol         36.10 
_exptl_crystal.description                 ? 
_exptl_crystal.F_000                       ? 
_exptl_crystal.id                          1 
_exptl_crystal.preparation                 ? 
_exptl_crystal.size_max                    ? 
_exptl_crystal.size_mid                    ? 
_exptl_crystal.size_min                    ? 
_exptl_crystal.size_rad                    ? 
_exptl_crystal.colour_lustre               ? 
_exptl_crystal.colour_modifier             ? 
_exptl_crystal.colour_primary              ? 
_exptl_crystal.density_meas                ? 
_exptl_crystal.density_meas_esd            ? 
_exptl_crystal.density_meas_gt             ? 
_exptl_crystal.density_meas_lt             ? 
_exptl_crystal.density_meas_temp           ? 
_exptl_crystal.density_meas_temp_esd       ? 
_exptl_crystal.density_meas_temp_gt        ? 
_exptl_crystal.density_meas_temp_lt        ? 
_exptl_crystal.pdbx_crystal_image_url      ? 
_exptl_crystal.pdbx_crystal_image_format   ? 
_exptl_crystal.pdbx_mosaicity              ? 
_exptl_crystal.pdbx_mosaicity_esd          ? 
# 
_exptl_crystal_grow.apparatus       ? 
_exptl_crystal_grow.atmosphere      ? 
_exptl_crystal_grow.crystal_id      1 
_exptl_crystal_grow.details         ? 
_exptl_crystal_grow.method          'VAPOR DIFFUSION, SITTING DROP' 
_exptl_crystal_grow.method_ref      ? 
_exptl_crystal_grow.pH              7.4 
_exptl_crystal_grow.pressure        ? 
_exptl_crystal_grow.pressure_esd    ? 
_exptl_crystal_grow.seeding         ? 
_exptl_crystal_grow.seeding_ref     ? 
_exptl_crystal_grow.temp            295 
_exptl_crystal_grow.temp_details    ? 
_exptl_crystal_grow.temp_esd        ? 
_exptl_crystal_grow.time            ? 
_exptl_crystal_grow.pdbx_details    '0.1M Hepes pH7.4, 20 mM MgCl2, 20 mM NiCl2, 20% PEG3350' 
_exptl_crystal_grow.pdbx_pH_range   7.0-8.0 
# 
_diffrn.ambient_environment              ? 
_diffrn.ambient_temp                     100 
_diffrn.ambient_temp_details             ? 
_diffrn.ambient_temp_esd                 ? 
_diffrn.crystal_id                       1 
_diffrn.crystal_support                  ? 
_diffrn.crystal_treatment                ? 
_diffrn.details                          ? 
_diffrn.id                               1 
_diffrn.ambient_pressure                 ? 
_diffrn.ambient_pressure_esd             ? 
_diffrn.ambient_pressure_gt              ? 
_diffrn.ambient_pressure_lt              ? 
_diffrn.ambient_temp_gt                  ? 
_diffrn.ambient_temp_lt                  ? 
_diffrn.pdbx_serial_crystal_experiment   N 
# 
_diffrn_detector.details                      ? 
_diffrn_detector.detector                     PIXEL 
_diffrn_detector.diffrn_id                    1 
_diffrn_detector.type                         'DECTRIS PILATUS3 6M' 
_diffrn_detector.area_resol_mean              ? 
_diffrn_detector.dtime                        ? 
_diffrn_detector.pdbx_frames_total            ? 
_diffrn_detector.pdbx_collection_time_total   ? 
_diffrn_detector.pdbx_collection_date         2019-10-21 
_diffrn_detector.pdbx_frequency               ? 
# 
_diffrn_radiation.collimation                      ? 
_diffrn_radiation.diffrn_id                        1 
_diffrn_radiation.filter_edge                      ? 
_diffrn_radiation.inhomogeneity                    ? 
_diffrn_radiation.monochromator                    ? 
_diffrn_radiation.polarisn_norm                    ? 
_diffrn_radiation.polarisn_ratio                   ? 
_diffrn_radiation.probe                            ? 
_diffrn_radiation.type                             ? 
_diffrn_radiation.xray_symbol                      ? 
_diffrn_radiation.wavelength_id                    1 
_diffrn_radiation.pdbx_monochromatic_or_laue_m_l   M 
_diffrn_radiation.pdbx_wavelength_list             ? 
_diffrn_radiation.pdbx_wavelength                  ? 
_diffrn_radiation.pdbx_diffrn_protocol             'SINGLE WAVELENGTH' 
_diffrn_radiation.pdbx_analyzer                    ? 
_diffrn_radiation.pdbx_scattering_type             x-ray 
# 
_diffrn_radiation_wavelength.id           1 
_diffrn_radiation_wavelength.wavelength   0.9686 
_diffrn_radiation_wavelength.wt           1.0 
# 
_diffrn_source.current                     ? 
_diffrn_source.details                     ? 
_diffrn_source.diffrn_id                   1 
_diffrn_source.power                       ? 
_diffrn_source.size                        ? 
_diffrn_source.source                      SYNCHROTRON 
_diffrn_source.target                      ? 
_diffrn_source.type                        'DIAMOND BEAMLINE I24' 
_diffrn_source.voltage                     ? 
_diffrn_source.take-off_angle              ? 
_diffrn_source.pdbx_wavelength_list        0.9686 
_diffrn_source.pdbx_wavelength             ? 
_diffrn_source.pdbx_synchrotron_beamline   I24 
_diffrn_source.pdbx_synchrotron_site       Diamond 
# 
_reflns.B_iso_Wilson_estimate                          ? 
_reflns.entry_id                                       7PAC 
_reflns.data_reduction_details                         ? 
_reflns.data_reduction_method                          ? 
_reflns.d_resolution_high                              2.05 
_reflns.d_resolution_low                               42.97 
_reflns.details                                        ? 
_reflns.limit_h_max                                    ? 
_reflns.limit_h_min                                    ? 
_reflns.limit_k_max                                    ? 
_reflns.limit_k_min                                    ? 
_reflns.limit_l_max                                    ? 
_reflns.limit_l_min                                    ? 
_reflns.number_all                                     ? 
_reflns.number_obs                                     9410 
_reflns.observed_criterion                             ? 
_reflns.observed_criterion_F_max                       ? 
_reflns.observed_criterion_F_min                       ? 
_reflns.observed_criterion_I_max                       ? 
_reflns.observed_criterion_I_min                       ? 
_reflns.observed_criterion_sigma_F                     ? 
_reflns.observed_criterion_sigma_I                     ? 
_reflns.percent_possible_obs                           98.8 
_reflns.R_free_details                                 ? 
_reflns.Rmerge_F_all                                   ? 
_reflns.Rmerge_F_obs                                   ? 
_reflns.Friedel_coverage                               ? 
_reflns.number_gt                                      ? 
_reflns.threshold_expression                           ? 
_reflns.pdbx_redundancy                                3.0 
_reflns.pdbx_Rmerge_I_obs                              0.108 
_reflns.pdbx_Rmerge_I_all                              ? 
_reflns.pdbx_Rsym_value                                ? 
_reflns.pdbx_netI_over_av_sigmaI                       ? 
_reflns.pdbx_netI_over_sigmaI                          5.7 
_reflns.pdbx_res_netI_over_av_sigmaI_2                 ? 
_reflns.pdbx_res_netI_over_sigmaI_2                    ? 
_reflns.pdbx_chi_squared                               ? 
_reflns.pdbx_scaling_rejects                           ? 
_reflns.pdbx_d_res_high_opt                            ? 
_reflns.pdbx_d_res_low_opt                             ? 
_reflns.pdbx_d_res_opt_method                          ? 
_reflns.phase_calculation_details                      ? 
_reflns.pdbx_Rrim_I_all                                0.15 
_reflns.pdbx_Rpim_I_all                                0.105 
_reflns.pdbx_d_opt                                     ? 
_reflns.pdbx_number_measured_all                       ? 
_reflns.pdbx_diffrn_id                                 1 
_reflns.pdbx_ordinal                                   1 
_reflns.pdbx_CC_half                                   0.961 
_reflns.pdbx_CC_star                                   ? 
_reflns.pdbx_R_split                                   ? 
_reflns.pdbx_aniso_diffraction_limit_axis_1_ortho[1]   ? 
_reflns.pdbx_aniso_diffraction_limit_axis_1_ortho[2]   ? 
_reflns.pdbx_aniso_diffraction_limit_axis_1_ortho[3]   ? 
_reflns.pdbx_aniso_diffraction_limit_axis_2_ortho[1]   ? 
_reflns.pdbx_aniso_diffraction_limit_axis_2_ortho[2]   ? 
_reflns.pdbx_aniso_diffraction_limit_axis_2_ortho[3]   ? 
_reflns.pdbx_aniso_diffraction_limit_axis_3_ortho[1]   ? 
_reflns.pdbx_aniso_diffraction_limit_axis_3_ortho[2]   ? 
_reflns.pdbx_aniso_diffraction_limit_axis_3_ortho[3]   ? 
_reflns.pdbx_aniso_diffraction_limit_1                 ? 
_reflns.pdbx_aniso_diffraction_limit_2                 ? 
_reflns.pdbx_aniso_diffraction_limit_3                 ? 
_reflns.pdbx_aniso_B_tensor_eigenvector_1_ortho[1]     ? 
_reflns.pdbx_aniso_B_tensor_eigenvector_1_ortho[2]     ? 
_reflns.pdbx_aniso_B_tensor_eigenvector_1_ortho[3]     ? 
_reflns.pdbx_aniso_B_tensor_eigenvector_2_ortho[1]     ? 
_reflns.pdbx_aniso_B_tensor_eigenvector_2_ortho[2]     ? 
_reflns.pdbx_aniso_B_tensor_eigenvector_2_ortho[3]     ? 
_reflns.pdbx_aniso_B_tensor_eigenvector_3_ortho[1]     ? 
_reflns.pdbx_aniso_B_tensor_eigenvector_3_ortho[2]     ? 
_reflns.pdbx_aniso_B_tensor_eigenvector_3_ortho[3]     ? 
_reflns.pdbx_aniso_B_tensor_eigenvalue_1               ? 
_reflns.pdbx_aniso_B_tensor_eigenvalue_2               ? 
_reflns.pdbx_aniso_B_tensor_eigenvalue_3               ? 
_reflns.pdbx_orthogonalization_convention              ? 
_reflns.pdbx_percent_possible_ellipsoidal              ? 
_reflns.pdbx_percent_possible_spherical                ? 
_reflns.pdbx_percent_possible_ellipsoidal_anomalous    ? 
_reflns.pdbx_percent_possible_spherical_anomalous      ? 
_reflns.pdbx_redundancy_anomalous                      ? 
_reflns.pdbx_CC_half_anomalous                         ? 
_reflns.pdbx_absDiff_over_sigma_anomalous              ? 
_reflns.pdbx_percent_possible_anomalous                ? 
_reflns.pdbx_observed_signal_threshold                 ? 
_reflns.pdbx_signal_type                               ? 
_reflns.pdbx_signal_details                            ? 
_reflns.pdbx_signal_software_id                        ? 
# 
_reflns_shell.d_res_high                                    2.05 
_reflns_shell.d_res_low                                     2.11 
_reflns_shell.meanI_over_sigI_all                           ? 
_reflns_shell.meanI_over_sigI_obs                           2.0 
_reflns_shell.number_measured_all                           ? 
_reflns_shell.number_measured_obs                           ? 
_reflns_shell.number_possible                               ? 
_reflns_shell.number_unique_all                             ? 
_reflns_shell.number_unique_obs                             2165 
_reflns_shell.percent_possible_all                          98.2 
_reflns_shell.percent_possible_obs                          ? 
_reflns_shell.Rmerge_F_all                                  ? 
_reflns_shell.Rmerge_F_obs                                  ? 
_reflns_shell.Rmerge_I_all                                  ? 
_reflns_shell.Rmerge_I_obs                                  0.533 
_reflns_shell.meanI_over_sigI_gt                            ? 
_reflns_shell.meanI_over_uI_all                             ? 
_reflns_shell.meanI_over_uI_gt                              ? 
_reflns_shell.number_measured_gt                            ? 
_reflns_shell.number_unique_gt                              ? 
_reflns_shell.percent_possible_gt                           ? 
_reflns_shell.Rmerge_F_gt                                   ? 
_reflns_shell.Rmerge_I_gt                                   ? 
_reflns_shell.pdbx_redundancy                               3.1 
_reflns_shell.pdbx_Rsym_value                               ? 
_reflns_shell.pdbx_chi_squared                              ? 
_reflns_shell.pdbx_netI_over_sigmaI_all                     ? 
_reflns_shell.pdbx_netI_over_sigmaI_obs                     ? 
_reflns_shell.pdbx_Rrim_I_all                               0.735 
_reflns_shell.pdbx_Rpim_I_all                               ? 
_reflns_shell.pdbx_rejects                                  ? 
_reflns_shell.pdbx_ordinal                                  1 
_reflns_shell.pdbx_diffrn_id                                1 
_reflns_shell.pdbx_CC_half                                  0.556 
_reflns_shell.pdbx_CC_star                                  ? 
_reflns_shell.pdbx_R_split                                  ? 
_reflns_shell.pdbx_percent_possible_ellipsoidal             ? 
_reflns_shell.pdbx_percent_possible_spherical               ? 
_reflns_shell.pdbx_percent_possible_ellipsoidal_anomalous   ? 
_reflns_shell.pdbx_percent_possible_spherical_anomalous     ? 
_reflns_shell.pdbx_redundancy_anomalous                     ? 
_reflns_shell.pdbx_CC_half_anomalous                        ? 
_reflns_shell.pdbx_absDiff_over_sigma_anomalous             ? 
_reflns_shell.pdbx_percent_possible_anomalous               ? 
# 
_refine.aniso_B[1][1]                            0.1400 
_refine.aniso_B[1][2]                            0.0000 
_refine.aniso_B[1][3]                            -2.0800 
_refine.aniso_B[2][2]                            -0.0400 
_refine.aniso_B[2][3]                            -0.0000 
_refine.aniso_B[3][3]                            0.9300 
_refine.B_iso_max                                69.830 
_refine.B_iso_mean                               24.8310 
_refine.B_iso_min                                13.920 
_refine.correlation_coeff_Fo_to_Fc               0.9510 
_refine.correlation_coeff_Fo_to_Fc_free          0.9150 
_refine.details                                  
'HYDROGENS HAVE BEEN ADDED IN THE RIDING POSITIONS U VALUES      : REFINED INDIVIDUALLY' 
_refine.diff_density_max                         ? 
_refine.diff_density_max_esd                     ? 
_refine.diff_density_min                         ? 
_refine.diff_density_min_esd                     ? 
_refine.diff_density_rms                         ? 
_refine.diff_density_rms_esd                     ? 
_refine.entry_id                                 7PAC 
_refine.pdbx_refine_id                           'X-RAY DIFFRACTION' 
_refine.ls_abs_structure_details                 ? 
_refine.ls_abs_structure_Flack                   ? 
_refine.ls_abs_structure_Flack_esd               ? 
_refine.ls_abs_structure_Rogers                  ? 
_refine.ls_abs_structure_Rogers_esd              ? 
_refine.ls_d_res_high                            2.0500 
_refine.ls_d_res_low                             42.9700 
_refine.ls_extinction_coef                       ? 
_refine.ls_extinction_coef_esd                   ? 
_refine.ls_extinction_expression                 ? 
_refine.ls_extinction_method                     ? 
_refine.ls_goodness_of_fit_all                   ? 
_refine.ls_goodness_of_fit_all_esd               ? 
_refine.ls_goodness_of_fit_obs                   ? 
_refine.ls_goodness_of_fit_obs_esd               ? 
_refine.ls_hydrogen_treatment                    ? 
_refine.ls_matrix_type                           ? 
_refine.ls_number_constraints                    ? 
_refine.ls_number_parameters                     ? 
_refine.ls_number_reflns_all                     ? 
_refine.ls_number_reflns_obs                     8804 
_refine.ls_number_reflns_R_free                  470 
_refine.ls_number_reflns_R_work                  ? 
_refine.ls_number_restraints                     ? 
_refine.ls_percent_reflns_obs                    98.5500 
_refine.ls_percent_reflns_R_free                 5.1000 
_refine.ls_R_factor_all                          ? 
_refine.ls_R_factor_obs                          0.1879 
_refine.ls_R_factor_R_free                       0.2324 
_refine.ls_R_factor_R_free_error                 ? 
_refine.ls_R_factor_R_free_error_details         ? 
_refine.ls_R_factor_R_work                       0.1855 
_refine.ls_R_Fsqd_factor_obs                     ? 
_refine.ls_R_I_factor_obs                        ? 
_refine.ls_redundancy_reflns_all                 ? 
_refine.ls_redundancy_reflns_obs                 ? 
_refine.ls_restrained_S_all                      ? 
_refine.ls_restrained_S_obs                      ? 
_refine.ls_shift_over_esd_max                    ? 
_refine.ls_shift_over_esd_mean                   ? 
_refine.ls_structure_factor_coef                 ? 
_refine.ls_weighting_details                     ? 
_refine.ls_weighting_scheme                      ? 
_refine.ls_wR_factor_all                         ? 
_refine.ls_wR_factor_obs                         ? 
_refine.ls_wR_factor_R_free                      ? 
_refine.ls_wR_factor_R_work                      ? 
_refine.occupancy_max                            ? 
_refine.occupancy_min                            ? 
_refine.solvent_model_details                    MASK 
_refine.solvent_model_param_bsol                 ? 
_refine.solvent_model_param_ksol                 ? 
_refine.pdbx_R_complete                          ? 
_refine.ls_R_factor_gt                           ? 
_refine.ls_goodness_of_fit_gt                    ? 
_refine.ls_goodness_of_fit_ref                   ? 
_refine.ls_shift_over_su_max                     ? 
_refine.ls_shift_over_su_max_lt                  ? 
_refine.ls_shift_over_su_mean                    ? 
_refine.ls_shift_over_su_mean_lt                 ? 
_refine.pdbx_ls_sigma_I                          ? 
_refine.pdbx_ls_sigma_F                          0.000 
_refine.pdbx_ls_sigma_Fsqd                       ? 
_refine.pdbx_data_cutoff_high_absF               ? 
_refine.pdbx_data_cutoff_high_rms_absF           ? 
_refine.pdbx_data_cutoff_low_absF                ? 
_refine.pdbx_isotropic_thermal_model             ? 
_refine.pdbx_ls_cross_valid_method               THROUGHOUT 
_refine.pdbx_method_to_determine_struct          'MOLECULAR REPLACEMENT' 
_refine.pdbx_starting_model                      5NAL 
_refine.pdbx_stereochemistry_target_values       'MAXIMUM LIKELIHOOD' 
_refine.pdbx_R_Free_selection_details            RANDOM 
_refine.pdbx_stereochem_target_val_spec_case     ? 
_refine.pdbx_overall_ESU_R                       0.2460 
_refine.pdbx_overall_ESU_R_Free                  0.1910 
_refine.pdbx_solvent_vdw_probe_radii             1.2000 
_refine.pdbx_solvent_ion_probe_radii             0.8000 
_refine.pdbx_solvent_shrinkage_radii             0.8000 
_refine.pdbx_real_space_R                        ? 
_refine.pdbx_density_correlation                 ? 
_refine.pdbx_pd_number_of_powder_patterns        ? 
_refine.pdbx_pd_number_of_points                 ? 
_refine.pdbx_pd_meas_number_of_points            ? 
_refine.pdbx_pd_proc_ls_prof_R_factor            ? 
_refine.pdbx_pd_proc_ls_prof_wR_factor           ? 
_refine.pdbx_pd_Marquardt_correlation_coeff      ? 
_refine.pdbx_pd_Fsqrd_R_factor                   ? 
_refine.pdbx_pd_ls_matrix_band_width             ? 
_refine.pdbx_overall_phase_error                 ? 
_refine.pdbx_overall_SU_R_free_Cruickshank_DPI   ? 
_refine.pdbx_overall_SU_R_free_Blow_DPI          ? 
_refine.pdbx_overall_SU_R_Blow_DPI               ? 
_refine.pdbx_TLS_residual_ADP_flag               ? 
_refine.pdbx_diffrn_id                           1 
_refine.overall_SU_B                             5.3050 
_refine.overall_SU_ML                            0.1420 
_refine.overall_SU_R_Cruickshank_DPI             ? 
_refine.overall_SU_R_free                        ? 
_refine.overall_FOM_free_R_set                   ? 
_refine.overall_FOM_work_R_set                   ? 
_refine.pdbx_average_fsc_overall                 ? 
_refine.pdbx_average_fsc_work                    ? 
_refine.pdbx_average_fsc_free                    ? 
# 
_refine_hist.pdbx_refine_id                   'X-RAY DIFFRACTION' 
_refine_hist.cycle_id                         final 
_refine_hist.details                          ? 
_refine_hist.d_res_high                       2.0500 
_refine_hist.d_res_low                        42.9700 
_refine_hist.number_atoms_solvent             102 
_refine_hist.number_atoms_total               1336 
_refine_hist.number_reflns_all                ? 
_refine_hist.number_reflns_obs                ? 
_refine_hist.number_reflns_R_free             ? 
_refine_hist.number_reflns_R_work             ? 
_refine_hist.R_factor_all                     ? 
_refine_hist.R_factor_obs                     ? 
_refine_hist.R_factor_R_free                  ? 
_refine_hist.R_factor_R_work                  ? 
_refine_hist.pdbx_number_residues_total       149 
_refine_hist.pdbx_B_iso_mean_ligand           40.66 
_refine_hist.pdbx_B_iso_mean_solvent          29.86 
_refine_hist.pdbx_number_atoms_protein        1218 
_refine_hist.pdbx_number_atoms_nucleic_acid   0 
_refine_hist.pdbx_number_atoms_ligand         16 
_refine_hist.pdbx_number_atoms_lipid          ? 
_refine_hist.pdbx_number_atoms_carb           ? 
_refine_hist.pdbx_pseudo_atom_details         ? 
# 
loop_
_refine_ls_restr.pdbx_refine_id 
_refine_ls_restr.criterion 
_refine_ls_restr.dev_ideal 
_refine_ls_restr.dev_ideal_target 
_refine_ls_restr.number 
_refine_ls_restr.rejects 
_refine_ls_restr.type 
_refine_ls_restr.weight 
_refine_ls_restr.pdbx_restraint_function 
'X-RAY DIFFRACTION' ? 0.009  0.013  1279 ? r_bond_refined_d       ? ? 
'X-RAY DIFFRACTION' ? 0.001  0.017  1203 ? r_bond_other_d         ? ? 
'X-RAY DIFFRACTION' ? 1.496  1.659  1728 ? r_angle_refined_deg    ? ? 
'X-RAY DIFFRACTION' ? 1.242  1.597  2792 ? r_angle_other_deg      ? ? 
'X-RAY DIFFRACTION' ? 7.053  5.000  152  ? r_dihedral_angle_1_deg ? ? 
'X-RAY DIFFRACTION' ? 37.681 21.944 72   ? r_dihedral_angle_2_deg ? ? 
'X-RAY DIFFRACTION' ? 14.640 15.000 235  ? r_dihedral_angle_3_deg ? ? 
'X-RAY DIFFRACTION' ? 12.866 15.000 10   ? r_dihedral_angle_4_deg ? ? 
'X-RAY DIFFRACTION' ? 0.058  0.200  162  ? r_chiral_restr         ? ? 
'X-RAY DIFFRACTION' ? 0.007  0.020  1413 ? r_gen_planes_refined   ? ? 
'X-RAY DIFFRACTION' ? 0.001  0.020  285  ? r_gen_planes_other     ? ? 
# 
_refine_ls_shell.pdbx_refine_id                   'X-RAY DIFFRACTION' 
_refine_ls_shell.d_res_high                       2.0500 
_refine_ls_shell.d_res_low                        2.1030 
_refine_ls_shell.number_reflns_all                669 
_refine_ls_shell.number_reflns_obs                ? 
_refine_ls_shell.number_reflns_R_free             38 
_refine_ls_shell.number_reflns_R_work             631 
_refine_ls_shell.percent_reflns_obs               97.8100 
_refine_ls_shell.percent_reflns_R_free            ? 
_refine_ls_shell.R_factor_all                     ? 
_refine_ls_shell.R_factor_obs                     ? 
_refine_ls_shell.R_factor_R_free                  0.2690 
_refine_ls_shell.R_factor_R_free_error            0.0000 
_refine_ls_shell.R_factor_R_work                  0.2350 
_refine_ls_shell.redundancy_reflns_all            ? 
_refine_ls_shell.redundancy_reflns_obs            ? 
_refine_ls_shell.wR_factor_all                    ? 
_refine_ls_shell.wR_factor_obs                    ? 
_refine_ls_shell.wR_factor_R_free                 ? 
_refine_ls_shell.wR_factor_R_work                 ? 
_refine_ls_shell.pdbx_R_complete                  ? 
_refine_ls_shell.pdbx_total_number_of_bins_used   20 
_refine_ls_shell.pdbx_phase_error                 ? 
_refine_ls_shell.pdbx_fsc_work                    ? 
_refine_ls_shell.pdbx_fsc_free                    ? 
# 
_struct.entry_id                     7PAC 
_struct.title                        'The crystal structure of PDE6D in the apo state' 
_struct.pdbx_model_details           ? 
_struct.pdbx_formula_weight          ? 
_struct.pdbx_formula_weight_method   ? 
_struct.pdbx_model_type_details      ? 
_struct.pdbx_CASP_flag               N 
# 
_struct_keywords.entry_id        7PAC 
_struct_keywords.text            'inhibitor, complex, PROTEIN BINDING' 
_struct_keywords.pdbx_keywords   'PROTEIN BINDING' 
# 
loop_
_struct_asym.id 
_struct_asym.pdbx_blank_PDB_chainid_flag 
_struct_asym.pdbx_modified 
_struct_asym.entity_id 
_struct_asym.details 
A N N 1 ? 
B N N 2 ? 
C N N 3 ? 
D N N 4 ? 
# 
_struct_ref.id                         1 
_struct_ref.db_name                    UNP 
_struct_ref.db_code                    PDE6D_HUMAN 
_struct_ref.pdbx_db_accession          O43924 
_struct_ref.pdbx_db_isoform            ? 
_struct_ref.entity_id                  1 
_struct_ref.pdbx_seq_one_letter_code   
;SAKDERAREILRGFKLNWMNLRDAETGKILWQGTEDLSVPGVEHEARVPKKILKCKAVSRELNFSSTEQMEKFRLEQKVY
FKGQCLEEWFFEFGFVIPNSTNTWQSLIEAAPESQMMPASVLTGNVIIETKFFDDDLLVSTSRVRLFYV
;
_struct_ref.pdbx_align_begin           2 
# 
_struct_ref_seq.align_id                      1 
_struct_ref_seq.ref_id                        1 
_struct_ref_seq.pdbx_PDB_id_code              7PAC 
_struct_ref_seq.pdbx_strand_id                B 
_struct_ref_seq.seq_align_beg                 18 
_struct_ref_seq.pdbx_seq_align_beg_ins_code   ? 
_struct_ref_seq.seq_align_end                 166 
_struct_ref_seq.pdbx_seq_align_end_ins_code   ? 
_struct_ref_seq.pdbx_db_accession             O43924 
_struct_ref_seq.db_align_beg                  2 
_struct_ref_seq.pdbx_db_align_beg_ins_code    ? 
_struct_ref_seq.db_align_end                  150 
_struct_ref_seq.pdbx_db_align_end_ins_code    ? 
_struct_ref_seq.pdbx_auth_seq_align_beg       2 
_struct_ref_seq.pdbx_auth_seq_align_end       150 
# 
loop_
_struct_ref_seq_dif.align_id 
_struct_ref_seq_dif.pdbx_pdb_id_code 
_struct_ref_seq_dif.mon_id 
_struct_ref_seq_dif.pdbx_pdb_strand_id 
_struct_ref_seq_dif.seq_num 
_struct_ref_seq_dif.pdbx_pdb_ins_code 
_struct_ref_seq_dif.pdbx_seq_db_name 
_struct_ref_seq_dif.pdbx_seq_db_accession_code 
_struct_ref_seq_dif.db_mon_id 
_struct_ref_seq_dif.pdbx_seq_db_seq_num 
_struct_ref_seq_dif.details 
_struct_ref_seq_dif.pdbx_auth_seq_num 
_struct_ref_seq_dif.pdbx_ordinal 
1 7PAC MET B 1  ? UNP O43924 ? ? 'initiating methionine' -15 1  
1 7PAC GLY B 2  ? UNP O43924 ? ? 'expression tag'        -14 2  
1 7PAC SER B 3  ? UNP O43924 ? ? 'expression tag'        -13 3  
1 7PAC HIS B 4  ? UNP O43924 ? ? 'expression tag'        -12 4  
1 7PAC HIS B 5  ? UNP O43924 ? ? 'expression tag'        -11 5  
1 7PAC HIS B 6  ? UNP O43924 ? ? 'expression tag'        -10 6  
1 7PAC HIS B 7  ? UNP O43924 ? ? 'expression tag'        -9  7  
1 7PAC HIS B 8  ? UNP O43924 ? ? 'expression tag'        -8  8  
1 7PAC HIS B 9  ? UNP O43924 ? ? 'expression tag'        -7  9  
1 7PAC GLY B 10 ? UNP O43924 ? ? 'expression tag'        -6  10 
1 7PAC SER B 11 ? UNP O43924 ? ? 'expression tag'        -5  11 
1 7PAC GLU B 12 ? UNP O43924 ? ? 'expression tag'        -4  12 
1 7PAC ASN B 13 ? UNP O43924 ? ? 'expression tag'        -3  13 
1 7PAC LEU B 14 ? UNP O43924 ? ? 'expression tag'        -2  14 
1 7PAC TYR B 15 ? UNP O43924 ? ? 'expression tag'        -1  15 
1 7PAC PHE B 16 ? UNP O43924 ? ? 'expression tag'        0   16 
1 7PAC GLN B 17 ? UNP O43924 ? ? 'expression tag'        1   17 
# 
_pdbx_struct_assembly.id                   1 
_pdbx_struct_assembly.details              author_and_software_defined_assembly 
_pdbx_struct_assembly.method_details       PISA 
_pdbx_struct_assembly.oligomeric_details   monomeric 
_pdbx_struct_assembly.oligomeric_count     1 
# 
loop_
_pdbx_struct_assembly_prop.biol_id 
_pdbx_struct_assembly_prop.type 
_pdbx_struct_assembly_prop.value 
_pdbx_struct_assembly_prop.details 
1 'ABSA (A^2)' 420  ? 
1 MORE         0    ? 
1 'SSA (A^2)'  8330 ? 
# 
_pdbx_struct_assembly_gen.assembly_id       1 
_pdbx_struct_assembly_gen.oper_expression   1 
_pdbx_struct_assembly_gen.asym_id_list      A,B,C,D 
# 
_pdbx_struct_assembly_auth_evidence.id                     1 
_pdbx_struct_assembly_auth_evidence.assembly_id            1 
_pdbx_struct_assembly_auth_evidence.experimental_support   none 
_pdbx_struct_assembly_auth_evidence.details                ? 
# 
_pdbx_struct_oper_list.id                   1 
_pdbx_struct_oper_list.type                 'identity operation' 
_pdbx_struct_oper_list.name                 1_555 
_pdbx_struct_oper_list.symmetry_operation   x,y,z 
_pdbx_struct_oper_list.matrix[1][1]         1.0000000000 
_pdbx_struct_oper_list.matrix[1][2]         0.0000000000 
_pdbx_struct_oper_list.matrix[1][3]         0.0000000000 
_pdbx_struct_oper_list.vector[1]            0.0000000000 
_pdbx_struct_oper_list.matrix[2][1]         0.0000000000 
_pdbx_struct_oper_list.matrix[2][2]         1.0000000000 
_pdbx_struct_oper_list.matrix[2][3]         0.0000000000 
_pdbx_struct_oper_list.vector[2]            0.0000000000 
_pdbx_struct_oper_list.matrix[3][1]         0.0000000000 
_pdbx_struct_oper_list.matrix[3][2]         0.0000000000 
_pdbx_struct_oper_list.matrix[3][3]         1.0000000000 
_pdbx_struct_oper_list.vector[3]            0.0000000000 
# 
loop_
_struct_conf.conf_type_id 
_struct_conf.id 
_struct_conf.pdbx_PDB_helix_id 
_struct_conf.beg_label_comp_id 
_struct_conf.beg_label_asym_id 
_struct_conf.beg_label_seq_id 
_struct_conf.pdbx_beg_PDB_ins_code 
_struct_conf.end_label_comp_id 
_struct_conf.end_label_asym_id 
_struct_conf.end_label_seq_id 
_struct_conf.pdbx_end_PDB_ins_code 
_struct_conf.beg_auth_comp_id 
_struct_conf.beg_auth_asym_id 
_struct_conf.beg_auth_seq_id 
_struct_conf.end_auth_comp_id 
_struct_conf.end_auth_asym_id 
_struct_conf.end_auth_seq_id 
_struct_conf.pdbx_PDB_helix_class 
_struct_conf.details 
_struct_conf.pdbx_PDB_helix_length 
HELX_P HELX_P1 AA1 ALA A 19  ? GLY A 30  ? ALA B 3   GLY B 14  1 ? 12 
HELX_P HELX_P2 AA2 LYS A 68  ? CYS A 72  ? LYS B 52  CYS B 56  5 ? 5  
HELX_P HELX_P3 AA3 GLU A 130 ? MET A 134 ? GLU B 114 MET B 118 5 ? 5  
HELX_P HELX_P4 AA4 PRO A 135 ? THR A 140 ? PRO B 119 THR B 124 1 ? 6  
# 
_struct_conf_type.id          HELX_P 
_struct_conf_type.criteria    ? 
_struct_conf_type.reference   ? 
# 
loop_
_struct_conn.id 
_struct_conn.conn_type_id 
_struct_conn.pdbx_leaving_atom_flag 
_struct_conn.pdbx_PDB_id 
_struct_conn.ptnr1_label_asym_id 
_struct_conn.ptnr1_label_comp_id 
_struct_conn.ptnr1_label_seq_id 
_struct_conn.ptnr1_label_atom_id 
_struct_conn.pdbx_ptnr1_label_alt_id 
_struct_conn.pdbx_ptnr1_PDB_ins_code 
_struct_conn.pdbx_ptnr1_standard_comp_id 
_struct_conn.ptnr1_symmetry 
_struct_conn.ptnr2_label_asym_id 
_struct_conn.ptnr2_label_comp_id 
_struct_conn.ptnr2_label_seq_id 
_struct_conn.ptnr2_label_atom_id 
_struct_conn.pdbx_ptnr2_label_alt_id 
_struct_conn.pdbx_ptnr2_PDB_ins_code 
_struct_conn.ptnr1_auth_asym_id 
_struct_conn.ptnr1_auth_comp_id 
_struct_conn.ptnr1_auth_seq_id 
_struct_conn.ptnr2_auth_asym_id 
_struct_conn.ptnr2_auth_comp_id 
_struct_conn.ptnr2_auth_seq_id 
_struct_conn.ptnr2_symmetry 
_struct_conn.pdbx_ptnr3_label_atom_id 
_struct_conn.pdbx_ptnr3_label_seq_id 
_struct_conn.pdbx_ptnr3_label_comp_id 
_struct_conn.pdbx_ptnr3_label_asym_id 
_struct_conn.pdbx_ptnr3_label_alt_id 
_struct_conn.pdbx_ptnr3_PDB_ins_code 
_struct_conn.details 
_struct_conn.pdbx_dist_value 
_struct_conn.pdbx_value_order 
_struct_conn.pdbx_role 
metalc1 metalc ? ? A SER 18 N   ? ? ? 1_555 B NI  . NI ? ? B SER 2   B NI  201 1_555 ? ? ? ? ? ? ? 2.212 ? ? 
metalc2 metalc ? ? A SER 18 O   ? ? ? 1_555 B NI  . NI ? ? B SER 2   B NI  201 1_555 ? ? ? ? ? ? ? 1.889 ? ? 
metalc3 metalc ? ? A GLU 52 OE2 ? ? ? 1_555 B NI  . NI ? ? B GLU 36  B NI  201 2_555 ? ? ? ? ? ? ? 2.004 ? ? 
metalc4 metalc ? ? A HIS 61 ND1 ? ? ? 1_555 B NI  . NI ? ? B HIS 45  B NI  201 2_555 ? ? ? ? ? ? ? 2.262 ? ? 
metalc5 metalc ? ? B NI  .  NI  ? ? ? 1_555 D HOH . O  ? ? B NI  201 B HOH 310 2_545 ? ? ? ? ? ? ? 2.239 ? ? 
metalc6 metalc ? ? B NI  .  NI  ? ? ? 1_555 D HOH . O  ? ? B NI  201 B HOH 334 1_555 ? ? ? ? ? ? ? 2.134 ? ? 
# 
_struct_conn_type.id          metalc 
_struct_conn_type.criteria    ? 
_struct_conn_type.reference   ? 
# 
loop_
_pdbx_struct_conn_angle.id 
_pdbx_struct_conn_angle.ptnr1_label_atom_id 
_pdbx_struct_conn_angle.ptnr1_label_alt_id 
_pdbx_struct_conn_angle.ptnr1_label_asym_id 
_pdbx_struct_conn_angle.ptnr1_label_comp_id 
_pdbx_struct_conn_angle.ptnr1_label_seq_id 
_pdbx_struct_conn_angle.ptnr1_auth_atom_id 
_pdbx_struct_conn_angle.ptnr1_auth_asym_id 
_pdbx_struct_conn_angle.ptnr1_auth_comp_id 
_pdbx_struct_conn_angle.ptnr1_auth_seq_id 
_pdbx_struct_conn_angle.ptnr1_PDB_ins_code 
_pdbx_struct_conn_angle.ptnr1_symmetry 
_pdbx_struct_conn_angle.ptnr2_label_atom_id 
_pdbx_struct_conn_angle.ptnr2_label_alt_id 
_pdbx_struct_conn_angle.ptnr2_label_asym_id 
_pdbx_struct_conn_angle.ptnr2_label_comp_id 
_pdbx_struct_conn_angle.ptnr2_label_seq_id 
_pdbx_struct_conn_angle.ptnr2_auth_atom_id 
_pdbx_struct_conn_angle.ptnr2_auth_asym_id 
_pdbx_struct_conn_angle.ptnr2_auth_comp_id 
_pdbx_struct_conn_angle.ptnr2_auth_seq_id 
_pdbx_struct_conn_angle.ptnr2_PDB_ins_code 
_pdbx_struct_conn_angle.ptnr2_symmetry 
_pdbx_struct_conn_angle.ptnr3_label_atom_id 
_pdbx_struct_conn_angle.ptnr3_label_alt_id 
_pdbx_struct_conn_angle.ptnr3_label_asym_id 
_pdbx_struct_conn_angle.ptnr3_label_comp_id 
_pdbx_struct_conn_angle.ptnr3_label_seq_id 
_pdbx_struct_conn_angle.ptnr3_auth_atom_id 
_pdbx_struct_conn_angle.ptnr3_auth_asym_id 
_pdbx_struct_conn_angle.ptnr3_auth_comp_id 
_pdbx_struct_conn_angle.ptnr3_auth_seq_id 
_pdbx_struct_conn_angle.ptnr3_PDB_ins_code 
_pdbx_struct_conn_angle.ptnr3_symmetry 
_pdbx_struct_conn_angle.value 
_pdbx_struct_conn_angle.value_esd 
1  N   ? A SER 18 ? B SER 2   ? 1_555 NI ? B NI . ? B NI 201 ? 1_555 O   ? A SER 18 ? B SER 2   ? 1_555 81.3  ? 
2  N   ? A SER 18 ? B SER 2   ? 1_555 NI ? B NI . ? B NI 201 ? 1_555 OE2 ? A GLU 52 ? B GLU 36  ? 1_555 52.3  ? 
3  O   ? A SER 18 ? B SER 2   ? 1_555 NI ? B NI . ? B NI 201 ? 1_555 OE2 ? A GLU 52 ? B GLU 36  ? 1_555 30.0  ? 
4  N   ? A SER 18 ? B SER 2   ? 1_555 NI ? B NI . ? B NI 201 ? 1_555 ND1 ? A HIS 61 ? B HIS 45  ? 1_555 56.6  ? 
5  O   ? A SER 18 ? B SER 2   ? 1_555 NI ? B NI . ? B NI 201 ? 1_555 ND1 ? A HIS 61 ? B HIS 45  ? 1_555 26.5  ? 
6  OE2 ? A GLU 52 ? B GLU 36  ? 1_555 NI ? B NI . ? B NI 201 ? 1_555 ND1 ? A HIS 61 ? B HIS 45  ? 1_555 4.7   ? 
7  N   ? A SER 18 ? B SER 2   ? 1_555 NI ? B NI . ? B NI 201 ? 1_555 O   ? D HOH .  ? B HOH 310 ? 2_545 98.0  ? 
8  O   ? A SER 18 ? B SER 2   ? 1_555 NI ? B NI . ? B NI 201 ? 1_555 O   ? D HOH .  ? B HOH 310 ? 2_545 167.6 ? 
9  OE2 ? A GLU 52 ? B GLU 36  ? 1_555 NI ? B NI . ? B NI 201 ? 1_555 O   ? D HOH .  ? B HOH 310 ? 2_545 144.9 ? 
10 ND1 ? A HIS 61 ? B HIS 45  ? 1_555 NI ? B NI . ? B NI 201 ? 1_555 O   ? D HOH .  ? B HOH 310 ? 2_545 146.9 ? 
11 N   ? A SER 18 ? B SER 2   ? 1_555 NI ? B NI . ? B NI 201 ? 1_555 O   ? D HOH .  ? B HOH 334 ? 1_555 89.7  ? 
12 O   ? A SER 18 ? B SER 2   ? 1_555 NI ? B NI . ? B NI 201 ? 1_555 O   ? D HOH .  ? B HOH 334 ? 1_555 82.5  ? 
13 OE2 ? A GLU 52 ? B GLU 36  ? 1_555 NI ? B NI . ? B NI 201 ? 1_555 O   ? D HOH .  ? B HOH 334 ? 1_555 77.5  ? 
14 ND1 ? A HIS 61 ? B HIS 45  ? 1_555 NI ? B NI . ? B NI 201 ? 1_555 O   ? D HOH .  ? B HOH 334 ? 1_555 75.0  ? 
15 O   ? D HOH .  ? B HOH 310 ? 2_545 NI ? B NI . ? B NI 201 ? 1_555 O   ? D HOH .  ? B HOH 334 ? 1_555 85.1  ? 
# 
loop_
_struct_sheet.id 
_struct_sheet.type 
_struct_sheet.number_strands 
_struct_sheet.details 
AA1 ? 4 ? 
AA2 ? 5 ? 
# 
loop_
_struct_sheet_order.sheet_id 
_struct_sheet_order.range_id_1 
_struct_sheet_order.range_id_2 
_struct_sheet_order.offset 
_struct_sheet_order.sense 
AA1 1 2 ? anti-parallel 
AA1 2 3 ? anti-parallel 
AA1 3 4 ? anti-parallel 
AA2 1 2 ? parallel      
AA2 2 3 ? anti-parallel 
AA2 3 4 ? anti-parallel 
AA2 4 5 ? anti-parallel 
# 
loop_
_struct_sheet_range.sheet_id 
_struct_sheet_range.id 
_struct_sheet_range.beg_label_comp_id 
_struct_sheet_range.beg_label_asym_id 
_struct_sheet_range.beg_label_seq_id 
_struct_sheet_range.pdbx_beg_PDB_ins_code 
_struct_sheet_range.end_label_comp_id 
_struct_sheet_range.end_label_asym_id 
_struct_sheet_range.end_label_seq_id 
_struct_sheet_range.pdbx_end_PDB_ins_code 
_struct_sheet_range.beg_auth_comp_id 
_struct_sheet_range.beg_auth_asym_id 
_struct_sheet_range.beg_auth_seq_id 
_struct_sheet_range.end_auth_comp_id 
_struct_sheet_range.end_auth_asym_id 
_struct_sheet_range.end_auth_seq_id 
AA1 1 ILE A 46  ? GLY A 50  ? ILE B 30  GLY B 34  
AA1 2 PHE A 31  ? ASP A 40  ? PHE B 15  ASP B 24  
AA1 3 VAL A 75  ? SER A 83  ? VAL B 59  SER B 67  
AA1 4 SER A 117 ? ILE A 125 ? SER B 101 ILE B 109 
AA2 1 GLU A 60  ? PRO A 66  ? GLU B 44  PRO B 50  
AA2 2 LEU A 154 ? VAL A 166 ? LEU B 138 VAL B 150 
AA2 3 VAL A 143 ? ASP A 151 ? VAL B 127 ASP B 135 
AA2 4 MET A 87  ? PHE A 98  ? MET B 71  PHE B 82  
AA2 5 GLN A 101 ? VAL A 113 ? GLN B 85  VAL B 97  
# 
loop_
_pdbx_struct_sheet_hbond.sheet_id 
_pdbx_struct_sheet_hbond.range_id_1 
_pdbx_struct_sheet_hbond.range_id_2 
_pdbx_struct_sheet_hbond.range_1_label_atom_id 
_pdbx_struct_sheet_hbond.range_1_label_comp_id 
_pdbx_struct_sheet_hbond.range_1_label_asym_id 
_pdbx_struct_sheet_hbond.range_1_label_seq_id 
_pdbx_struct_sheet_hbond.range_1_PDB_ins_code 
_pdbx_struct_sheet_hbond.range_1_auth_atom_id 
_pdbx_struct_sheet_hbond.range_1_auth_comp_id 
_pdbx_struct_sheet_hbond.range_1_auth_asym_id 
_pdbx_struct_sheet_hbond.range_1_auth_seq_id 
_pdbx_struct_sheet_hbond.range_2_label_atom_id 
_pdbx_struct_sheet_hbond.range_2_label_comp_id 
_pdbx_struct_sheet_hbond.range_2_label_asym_id 
_pdbx_struct_sheet_hbond.range_2_label_seq_id 
_pdbx_struct_sheet_hbond.range_2_PDB_ins_code 
_pdbx_struct_sheet_hbond.range_2_auth_atom_id 
_pdbx_struct_sheet_hbond.range_2_auth_comp_id 
_pdbx_struct_sheet_hbond.range_2_auth_asym_id 
_pdbx_struct_sheet_hbond.range_2_auth_seq_id 
AA1 1 2 O LEU A 47  ? O LEU B 31  N LEU A 38  ? N LEU B 22  
AA1 2 3 N TRP A 35  ? N TRP B 19  O ASN A 80  ? O ASN B 64  
AA1 3 4 N VAL A 75  ? N VAL B 59  O ILE A 125 ? O ILE B 109 
AA2 1 2 N VAL A 65  ? N VAL B 49  O PHE A 164 ? O PHE B 148 
AA2 2 3 O VAL A 156 ? O VAL B 140 N PHE A 149 ? N PHE B 133 
AA2 3 4 O ILE A 144 ? O ILE B 128 N TYR A 97  ? N TYR B 81  
AA2 4 5 N GLN A 94  ? N GLN B 78  O TRP A 106 ? O TRP B 90  
# 
loop_
_struct_site.id 
_struct_site.pdbx_evidence_code 
_struct_site.pdbx_auth_asym_id 
_struct_site.pdbx_auth_comp_id 
_struct_site.pdbx_auth_seq_id 
_struct_site.pdbx_auth_ins_code 
_struct_site.pdbx_num_residues 
_struct_site.details 
AC1 Software B NI  201 ? 2  'binding site for residue NI B 201'  
AC2 Software B EPE 202 ? 11 'binding site for residue EPE B 202' 
# 
loop_
_struct_site_gen.id 
_struct_site_gen.site_id 
_struct_site_gen.pdbx_num_res 
_struct_site_gen.label_comp_id 
_struct_site_gen.label_asym_id 
_struct_site_gen.label_seq_id 
_struct_site_gen.pdbx_auth_ins_code 
_struct_site_gen.auth_comp_id 
_struct_site_gen.auth_asym_id 
_struct_site_gen.auth_seq_id 
_struct_site_gen.label_atom_id 
_struct_site_gen.label_alt_id 
_struct_site_gen.symmetry 
_struct_site_gen.details 
1  AC1 2  SER A 18  ? SER B 2   . ? 1_555 ? 
2  AC1 2  HOH D .   ? HOH B 334 . ? 1_555 ? 
3  AC2 11 PHE A 108 ? PHE B 92  . ? 1_555 ? 
4  AC2 11 GLU A 109 ? GLU B 93  . ? 1_555 ? 
5  AC2 11 PHE A 110 ? PHE B 94  . ? 1_555 ? 
6  AC2 11 TRP A 121 ? TRP B 105 . ? 1_555 ? 
7  AC2 11 GLN A 122 ? GLN B 106 . ? 1_555 ? 
8  AC2 11 SER A 123 ? SER B 107 . ? 1_555 ? 
9  AC2 11 HOH D .   ? HOH B 305 . ? 1_555 ? 
10 AC2 11 HOH D .   ? HOH B 320 . ? 1_555 ? 
11 AC2 11 HOH D .   ? HOH B 345 . ? 1_555 ? 
12 AC2 11 HOH D .   ? HOH B 346 . ? 1_555 ? 
13 AC2 11 HOH D .   ? HOH B 371 . ? 1_555 ? 
# 
loop_
_pdbx_validate_torsion.id 
_pdbx_validate_torsion.PDB_model_num 
_pdbx_validate_torsion.auth_comp_id 
_pdbx_validate_torsion.auth_asym_id 
_pdbx_validate_torsion.auth_seq_id 
_pdbx_validate_torsion.PDB_ins_code 
_pdbx_validate_torsion.label_alt_id 
_pdbx_validate_torsion.phi 
_pdbx_validate_torsion.psi 
1 1 LYS B 73  ? ? -155.71 79.66   
2 1 ASP B 136 ? ? 53.97   -107.81 
# 
_pdbx_entry_details.entry_id                 7PAC 
_pdbx_entry_details.nonpolymer_details       ? 
_pdbx_entry_details.sequence_details         ? 
_pdbx_entry_details.compound_details         ? 
_pdbx_entry_details.source_details           ? 
_pdbx_entry_details.has_ligand_of_interest   Y 
# 
loop_
_pdbx_unobs_or_zero_occ_residues.id 
_pdbx_unobs_or_zero_occ_residues.PDB_model_num 
_pdbx_unobs_or_zero_occ_residues.polymer_flag 
_pdbx_unobs_or_zero_occ_residues.occupancy_flag 
_pdbx_unobs_or_zero_occ_residues.auth_asym_id 
_pdbx_unobs_or_zero_occ_residues.auth_comp_id 
_pdbx_unobs_or_zero_occ_residues.auth_seq_id 
_pdbx_unobs_or_zero_occ_residues.PDB_ins_code 
_pdbx_unobs_or_zero_occ_residues.label_asym_id 
_pdbx_unobs_or_zero_occ_residues.label_comp_id 
_pdbx_unobs_or_zero_occ_residues.label_seq_id 
1  1 Y 1 B MET -15 ? A MET 1  
2  1 Y 1 B GLY -14 ? A GLY 2  
3  1 Y 1 B SER -13 ? A SER 3  
4  1 Y 1 B HIS -12 ? A HIS 4  
5  1 Y 1 B HIS -11 ? A HIS 5  
6  1 Y 1 B HIS -10 ? A HIS 6  
7  1 Y 1 B HIS -9  ? A HIS 7  
8  1 Y 1 B HIS -8  ? A HIS 8  
9  1 Y 1 B HIS -7  ? A HIS 9  
10 1 Y 1 B GLY -6  ? A GLY 10 
11 1 Y 1 B SER -5  ? A SER 11 
12 1 Y 1 B GLU -4  ? A GLU 12 
13 1 Y 1 B ASN -3  ? A ASN 13 
14 1 Y 1 B LEU -2  ? A LEU 14 
15 1 Y 1 B TYR -1  ? A TYR 15 
16 1 Y 1 B PHE 0   ? A PHE 16 
17 1 Y 1 B GLN 1   ? A GLN 17 
# 
loop_
_chem_comp_atom.comp_id 
_chem_comp_atom.atom_id 
_chem_comp_atom.type_symbol 
_chem_comp_atom.pdbx_aromatic_flag 
_chem_comp_atom.pdbx_stereo_config 
_chem_comp_atom.pdbx_ordinal 
ALA N    N  N N 1   
ALA CA   C  N S 2   
ALA C    C  N N 3   
ALA O    O  N N 4   
ALA CB   C  N N 5   
ALA OXT  O  N N 6   
ALA H    H  N N 7   
ALA H2   H  N N 8   
ALA HA   H  N N 9   
ALA HB1  H  N N 10  
ALA HB2  H  N N 11  
ALA HB3  H  N N 12  
ALA HXT  H  N N 13  
ARG N    N  N N 14  
ARG CA   C  N S 15  
ARG C    C  N N 16  
ARG O    O  N N 17  
ARG CB   C  N N 18  
ARG CG   C  N N 19  
ARG CD   C  N N 20  
ARG NE   N  N N 21  
ARG CZ   C  N N 22  
ARG NH1  N  N N 23  
ARG NH2  N  N N 24  
ARG OXT  O  N N 25  
ARG H    H  N N 26  
ARG H2   H  N N 27  
ARG HA   H  N N 28  
ARG HB2  H  N N 29  
ARG HB3  H  N N 30  
ARG HG2  H  N N 31  
ARG HG3  H  N N 32  
ARG HD2  H  N N 33  
ARG HD3  H  N N 34  
ARG HE   H  N N 35  
ARG HH11 H  N N 36  
ARG HH12 H  N N 37  
ARG HH21 H  N N 38  
ARG HH22 H  N N 39  
ARG HXT  H  N N 40  
ASN N    N  N N 41  
ASN CA   C  N S 42  
ASN C    C  N N 43  
ASN O    O  N N 44  
ASN CB   C  N N 45  
ASN CG   C  N N 46  
ASN OD1  O  N N 47  
ASN ND2  N  N N 48  
ASN OXT  O  N N 49  
ASN H    H  N N 50  
ASN H2   H  N N 51  
ASN HA   H  N N 52  
ASN HB2  H  N N 53  
ASN HB3  H  N N 54  
ASN HD21 H  N N 55  
ASN HD22 H  N N 56  
ASN HXT  H  N N 57  
ASP N    N  N N 58  
ASP CA   C  N S 59  
ASP C    C  N N 60  
ASP O    O  N N 61  
ASP CB   C  N N 62  
ASP CG   C  N N 63  
ASP OD1  O  N N 64  
ASP OD2  O  N N 65  
ASP OXT  O  N N 66  
ASP H    H  N N 67  
ASP H2   H  N N 68  
ASP HA   H  N N 69  
ASP HB2  H  N N 70  
ASP HB3  H  N N 71  
ASP HD2  H  N N 72  
ASP HXT  H  N N 73  
CYS N    N  N N 74  
CYS CA   C  N R 75  
CYS C    C  N N 76  
CYS O    O  N N 77  
CYS CB   C  N N 78  
CYS SG   S  N N 79  
CYS OXT  O  N N 80  
CYS H    H  N N 81  
CYS H2   H  N N 82  
CYS HA   H  N N 83  
CYS HB2  H  N N 84  
CYS HB3  H  N N 85  
CYS HG   H  N N 86  
CYS HXT  H  N N 87  
EPE N1   N  N N 88  
EPE C2   C  N N 89  
EPE C3   C  N N 90  
EPE N4   N  N N 91  
EPE C5   C  N N 92  
EPE C6   C  N N 93  
EPE C7   C  N N 94  
EPE C8   C  N N 95  
EPE O8   O  N N 96  
EPE C9   C  N N 97  
EPE C10  C  N N 98  
EPE S    S  N N 99  
EPE O1S  O  N N 100 
EPE O2S  O  N N 101 
EPE O3S  O  N N 102 
EPE H21  H  N N 103 
EPE H22  H  N N 104 
EPE H31  H  N N 105 
EPE H32  H  N N 106 
EPE H51  H  N N 107 
EPE H52  H  N N 108 
EPE H61  H  N N 109 
EPE H62  H  N N 110 
EPE H71  H  N N 111 
EPE H72  H  N N 112 
EPE H81  H  N N 113 
EPE H82  H  N N 114 
EPE HO8  H  N N 115 
EPE H91  H  N N 116 
EPE H92  H  N N 117 
EPE H101 H  N N 118 
EPE H102 H  N N 119 
EPE HOS3 H  N N 120 
GLN N    N  N N 121 
GLN CA   C  N S 122 
GLN C    C  N N 123 
GLN O    O  N N 124 
GLN CB   C  N N 125 
GLN CG   C  N N 126 
GLN CD   C  N N 127 
GLN OE1  O  N N 128 
GLN NE2  N  N N 129 
GLN OXT  O  N N 130 
GLN H    H  N N 131 
GLN H2   H  N N 132 
GLN HA   H  N N 133 
GLN HB2  H  N N 134 
GLN HB3  H  N N 135 
GLN HG2  H  N N 136 
GLN HG3  H  N N 137 
GLN HE21 H  N N 138 
GLN HE22 H  N N 139 
GLN HXT  H  N N 140 
GLU N    N  N N 141 
GLU CA   C  N S 142 
GLU C    C  N N 143 
GLU O    O  N N 144 
GLU CB   C  N N 145 
GLU CG   C  N N 146 
GLU CD   C  N N 147 
GLU OE1  O  N N 148 
GLU OE2  O  N N 149 
GLU OXT  O  N N 150 
GLU H    H  N N 151 
GLU H2   H  N N 152 
GLU HA   H  N N 153 
GLU HB2  H  N N 154 
GLU HB3  H  N N 155 
GLU HG2  H  N N 156 
GLU HG3  H  N N 157 
GLU HE2  H  N N 158 
GLU HXT  H  N N 159 
GLY N    N  N N 160 
GLY CA   C  N N 161 
GLY C    C  N N 162 
GLY O    O  N N 163 
GLY OXT  O  N N 164 
GLY H    H  N N 165 
GLY H2   H  N N 166 
GLY HA2  H  N N 167 
GLY HA3  H  N N 168 
GLY HXT  H  N N 169 
HIS N    N  N N 170 
HIS CA   C  N S 171 
HIS C    C  N N 172 
HIS O    O  N N 173 
HIS CB   C  N N 174 
HIS CG   C  Y N 175 
HIS ND1  N  Y N 176 
HIS CD2  C  Y N 177 
HIS CE1  C  Y N 178 
HIS NE2  N  Y N 179 
HIS OXT  O  N N 180 
HIS H    H  N N 181 
HIS H2   H  N N 182 
HIS HA   H  N N 183 
HIS HB2  H  N N 184 
HIS HB3  H  N N 185 
HIS HD1  H  N N 186 
HIS HD2  H  N N 187 
HIS HE1  H  N N 188 
HIS HE2  H  N N 189 
HIS HXT  H  N N 190 
HOH O    O  N N 191 
HOH H1   H  N N 192 
HOH H2   H  N N 193 
ILE N    N  N N 194 
ILE CA   C  N S 195 
ILE C    C  N N 196 
ILE O    O  N N 197 
ILE CB   C  N S 198 
ILE CG1  C  N N 199 
ILE CG2  C  N N 200 
ILE CD1  C  N N 201 
ILE OXT  O  N N 202 
ILE H    H  N N 203 
ILE H2   H  N N 204 
ILE HA   H  N N 205 
ILE HB   H  N N 206 
ILE HG12 H  N N 207 
ILE HG13 H  N N 208 
ILE HG21 H  N N 209 
ILE HG22 H  N N 210 
ILE HG23 H  N N 211 
ILE HD11 H  N N 212 
ILE HD12 H  N N 213 
ILE HD13 H  N N 214 
ILE HXT  H  N N 215 
LEU N    N  N N 216 
LEU CA   C  N S 217 
LEU C    C  N N 218 
LEU O    O  N N 219 
LEU CB   C  N N 220 
LEU CG   C  N N 221 
LEU CD1  C  N N 222 
LEU CD2  C  N N 223 
LEU OXT  O  N N 224 
LEU H    H  N N 225 
LEU H2   H  N N 226 
LEU HA   H  N N 227 
LEU HB2  H  N N 228 
LEU HB3  H  N N 229 
LEU HG   H  N N 230 
LEU HD11 H  N N 231 
LEU HD12 H  N N 232 
LEU HD13 H  N N 233 
LEU HD21 H  N N 234 
LEU HD22 H  N N 235 
LEU HD23 H  N N 236 
LEU HXT  H  N N 237 
LYS N    N  N N 238 
LYS CA   C  N S 239 
LYS C    C  N N 240 
LYS O    O  N N 241 
LYS CB   C  N N 242 
LYS CG   C  N N 243 
LYS CD   C  N N 244 
LYS CE   C  N N 245 
LYS NZ   N  N N 246 
LYS OXT  O  N N 247 
LYS H    H  N N 248 
LYS H2   H  N N 249 
LYS HA   H  N N 250 
LYS HB2  H  N N 251 
LYS HB3  H  N N 252 
LYS HG2  H  N N 253 
LYS HG3  H  N N 254 
LYS HD2  H  N N 255 
LYS HD3  H  N N 256 
LYS HE2  H  N N 257 
LYS HE3  H  N N 258 
LYS HZ1  H  N N 259 
LYS HZ2  H  N N 260 
LYS HZ3  H  N N 261 
LYS HXT  H  N N 262 
MET N    N  N N 263 
MET CA   C  N S 264 
MET C    C  N N 265 
MET O    O  N N 266 
MET CB   C  N N 267 
MET CG   C  N N 268 
MET SD   S  N N 269 
MET CE   C  N N 270 
MET OXT  O  N N 271 
MET H    H  N N 272 
MET H2   H  N N 273 
MET HA   H  N N 274 
MET HB2  H  N N 275 
MET HB3  H  N N 276 
MET HG2  H  N N 277 
MET HG3  H  N N 278 
MET HE1  H  N N 279 
MET HE2  H  N N 280 
MET HE3  H  N N 281 
MET HXT  H  N N 282 
NI  NI   NI N N 283 
PHE N    N  N N 284 
PHE CA   C  N S 285 
PHE C    C  N N 286 
PHE O    O  N N 287 
PHE CB   C  N N 288 
PHE CG   C  Y N 289 
PHE CD1  C  Y N 290 
PHE CD2  C  Y N 291 
PHE CE1  C  Y N 292 
PHE CE2  C  Y N 293 
PHE CZ   C  Y N 294 
PHE OXT  O  N N 295 
PHE H    H  N N 296 
PHE H2   H  N N 297 
PHE HA   H  N N 298 
PHE HB2  H  N N 299 
PHE HB3  H  N N 300 
PHE HD1  H  N N 301 
PHE HD2  H  N N 302 
PHE HE1  H  N N 303 
PHE HE2  H  N N 304 
PHE HZ   H  N N 305 
PHE HXT  H  N N 306 
PRO N    N  N N 307 
PRO CA   C  N S 308 
PRO C    C  N N 309 
PRO O    O  N N 310 
PRO CB   C  N N 311 
PRO CG   C  N N 312 
PRO CD   C  N N 313 
PRO OXT  O  N N 314 
PRO H    H  N N 315 
PRO HA   H  N N 316 
PRO HB2  H  N N 317 
PRO HB3  H  N N 318 
PRO HG2  H  N N 319 
PRO HG3  H  N N 320 
PRO HD2  H  N N 321 
PRO HD3  H  N N 322 
PRO HXT  H  N N 323 
SER N    N  N N 324 
SER CA   C  N S 325 
SER C    C  N N 326 
SER O    O  N N 327 
SER CB   C  N N 328 
SER OG   O  N N 329 
SER OXT  O  N N 330 
SER H    H  N N 331 
SER H2   H  N N 332 
SER HA   H  N N 333 
SER HB2  H  N N 334 
SER HB3  H  N N 335 
SER HG   H  N N 336 
SER HXT  H  N N 337 
THR N    N  N N 338 
THR CA   C  N S 339 
THR C    C  N N 340 
THR O    O  N N 341 
THR CB   C  N R 342 
THR OG1  O  N N 343 
THR CG2  C  N N 344 
THR OXT  O  N N 345 
THR H    H  N N 346 
THR H2   H  N N 347 
THR HA   H  N N 348 
THR HB   H  N N 349 
THR HG1  H  N N 350 
THR HG21 H  N N 351 
THR HG22 H  N N 352 
THR HG23 H  N N 353 
THR HXT  H  N N 354 
TRP N    N  N N 355 
TRP CA   C  N S 356 
TRP C    C  N N 357 
TRP O    O  N N 358 
TRP CB   C  N N 359 
TRP CG   C  Y N 360 
TRP CD1  C  Y N 361 
TRP CD2  C  Y N 362 
TRP NE1  N  Y N 363 
TRP CE2  C  Y N 364 
TRP CE3  C  Y N 365 
TRP CZ2  C  Y N 366 
TRP CZ3  C  Y N 367 
TRP CH2  C  Y N 368 
TRP OXT  O  N N 369 
TRP H    H  N N 370 
TRP H2   H  N N 371 
TRP HA   H  N N 372 
TRP HB2  H  N N 373 
TRP HB3  H  N N 374 
TRP HD1  H  N N 375 
TRP HE1  H  N N 376 
TRP HE3  H  N N 377 
TRP HZ2  H  N N 378 
TRP HZ3  H  N N 379 
TRP HH2  H  N N 380 
TRP HXT  H  N N 381 
TYR N    N  N N 382 
TYR CA   C  N S 383 
TYR C    C  N N 384 
TYR O    O  N N 385 
TYR CB   C  N N 386 
TYR CG   C  Y N 387 
TYR CD1  C  Y N 388 
TYR CD2  C  Y N 389 
TYR CE1  C  Y N 390 
TYR CE2  C  Y N 391 
TYR CZ   C  Y N 392 
TYR OH   O  N N 393 
TYR OXT  O  N N 394 
TYR H    H  N N 395 
TYR H2   H  N N 396 
TYR HA   H  N N 397 
TYR HB2  H  N N 398 
TYR HB3  H  N N 399 
TYR HD1  H  N N 400 
TYR HD2  H  N N 401 
TYR HE1  H  N N 402 
TYR HE2  H  N N 403 
TYR HH   H  N N 404 
TYR HXT  H  N N 405 
VAL N    N  N N 406 
VAL CA   C  N S 407 
VAL C    C  N N 408 
VAL O    O  N N 409 
VAL CB   C  N N 410 
VAL CG1  C  N N 411 
VAL CG2  C  N N 412 
VAL OXT  O  N N 413 
VAL H    H  N N 414 
VAL H2   H  N N 415 
VAL HA   H  N N 416 
VAL HB   H  N N 417 
VAL HG11 H  N N 418 
VAL HG12 H  N N 419 
VAL HG13 H  N N 420 
VAL HG21 H  N N 421 
VAL HG22 H  N N 422 
VAL HG23 H  N N 423 
VAL HXT  H  N N 424 
# 
loop_
_chem_comp_bond.comp_id 
_chem_comp_bond.atom_id_1 
_chem_comp_bond.atom_id_2 
_chem_comp_bond.value_order 
_chem_comp_bond.pdbx_aromatic_flag 
_chem_comp_bond.pdbx_stereo_config 
_chem_comp_bond.pdbx_ordinal 
ALA N   CA   sing N N 1   
ALA N   H    sing N N 2   
ALA N   H2   sing N N 3   
ALA CA  C    sing N N 4   
ALA CA  CB   sing N N 5   
ALA CA  HA   sing N N 6   
ALA C   O    doub N N 7   
ALA C   OXT  sing N N 8   
ALA CB  HB1  sing N N 9   
ALA CB  HB2  sing N N 10  
ALA CB  HB3  sing N N 11  
ALA OXT HXT  sing N N 12  
ARG N   CA   sing N N 13  
ARG N   H    sing N N 14  
ARG N   H2   sing N N 15  
ARG CA  C    sing N N 16  
ARG CA  CB   sing N N 17  
ARG CA  HA   sing N N 18  
ARG C   O    doub N N 19  
ARG C   OXT  sing N N 20  
ARG CB  CG   sing N N 21  
ARG CB  HB2  sing N N 22  
ARG CB  HB3  sing N N 23  
ARG CG  CD   sing N N 24  
ARG CG  HG2  sing N N 25  
ARG CG  HG3  sing N N 26  
ARG CD  NE   sing N N 27  
ARG CD  HD2  sing N N 28  
ARG CD  HD3  sing N N 29  
ARG NE  CZ   sing N N 30  
ARG NE  HE   sing N N 31  
ARG CZ  NH1  sing N N 32  
ARG CZ  NH2  doub N N 33  
ARG NH1 HH11 sing N N 34  
ARG NH1 HH12 sing N N 35  
ARG NH2 HH21 sing N N 36  
ARG NH2 HH22 sing N N 37  
ARG OXT HXT  sing N N 38  
ASN N   CA   sing N N 39  
ASN N   H    sing N N 40  
ASN N   H2   sing N N 41  
ASN CA  C    sing N N 42  
ASN CA  CB   sing N N 43  
ASN CA  HA   sing N N 44  
ASN C   O    doub N N 45  
ASN C   OXT  sing N N 46  
ASN CB  CG   sing N N 47  
ASN CB  HB2  sing N N 48  
ASN CB  HB3  sing N N 49  
ASN CG  OD1  doub N N 50  
ASN CG  ND2  sing N N 51  
ASN ND2 HD21 sing N N 52  
ASN ND2 HD22 sing N N 53  
ASN OXT HXT  sing N N 54  
ASP N   CA   sing N N 55  
ASP N   H    sing N N 56  
ASP N   H2   sing N N 57  
ASP CA  C    sing N N 58  
ASP CA  CB   sing N N 59  
ASP CA  HA   sing N N 60  
ASP C   O    doub N N 61  
ASP C   OXT  sing N N 62  
ASP CB  CG   sing N N 63  
ASP CB  HB2  sing N N 64  
ASP CB  HB3  sing N N 65  
ASP CG  OD1  doub N N 66  
ASP CG  OD2  sing N N 67  
ASP OD2 HD2  sing N N 68  
ASP OXT HXT  sing N N 69  
CYS N   CA   sing N N 70  
CYS N   H    sing N N 71  
CYS N   H2   sing N N 72  
CYS CA  C    sing N N 73  
CYS CA  CB   sing N N 74  
CYS CA  HA   sing N N 75  
CYS C   O    doub N N 76  
CYS C   OXT  sing N N 77  
CYS CB  SG   sing N N 78  
CYS CB  HB2  sing N N 79  
CYS CB  HB3  sing N N 80  
CYS SG  HG   sing N N 81  
CYS OXT HXT  sing N N 82  
EPE N1  C2   sing N N 83  
EPE N1  C6   sing N N 84  
EPE N1  C9   sing N N 85  
EPE C2  C3   sing N N 86  
EPE C2  H21  sing N N 87  
EPE C2  H22  sing N N 88  
EPE C3  N4   sing N N 89  
EPE C3  H31  sing N N 90  
EPE C3  H32  sing N N 91  
EPE N4  C5   sing N N 92  
EPE N4  C7   sing N N 93  
EPE C5  C6   sing N N 94  
EPE C5  H51  sing N N 95  
EPE C5  H52  sing N N 96  
EPE C6  H61  sing N N 97  
EPE C6  H62  sing N N 98  
EPE C7  C8   sing N N 99  
EPE C7  H71  sing N N 100 
EPE C7  H72  sing N N 101 
EPE C8  O8   sing N N 102 
EPE C8  H81  sing N N 103 
EPE C8  H82  sing N N 104 
EPE O8  HO8  sing N N 105 
EPE C9  C10  sing N N 106 
EPE C9  H91  sing N N 107 
EPE C9  H92  sing N N 108 
EPE C10 S    sing N N 109 
EPE C10 H101 sing N N 110 
EPE C10 H102 sing N N 111 
EPE S   O1S  doub N N 112 
EPE S   O2S  doub N N 113 
EPE S   O3S  sing N N 114 
EPE O3S HOS3 sing N N 115 
GLN N   CA   sing N N 116 
GLN N   H    sing N N 117 
GLN N   H2   sing N N 118 
GLN CA  C    sing N N 119 
GLN CA  CB   sing N N 120 
GLN CA  HA   sing N N 121 
GLN C   O    doub N N 122 
GLN C   OXT  sing N N 123 
GLN CB  CG   sing N N 124 
GLN CB  HB2  sing N N 125 
GLN CB  HB3  sing N N 126 
GLN CG  CD   sing N N 127 
GLN CG  HG2  sing N N 128 
GLN CG  HG3  sing N N 129 
GLN CD  OE1  doub N N 130 
GLN CD  NE2  sing N N 131 
GLN NE2 HE21 sing N N 132 
GLN NE2 HE22 sing N N 133 
GLN OXT HXT  sing N N 134 
GLU N   CA   sing N N 135 
GLU N   H    sing N N 136 
GLU N   H2   sing N N 137 
GLU CA  C    sing N N 138 
GLU CA  CB   sing N N 139 
GLU CA  HA   sing N N 140 
GLU C   O    doub N N 141 
GLU C   OXT  sing N N 142 
GLU CB  CG   sing N N 143 
GLU CB  HB2  sing N N 144 
GLU CB  HB3  sing N N 145 
GLU CG  CD   sing N N 146 
GLU CG  HG2  sing N N 147 
GLU CG  HG3  sing N N 148 
GLU CD  OE1  doub N N 149 
GLU CD  OE2  sing N N 150 
GLU OE2 HE2  sing N N 151 
GLU OXT HXT  sing N N 152 
GLY N   CA   sing N N 153 
GLY N   H    sing N N 154 
GLY N   H2   sing N N 155 
GLY CA  C    sing N N 156 
GLY CA  HA2  sing N N 157 
GLY CA  HA3  sing N N 158 
GLY C   O    doub N N 159 
GLY C   OXT  sing N N 160 
GLY OXT HXT  sing N N 161 
HIS N   CA   sing N N 162 
HIS N   H    sing N N 163 
HIS N   H2   sing N N 164 
HIS CA  C    sing N N 165 
HIS CA  CB   sing N N 166 
HIS CA  HA   sing N N 167 
HIS C   O    doub N N 168 
HIS C   OXT  sing N N 169 
HIS CB  CG   sing N N 170 
HIS CB  HB2  sing N N 171 
HIS CB  HB3  sing N N 172 
HIS CG  ND1  sing Y N 173 
HIS CG  CD2  doub Y N 174 
HIS ND1 CE1  doub Y N 175 
HIS ND1 HD1  sing N N 176 
HIS CD2 NE2  sing Y N 177 
HIS CD2 HD2  sing N N 178 
HIS CE1 NE2  sing Y N 179 
HIS CE1 HE1  sing N N 180 
HIS NE2 HE2  sing N N 181 
HIS OXT HXT  sing N N 182 
HOH O   H1   sing N N 183 
HOH O   H2   sing N N 184 
ILE N   CA   sing N N 185 
ILE N   H    sing N N 186 
ILE N   H2   sing N N 187 
ILE CA  C    sing N N 188 
ILE CA  CB   sing N N 189 
ILE CA  HA   sing N N 190 
ILE C   O    doub N N 191 
ILE C   OXT  sing N N 192 
ILE CB  CG1  sing N N 193 
ILE CB  CG2  sing N N 194 
ILE CB  HB   sing N N 195 
ILE CG1 CD1  sing N N 196 
ILE CG1 HG12 sing N N 197 
ILE CG1 HG13 sing N N 198 
ILE CG2 HG21 sing N N 199 
ILE CG2 HG22 sing N N 200 
ILE CG2 HG23 sing N N 201 
ILE CD1 HD11 sing N N 202 
ILE CD1 HD12 sing N N 203 
ILE CD1 HD13 sing N N 204 
ILE OXT HXT  sing N N 205 
LEU N   CA   sing N N 206 
LEU N   H    sing N N 207 
LEU N   H2   sing N N 208 
LEU CA  C    sing N N 209 
LEU CA  CB   sing N N 210 
LEU CA  HA   sing N N 211 
LEU C   O    doub N N 212 
LEU C   OXT  sing N N 213 
LEU CB  CG   sing N N 214 
LEU CB  HB2  sing N N 215 
LEU CB  HB3  sing N N 216 
LEU CG  CD1  sing N N 217 
LEU CG  CD2  sing N N 218 
LEU CG  HG   sing N N 219 
LEU CD1 HD11 sing N N 220 
LEU CD1 HD12 sing N N 221 
LEU CD1 HD13 sing N N 222 
LEU CD2 HD21 sing N N 223 
LEU CD2 HD22 sing N N 224 
LEU CD2 HD23 sing N N 225 
LEU OXT HXT  sing N N 226 
LYS N   CA   sing N N 227 
LYS N   H    sing N N 228 
LYS N   H2   sing N N 229 
LYS CA  C    sing N N 230 
LYS CA  CB   sing N N 231 
LYS CA  HA   sing N N 232 
LYS C   O    doub N N 233 
LYS C   OXT  sing N N 234 
LYS CB  CG   sing N N 235 
LYS CB  HB2  sing N N 236 
LYS CB  HB3  sing N N 237 
LYS CG  CD   sing N N 238 
LYS CG  HG2  sing N N 239 
LYS CG  HG3  sing N N 240 
LYS CD  CE   sing N N 241 
LYS CD  HD2  sing N N 242 
LYS CD  HD3  sing N N 243 
LYS CE  NZ   sing N N 244 
LYS CE  HE2  sing N N 245 
LYS CE  HE3  sing N N 246 
LYS NZ  HZ1  sing N N 247 
LYS NZ  HZ2  sing N N 248 
LYS NZ  HZ3  sing N N 249 
LYS OXT HXT  sing N N 250 
MET N   CA   sing N N 251 
MET N   H    sing N N 252 
MET N   H2   sing N N 253 
MET CA  C    sing N N 254 
MET CA  CB   sing N N 255 
MET CA  HA   sing N N 256 
MET C   O    doub N N 257 
MET C   OXT  sing N N 258 
MET CB  CG   sing N N 259 
MET CB  HB2  sing N N 260 
MET CB  HB3  sing N N 261 
MET CG  SD   sing N N 262 
MET CG  HG2  sing N N 263 
MET CG  HG3  sing N N 264 
MET SD  CE   sing N N 265 
MET CE  HE1  sing N N 266 
MET CE  HE2  sing N N 267 
MET CE  HE3  sing N N 268 
MET OXT HXT  sing N N 269 
PHE N   CA   sing N N 270 
PHE N   H    sing N N 271 
PHE N   H2   sing N N 272 
PHE CA  C    sing N N 273 
PHE CA  CB   sing N N 274 
PHE CA  HA   sing N N 275 
PHE C   O    doub N N 276 
PHE C   OXT  sing N N 277 
PHE CB  CG   sing N N 278 
PHE CB  HB2  sing N N 279 
PHE CB  HB3  sing N N 280 
PHE CG  CD1  doub Y N 281 
PHE CG  CD2  sing Y N 282 
PHE CD1 CE1  sing Y N 283 
PHE CD1 HD1  sing N N 284 
PHE CD2 CE2  doub Y N 285 
PHE CD2 HD2  sing N N 286 
PHE CE1 CZ   doub Y N 287 
PHE CE1 HE1  sing N N 288 
PHE CE2 CZ   sing Y N 289 
PHE CE2 HE2  sing N N 290 
PHE CZ  HZ   sing N N 291 
PHE OXT HXT  sing N N 292 
PRO N   CA   sing N N 293 
PRO N   CD   sing N N 294 
PRO N   H    sing N N 295 
PRO CA  C    sing N N 296 
PRO CA  CB   sing N N 297 
PRO CA  HA   sing N N 298 
PRO C   O    doub N N 299 
PRO C   OXT  sing N N 300 
PRO CB  CG   sing N N 301 
PRO CB  HB2  sing N N 302 
PRO CB  HB3  sing N N 303 
PRO CG  CD   sing N N 304 
PRO CG  HG2  sing N N 305 
PRO CG  HG3  sing N N 306 
PRO CD  HD2  sing N N 307 
PRO CD  HD3  sing N N 308 
PRO OXT HXT  sing N N 309 
SER N   CA   sing N N 310 
SER N   H    sing N N 311 
SER N   H2   sing N N 312 
SER CA  C    sing N N 313 
SER CA  CB   sing N N 314 
SER CA  HA   sing N N 315 
SER C   O    doub N N 316 
SER C   OXT  sing N N 317 
SER CB  OG   sing N N 318 
SER CB  HB2  sing N N 319 
SER CB  HB3  sing N N 320 
SER OG  HG   sing N N 321 
SER OXT HXT  sing N N 322 
THR N   CA   sing N N 323 
THR N   H    sing N N 324 
THR N   H2   sing N N 325 
THR CA  C    sing N N 326 
THR CA  CB   sing N N 327 
THR CA  HA   sing N N 328 
THR C   O    doub N N 329 
THR C   OXT  sing N N 330 
THR CB  OG1  sing N N 331 
THR CB  CG2  sing N N 332 
THR CB  HB   sing N N 333 
THR OG1 HG1  sing N N 334 
THR CG2 HG21 sing N N 335 
THR CG2 HG22 sing N N 336 
THR CG2 HG23 sing N N 337 
THR OXT HXT  sing N N 338 
TRP N   CA   sing N N 339 
TRP N   H    sing N N 340 
TRP N   H2   sing N N 341 
TRP CA  C    sing N N 342 
TRP CA  CB   sing N N 343 
TRP CA  HA   sing N N 344 
TRP C   O    doub N N 345 
TRP C   OXT  sing N N 346 
TRP CB  CG   sing N N 347 
TRP CB  HB2  sing N N 348 
TRP CB  HB3  sing N N 349 
TRP CG  CD1  doub Y N 350 
TRP CG  CD2  sing Y N 351 
TRP CD1 NE1  sing Y N 352 
TRP CD1 HD1  sing N N 353 
TRP CD2 CE2  doub Y N 354 
TRP CD2 CE3  sing Y N 355 
TRP NE1 CE2  sing Y N 356 
TRP NE1 HE1  sing N N 357 
TRP CE2 CZ2  sing Y N 358 
TRP CE3 CZ3  doub Y N 359 
TRP CE3 HE3  sing N N 360 
TRP CZ2 CH2  doub Y N 361 
TRP CZ2 HZ2  sing N N 362 
TRP CZ3 CH2  sing Y N 363 
TRP CZ3 HZ3  sing N N 364 
TRP CH2 HH2  sing N N 365 
TRP OXT HXT  sing N N 366 
TYR N   CA   sing N N 367 
TYR N   H    sing N N 368 
TYR N   H2   sing N N 369 
TYR CA  C    sing N N 370 
TYR CA  CB   sing N N 371 
TYR CA  HA   sing N N 372 
TYR C   O    doub N N 373 
TYR C   OXT  sing N N 374 
TYR CB  CG   sing N N 375 
TYR CB  HB2  sing N N 376 
TYR CB  HB3  sing N N 377 
TYR CG  CD1  doub Y N 378 
TYR CG  CD2  sing Y N 379 
TYR CD1 CE1  sing Y N 380 
TYR CD1 HD1  sing N N 381 
TYR CD2 CE2  doub Y N 382 
TYR CD2 HD2  sing N N 383 
TYR CE1 CZ   doub Y N 384 
TYR CE1 HE1  sing N N 385 
TYR CE2 CZ   sing Y N 386 
TYR CE2 HE2  sing N N 387 
TYR CZ  OH   sing N N 388 
TYR OH  HH   sing N N 389 
TYR OXT HXT  sing N N 390 
VAL N   CA   sing N N 391 
VAL N   H    sing N N 392 
VAL N   H2   sing N N 393 
VAL CA  C    sing N N 394 
VAL CA  CB   sing N N 395 
VAL CA  HA   sing N N 396 
VAL C   O    doub N N 397 
VAL C   OXT  sing N N 398 
VAL CB  CG1  sing N N 399 
VAL CB  CG2  sing N N 400 
VAL CB  HB   sing N N 401 
VAL CG1 HG11 sing N N 402 
VAL CG1 HG12 sing N N 403 
VAL CG1 HG13 sing N N 404 
VAL CG2 HG21 sing N N 405 
VAL CG2 HG22 sing N N 406 
VAL CG2 HG23 sing N N 407 
VAL OXT HXT  sing N N 408 
# 
_pdbx_audit_support.funding_organization   'National Institutes of Health/National Cancer Institute (NIH/NCI)' 
_pdbx_audit_support.country                ? 
_pdbx_audit_support.grant_number           5R01CA202756 
_pdbx_audit_support.ordinal                1 
# 
loop_
_pdbx_entity_instance_feature.ordinal 
_pdbx_entity_instance_feature.comp_id 
_pdbx_entity_instance_feature.asym_id 
_pdbx_entity_instance_feature.seq_num 
_pdbx_entity_instance_feature.auth_comp_id 
_pdbx_entity_instance_feature.auth_asym_id 
_pdbx_entity_instance_feature.auth_seq_num 
_pdbx_entity_instance_feature.feature_type 
_pdbx_entity_instance_feature.details 
1 EPE ? ? EPE ? ? 'SUBJECT OF INVESTIGATION' ? 
2 NI  ? ? NI  ? ? 'SUBJECT OF INVESTIGATION' ? 
# 
_pdbx_initial_refinement_model.id               1 
_pdbx_initial_refinement_model.entity_id_list   ? 
_pdbx_initial_refinement_model.type             'experimental model' 
_pdbx_initial_refinement_model.source_name      PDB 
_pdbx_initial_refinement_model.accession_code   5NAL 
_pdbx_initial_refinement_model.details          ? 
# 
_atom_sites.entry_id                    7PAC 
_atom_sites.Cartn_transf_matrix[1][1]   ? 
_atom_sites.Cartn_transf_matrix[1][2]   ? 
_atom_sites.Cartn_transf_matrix[1][3]   ? 
_atom_sites.Cartn_transf_matrix[2][1]   ? 
_atom_sites.Cartn_transf_matrix[2][2]   ? 
_atom_sites.Cartn_transf_matrix[2][3]   ? 
_atom_sites.Cartn_transf_matrix[3][1]   ? 
_atom_sites.Cartn_transf_matrix[3][2]   ? 
_atom_sites.Cartn_transf_matrix[3][3]   ? 
_atom_sites.Cartn_transf_vector[1]      ? 
_atom_sites.Cartn_transf_vector[2]      ? 
_atom_sites.Cartn_transf_vector[3]      ? 
_atom_sites.fract_transf_matrix[1][1]   -0.01757576 
_atom_sites.fract_transf_matrix[1][2]   -0.00532570 
_atom_sites.fract_transf_matrix[1][3]   0.01465700 
_atom_sites.fract_transf_matrix[2][1]   0.01689324 
_atom_sites.fract_transf_matrix[2][2]   -0.00473311 
_atom_sites.fract_transf_matrix[2][3]   0.01853752 
_atom_sites.fract_transf_matrix[3][1]   -0.00586115 
_atom_sites.fract_transf_matrix[3][2]   0.01995650 
_atom_sites.fract_transf_matrix[3][3]   0.01043668 
_atom_sites.fract_transf_vector[1]      -0.374806 
_atom_sites.fract_transf_vector[2]      -0.024970 
_atom_sites.fract_transf_vector[3]      -0.244139 
_atom_sites.solution_primary            ? 
_atom_sites.solution_secondary          ? 
_atom_sites.solution_hydrogens          ? 
_atom_sites.special_details             ? 
# 
loop_
_atom_type.symbol 
C  
CL 
N  
NI 
O  
S  
# 
loop_
_atom_site.group_PDB 
_atom_site.id 
_atom_site.type_symbol 
_atom_site.label_atom_id 
_atom_site.label_alt_id 
_atom_site.label_comp_id 
_atom_site.label_asym_id 
_atom_site.label_entity_id 
_atom_site.label_seq_id 
_atom_site.pdbx_PDB_ins_code 
_atom_site.Cartn_x 
_atom_site.Cartn_y 
_atom_site.Cartn_z 
_atom_site.occupancy 
_atom_site.B_iso_or_equiv 
_atom_site.pdbx_formal_charge 
_atom_site.auth_seq_id 
_atom_site.auth_comp_id 
_atom_site.auth_asym_id 
_atom_site.auth_atom_id 
_atom_site.pdbx_PDB_model_num 
ATOM   1    N  N   . SER A 1 18  ? -25.333 4.860   16.634  1.00 19.96 ? 2   SER B N   1 
ATOM   2    C  CA  . SER A 1 18  ? -23.872 4.916   16.291  1.00 21.33 ? 2   SER B CA  1 
ATOM   3    C  C   . SER A 1 18  ? -23.623 6.068   15.295  1.00 19.98 ? 2   SER B C   1 
ATOM   4    O  O   . SER A 1 18  ? -24.516 6.948   15.158  1.00 20.49 ? 2   SER B O   1 
ATOM   5    C  CB  . SER A 1 18  ? -23.427 3.568   15.762  1.00 21.87 ? 2   SER B CB  1 
ATOM   6    O  OG  . SER A 1 18  ? -22.040 3.523   15.581  1.00 23.17 ? 2   SER B OG  1 
ATOM   7    N  N   . ALA A 1 19  ? -22.491 6.041   14.593  1.00 18.94 ? 3   ALA B N   1 
ATOM   8    C  CA  . ALA A 1 19  ? -21.933 7.171   13.812  1.00 20.41 ? 3   ALA B CA  1 
ATOM   9    C  C   . ALA A 1 19  ? -20.928 6.671   12.767  1.00 20.47 ? 3   ALA B C   1 
ATOM   10   O  O   . ALA A 1 19  ? -20.472 5.528   12.857  1.00 20.77 ? 3   ALA B O   1 
ATOM   11   C  CB  . ALA A 1 19  ? -21.276 8.152   14.745  1.00 18.88 ? 3   ALA B CB  1 
ATOM   12   N  N   . LYS A 1 20  ? -20.587 7.521   11.807  1.00 21.22 ? 4   LYS B N   1 
ATOM   13   C  CA  . LYS A 1 20  ? -19.576 7.217   10.758  1.00 22.09 ? 4   LYS B CA  1 
ATOM   14   C  C   . LYS A 1 20  ? -18.246 6.848   11.422  1.00 21.92 ? 4   LYS B C   1 
ATOM   15   O  O   . LYS A 1 20  ? -17.626 5.883   10.973  1.00 22.55 ? 4   LYS B O   1 
ATOM   16   C  CB  . LYS A 1 20  ? -19.403 8.418   9.829   1.00 23.15 ? 4   LYS B CB  1 
ATOM   17   C  CG  . LYS A 1 20  ? -20.517 8.577   8.806   1.00 25.29 ? 4   LYS B CG  1 
ATOM   18   C  CD  . LYS A 1 20  ? -20.217 9.618   7.785   1.00 27.12 ? 4   LYS B CD  1 
ATOM   19   C  CE  . LYS A 1 20  ? -21.396 9.934   6.887   1.00 28.51 ? 4   LYS B CE  1 
ATOM   20   N  NZ  . LYS A 1 20  ? -20.920 10.400  5.558   1.00 30.70 ? 4   LYS B NZ  1 
ATOM   21   N  N   . ASP A 1 21  ? -17.826 7.597   12.441  1.00 22.92 ? 5   ASP B N   1 
ATOM   22   C  CA  . ASP A 1 21  ? -16.530 7.355   13.132  1.00 25.07 ? 5   ASP B CA  1 
ATOM   23   C  C   . ASP A 1 21  ? -16.534 5.914   13.660  1.00 23.20 ? 5   ASP B C   1 
ATOM   24   O  O   . ASP A 1 21  ? -15.501 5.201   13.526  1.00 20.25 ? 5   ASP B O   1 
ATOM   25   C  CB  . ASP A 1 21  ? -16.239 8.394   14.220  1.00 28.27 ? 5   ASP B CB  1 
ATOM   26   C  CG  . ASP A 1 21  ? -17.194 8.399   15.409  1.00 33.90 ? 5   ASP B CG  1 
ATOM   27   O  OD1 . ASP A 1 21  ? -18.285 7.807   15.295  1.00 37.81 ? 5   ASP B OD1 1 
ATOM   28   O  OD2 . ASP A 1 21  ? -16.841 9.001   16.455  1.00 34.98 ? 5   ASP B OD2 1 
ATOM   29   N  N   . GLU A 1 22  ? -17.654 5.473   14.218  1.00 21.41 ? 6   GLU B N   1 
ATOM   30   C  CA  . GLU A 1 22  ? -17.711 4.127   14.841  1.00 22.60 ? 6   GLU B CA  1 
ATOM   31   C  C   . GLU A 1 22  ? -17.770 3.076   13.728  1.00 20.49 ? 6   GLU B C   1 
ATOM   32   O  O   . GLU A 1 22  ? -17.168 2.011   13.893  1.00 20.70 ? 6   GLU B O   1 
ATOM   33   C  CB  . GLU A 1 22  ? -18.845 4.013   15.858  1.00 23.38 ? 6   GLU B CB  1 
ATOM   34   C  CG  . GLU A 1 22  ? -18.949 2.618   16.456  1.00 24.71 ? 6   GLU B CG  1 
ATOM   35   C  CD  . GLU A 1 22  ? -17.706 2.117   17.191  1.00 27.83 ? 6   GLU B CD  1 
ATOM   36   O  OE1 . GLU A 1 22  ? -16.884 2.960   17.632  1.00 27.47 ? 6   GLU B OE1 1 
ATOM   37   O  OE2 . GLU A 1 22  ? -17.585 0.879   17.373  1.00 31.97 ? 6   GLU B OE2 1 
ATOM   38   N  N   . ARG A 1 23  ? -18.433 3.357   12.611  1.00 19.38 ? 7   ARG B N   1 
ATOM   39   C  CA  . ARG A 1 23  ? -18.496 2.392   11.496  1.00 19.88 ? 7   ARG B CA  1 
ATOM   40   C  C   . ARG A 1 23  ? -17.066 2.141   10.984  1.00 18.54 ? 7   ARG B C   1 
ATOM   41   O  O   . ARG A 1 23  ? -16.728 0.992   10.666  1.00 17.07 ? 7   ARG B O   1 
ATOM   42   C  CB  . ARG A 1 23  ? -19.465 2.933   10.440  1.00 22.60 ? 7   ARG B CB  1 
ATOM   43   C  CG  . ARG A 1 23  ? -19.528 2.135   9.150   1.00 25.41 ? 7   ARG B CG  1 
ATOM   44   C  CD  . ARG A 1 23  ? -20.080 0.773   9.405   1.00 27.86 ? 7   ARG B CD  1 
ATOM   45   N  NE  . ARG A 1 23  ? -20.090 -0.022  8.198   1.00 31.53 ? 7   ARG B NE  1 
ATOM   46   C  CZ  . ARG A 1 23  ? -19.922 -1.336  8.181   1.00 34.37 ? 7   ARG B CZ  1 
ATOM   47   N  NH1 . ARG A 1 23  ? -19.896 -1.974  7.022   1.00 32.13 ? 7   ARG B NH1 1 
ATOM   48   N  NH2 . ARG A 1 23  ? -19.733 -1.989  9.323   1.00 33.63 ? 7   ARG B NH2 1 
ATOM   49   N  N   . ALA A 1 24  ? -16.251 3.183   10.883  1.00 17.97 ? 8   ALA B N   1 
ATOM   50   C  CA  . ALA A 1 24  ? -14.882 3.091   10.338  1.00 19.02 ? 8   ALA B CA  1 
ATOM   51   C  C   . ALA A 1 24  ? -14.077 2.181   11.267  1.00 19.54 ? 8   ALA B C   1 
ATOM   52   O  O   . ALA A 1 24  ? -13.319 1.312   10.780  1.00 19.83 ? 8   ALA B O   1 
ATOM   53   C  CB  . ALA A 1 24  ? -14.294 4.470   10.202  1.00 20.31 ? 8   ALA B CB  1 
ATOM   54   N  N   . ARG A 1 25  ? -14.268 2.347   12.575  1.00 18.26 ? 9   ARG B N   1 
ATOM   55   C  CA  . ARG A 1 25  ? -13.546 1.542   13.588  1.00 18.01 ? 9   ARG B CA  1 
ATOM   56   C  C   . ARG A 1 25  ? -13.998 0.079   13.470  1.00 17.64 ? 9   ARG B C   1 
ATOM   57   O  O   . ARG A 1 25  ? -13.166 -0.805  13.674  1.00 18.18 ? 9   ARG B O   1 
ATOM   58   C  CB  . ARG A 1 25  ? -13.781 2.094   14.994  1.00 18.01 ? 9   ARG B CB  1 
ATOM   59   C  CG  . ARG A 1 25  ? -13.066 3.402   15.287  1.00 18.32 ? 9   ARG B CG  1 
ATOM   60   C  CD  . ARG A 1 25  ? -12.994 3.581   16.791  1.00 18.92 ? 9   ARG B CD  1 
ATOM   61   N  NE  . ARG A 1 25  ? -14.291 4.022   17.263  1.00 19.59 ? 9   ARG B NE  1 
ATOM   62   C  CZ  . ARG A 1 25  ? -14.695 5.291   17.248  1.00 20.67 ? 9   ARG B CZ  1 
ATOM   63   N  NH1 . ARG A 1 25  ? -15.903 5.605   17.669  1.00 21.57 ? 9   ARG B NH1 1 
ATOM   64   N  NH2 . ARG A 1 25  ? -13.894 6.250   16.810  1.00 21.06 ? 9   ARG B NH2 1 
ATOM   65   N  N   . GLU A 1 26  ? -15.257 -0.178  13.139  1.00 17.43 ? 10  GLU B N   1 
ATOM   66   C  CA  . GLU A 1 26  ? -15.755 -1.567  12.972  1.00 20.50 ? 10  GLU B CA  1 
ATOM   67   C  C   . GLU A 1 26  ? -14.990 -2.220  11.820  1.00 18.41 ? 10  GLU B C   1 
ATOM   68   O  O   . GLU A 1 26  ? -14.510 -3.356  11.972  1.00 19.04 ? 10  GLU B O   1 
ATOM   69   C  CB  . GLU A 1 26  ? -17.252 -1.616  12.654  1.00 22.92 ? 10  GLU B CB  1 
ATOM   70   C  CG  . GLU A 1 26  ? -18.116 -1.383  13.874  1.00 27.01 ? 10  GLU B CG  1 
ATOM   71   C  CD  . GLU A 1 26  ? -19.586 -1.178  13.556  1.00 28.98 ? 10  GLU B CD  1 
ATOM   72   O  OE1 . GLU A 1 26  ? -19.981 -1.516  12.419  1.00 27.03 ? 10  GLU B OE1 1 
ATOM   73   O  OE2 . GLU A 1 26  ? -20.324 -0.679  14.452  1.00 33.11 ? 10  GLU B OE2 1 
ATOM   74   N  N   . ILE A 1 27  ? -14.933 -1.543  10.692  1.00 16.08 ? 11  ILE B N   1 
ATOM   75   C  CA  . ILE A 1 27  ? -14.247 -2.060  9.477   1.00 17.18 ? 11  ILE B CA  1 
ATOM   76   C  C   . ILE A 1 27  ? -12.771 -2.273  9.824   1.00 17.19 ? 11  ILE B C   1 
ATOM   77   O  O   . ILE A 1 27  ? -12.217 -3.299  9.478   1.00 18.90 ? 11  ILE B O   1 
ATOM   78   C  CB  . ILE A 1 27  ? -14.421 -1.083  8.306   1.00 17.72 ? 11  ILE B CB  1 
ATOM   79   C  CG1 . ILE A 1 27  ? -15.903 -0.900  7.935   1.00 17.85 ? 11  ILE B CG1 1 
ATOM   80   C  CG2 . ILE A 1 27  ? -13.568 -1.524  7.126   1.00 18.60 ? 11  ILE B CG2 1 
ATOM   81   C  CD1 . ILE A 1 27  ? -16.157 0.233   6.958   1.00 17.61 ? 11  ILE B CD1 1 
ATOM   82   N  N   . LEU A 1 28  ? -12.150 -1.294  10.459  1.00 17.93 ? 12  LEU B N   1 
ATOM   83   C  CA  . LEU A 1 28  ? -10.721 -1.359  10.814  1.00 18.01 ? 12  LEU B CA  1 
ATOM   84   C  C   . LEU A 1 28  ? -10.492 -2.549  11.743  1.00 19.15 ? 12  LEU B C   1 
ATOM   85   O  O   . LEU A 1 28  ? -9.567  -3.307  11.438  1.00 20.03 ? 12  LEU B O   1 
ATOM   86   C  CB  . LEU A 1 28  ? -10.283 -0.026  11.422  1.00 17.46 ? 12  LEU B CB  1 
ATOM   87   C  CG  . LEU A 1 28  ? -8.903  -0.019  12.045  1.00 18.62 ? 12  LEU B CG  1 
ATOM   88   C  CD1 . LEU A 1 28  ? -7.840  -0.248  10.986  1.00 18.76 ? 12  LEU B CD1 1 
ATOM   89   C  CD2 . LEU A 1 28  ? -8.682  1.277   12.815  1.00 19.18 ? 12  LEU B CD2 1 
ATOM   90   N  N   . ARG A 1 29  ? -11.285 -2.698  12.809  1.00 21.61 ? 13  ARG B N   1 
ATOM   91   C  CA  . ARG A 1 29  ? -11.196 -3.816  13.794  1.00 24.24 ? 13  ARG B CA  1 
ATOM   92   C  C   . ARG A 1 29  ? -11.172 -5.169  13.094  1.00 23.26 ? 13  ARG B C   1 
ATOM   93   O  O   . ARG A 1 29  ? -10.526 -6.082  13.611  1.00 23.51 ? 13  ARG B O   1 
ATOM   94   C  CB  . ARG A 1 29  ? -12.413 -3.873  14.722  1.00 24.65 ? 13  ARG B CB  1 
ATOM   95   C  CG  . ARG A 1 29  ? -12.325 -2.899  15.876  1.00 27.31 ? 13  ARG B CG  1 
ATOM   96   C  CD  . ARG A 1 29  ? -13.204 -3.299  17.039  1.00 28.82 ? 13  ARG B CD  1 
ATOM   97   N  NE  . ARG A 1 29  ? -14.622 -3.293  16.750  1.00 28.27 ? 13  ARG B NE  1 
ATOM   98   C  CZ  . ARG A 1 29  ? -15.422 -2.236  16.791  1.00 28.09 ? 13  ARG B CZ  1 
ATOM   99   N  NH1 . ARG A 1 29  ? -14.969 -1.017  17.029  1.00 28.78 ? 13  ARG B NH1 1 
ATOM   100  N  NH2 . ARG A 1 29  ? -16.697 -2.411  16.538  1.00 28.56 ? 13  ARG B NH2 1 
ATOM   101  N  N   . GLY A 1 30  ? -11.938 -5.308  12.024  1.00 21.61 ? 14  GLY B N   1 
ATOM   102  C  CA  . GLY A 1 30  ? -12.159 -6.600  11.355  1.00 22.23 ? 14  GLY B CA  1 
ATOM   103  C  C   . GLY A 1 30  ? -11.303 -6.753  10.118  1.00 20.96 ? 14  GLY B C   1 
ATOM   104  O  O   . GLY A 1 30  ? -11.509 -7.721  9.404   1.00 19.52 ? 14  GLY B O   1 
ATOM   105  N  N   . PHE A 1 31  ? -10.393 -5.817  9.858   1.00 20.77 ? 15  PHE B N   1 
ATOM   106  C  CA  . PHE A 1 31  ? -9.576  -5.799  8.622   1.00 21.73 ? 15  PHE B CA  1 
ATOM   107  C  C   . PHE A 1 31  ? -8.170  -6.311  8.951   1.00 22.28 ? 15  PHE B C   1 
ATOM   108  O  O   . PHE A 1 31  ? -7.624  -6.011  10.022  1.00 21.54 ? 15  PHE B O   1 
ATOM   109  C  CB  . PHE A 1 31  ? -9.536  -4.406  7.991   1.00 24.00 ? 15  PHE B CB  1 
ATOM   110  C  CG  . PHE A 1 31  ? -8.758  -4.331  6.703   1.00 24.93 ? 15  PHE B CG  1 
ATOM   111  C  CD1 . PHE A 1 31  ? -9.397  -4.482  5.486   1.00 24.53 ? 15  PHE B CD1 1 
ATOM   112  C  CD2 . PHE A 1 31  ? -7.388  -4.097  6.702   1.00 24.99 ? 15  PHE B CD2 1 
ATOM   113  C  CE1 . PHE A 1 31  ? -8.678  -4.431  4.304   1.00 23.87 ? 15  PHE B CE1 1 
ATOM   114  C  CE2 . PHE A 1 31  ? -6.680  -4.018  5.517   1.00 24.57 ? 15  PHE B CE2 1 
ATOM   115  C  CZ  . PHE A 1 31  ? -7.321  -4.210  4.318   1.00 24.25 ? 15  PHE B CZ  1 
ATOM   116  N  N   . LYS A 1 32  ? -7.585  -7.014  7.980   1.00 23.56 ? 16  LYS B N   1 
ATOM   117  C  CA  . LYS A 1 32  ? -6.219  -7.573  8.043   1.00 24.91 ? 16  LYS B CA  1 
ATOM   118  C  C   . LYS A 1 32  ? -5.634  -7.594  6.622   1.00 22.03 ? 16  LYS B C   1 
ATOM   119  O  O   . LYS A 1 32  ? -6.333  -8.039  5.710   1.00 21.61 ? 16  LYS B O   1 
ATOM   120  C  CB  . LYS A 1 32  ? -6.290  -8.977  8.663   1.00 27.86 ? 16  LYS B CB  1 
ATOM   121  C  CG  . LYS A 1 32  ? -4.937  -9.643  8.883   1.00 34.44 ? 16  LYS B CG  1 
ATOM   122  C  CD  . LYS A 1 32  ? -4.995  -11.044 9.463   1.00 34.70 ? 16  LYS B CD  1 
ATOM   123  C  CE  . LYS A 1 32  ? -3.657  -11.751 9.364   1.00 40.67 ? 16  LYS B CE  1 
ATOM   124  N  NZ  . LYS A 1 32  ? -2.539  -10.826 9.690   1.00 42.22 ? 16  LYS B NZ  1 
ATOM   125  N  N   . LEU A 1 33  ? -4.410  -7.101  6.455   1.00 20.59 ? 17  LEU B N   1 
ATOM   126  C  CA  . LEU A 1 33  ? -3.520  -7.375  5.292   1.00 20.99 ? 17  LEU B CA  1 
ATOM   127  C  C   . LEU A 1 33  ? -2.743  -8.657  5.621   1.00 19.51 ? 17  LEU B C   1 
ATOM   128  O  O   . LEU A 1 33  ? -1.942  -8.622  6.562   1.00 19.63 ? 17  LEU B O   1 
ATOM   129  C  CB  . LEU A 1 33  ? -2.616  -6.148  5.111   1.00 23.47 ? 17  LEU B CB  1 
ATOM   130  C  CG  . LEU A 1 33  ? -1.852  -5.932  3.804   1.00 26.81 ? 17  LEU B CG  1 
ATOM   131  C  CD1 . LEU A 1 33  ? -0.445  -6.488  3.885   1.00 29.05 ? 17  LEU B CD1 1 
ATOM   132  C  CD2 . LEU A 1 33  ? -2.580  -6.482  2.590   1.00 29.43 ? 17  LEU B CD2 1 
ATOM   133  N  N   . ASN A 1 34  ? -3.011  -9.752  4.905   1.00 19.80 ? 18  ASN B N   1 
ATOM   134  C  CA  . ASN A 1 34  ? -2.424  -11.110 5.116   1.00 20.34 ? 18  ASN B CA  1 
ATOM   135  C  C   . ASN A 1 34  ? -1.037  -11.231 4.479   1.00 20.02 ? 18  ASN B C   1 
ATOM   136  O  O   . ASN A 1 34  ? -0.097  -11.720 5.141   1.00 21.29 ? 18  ASN B O   1 
ATOM   137  C  CB  . ASN A 1 34  ? -3.349  -12.176 4.547   1.00 20.62 ? 18  ASN B CB  1 
ATOM   138  C  CG  . ASN A 1 34  ? -4.708  -12.114 5.197   1.00 19.27 ? 18  ASN B CG  1 
ATOM   139  O  OD1 . ASN A 1 34  ? -4.779  -12.086 6.410   1.00 20.39 ? 18  ASN B OD1 1 
ATOM   140  N  ND2 . ASN A 1 34  ? -5.767  -12.061 4.409   1.00 17.50 ? 18  ASN B ND2 1 
ATOM   141  N  N   . TRP A 1 35  ? -0.910  -10.802 3.229   1.00 20.89 ? 19  TRP B N   1 
ATOM   142  C  CA  . TRP A 1 35  ? 0.390   -10.811 2.501   1.00 20.09 ? 19  TRP B CA  1 
ATOM   143  C  C   . TRP A 1 35  ? 0.354   -9.829  1.328   1.00 20.57 ? 19  TRP B C   1 
ATOM   144  O  O   . TRP A 1 35  ? -0.733  -9.387  0.906   1.00 18.05 ? 19  TRP B O   1 
ATOM   145  C  CB  . TRP A 1 35  ? 0.747   -12.226 2.039   1.00 17.31 ? 19  TRP B CB  1 
ATOM   146  C  CG  . TRP A 1 35  ? -0.291  -12.939 1.230   1.00 17.72 ? 19  TRP B CG  1 
ATOM   147  C  CD1 . TRP A 1 35  ? -1.121  -13.932 1.672   1.00 18.64 ? 19  TRP B CD1 1 
ATOM   148  C  CD2 . TRP A 1 35  ? -0.556  -12.811 -0.182  1.00 17.43 ? 19  TRP B CD2 1 
ATOM   149  N  NE1 . TRP A 1 35  ? -1.903  -14.394 0.649   1.00 18.28 ? 19  TRP B NE1 1 
ATOM   150  C  CE2 . TRP A 1 35  ? -1.572  -13.732 -0.502  1.00 18.05 ? 19  TRP B CE2 1 
ATOM   151  C  CE3 . TRP A 1 35  ? -0.050  -12.007 -1.205  1.00 18.83 ? 19  TRP B CE3 1 
ATOM   152  C  CZ2 . TRP A 1 35  ? -2.085  -13.862 -1.789  1.00 19.28 ? 19  TRP B CZ2 1 
ATOM   153  C  CZ3 . TRP A 1 35  ? -0.553  -12.138 -2.481  1.00 19.07 ? 19  TRP B CZ3 1 
ATOM   154  C  CH2 . TRP A 1 35  ? -1.567  -13.044 -2.765  1.00 17.93 ? 19  TRP B CH2 1 
ATOM   155  N  N   . MET A 1 36  ? 1.528   -9.475  0.834   1.00 21.06 ? 20  MET B N   1 
ATOM   156  C  CA  . MET A 1 36  ? 1.631   -8.555  -0.313  1.00 22.27 ? 20  MET B CA  1 
ATOM   157  C  C   . MET A 1 36  ? 2.863   -8.988  -1.094  1.00 21.60 ? 20  MET B C   1 
ATOM   158  O  O   . MET A 1 36  ? 3.850   -9.410  -0.436  1.00 17.51 ? 20  MET B O   1 
ATOM   159  C  CB  . MET A 1 36  ? 1.761   -7.112  0.175   1.00 26.86 ? 20  MET B CB  1 
ATOM   160  C  CG  . MET A 1 36  ? 2.153   -6.125  -0.916  1.00 32.79 ? 20  MET B CG  1 
ATOM   161  S  SD  . MET A 1 36  ? 2.184   -4.351  -0.420  1.00 43.62 ? 20  MET B SD  1 
ATOM   162  C  CE  . MET A 1 36  ? 2.228   -4.478  1.368   1.00 40.33 ? 20  MET B CE  1 
ATOM   163  N  N   . ASN A 1 37  ? 2.794   -8.939  -2.424  1.00 20.30 ? 21  ASN B N   1 
ATOM   164  C  CA  . ASN A 1 37  ? 4.005   -9.119  -3.248  1.00 22.77 ? 21  ASN B CA  1 
ATOM   165  C  C   . ASN A 1 37  ? 4.009   -8.124  -4.400  1.00 21.21 ? 21  ASN B C   1 
ATOM   166  O  O   . ASN A 1 37  ? 2.947   -7.594  -4.790  1.00 20.27 ? 21  ASN B O   1 
ATOM   167  C  CB  . ASN A 1 37  ? 4.220   -10.560 -3.704  1.00 26.36 ? 21  ASN B CB  1 
ATOM   168  C  CG  . ASN A 1 37  ? 2.997   -11.182 -4.298  1.00 30.65 ? 21  ASN B CG  1 
ATOM   169  O  OD1 . ASN A 1 37  ? 2.364   -10.561 -5.152  1.00 42.93 ? 21  ASN B OD1 1 
ATOM   170  N  ND2 . ASN A 1 37  ? 2.664   -12.385 -3.848  1.00 32.29 ? 21  ASN B ND2 1 
ATOM   171  N  N   . LEU A 1 38  ? 5.221   -7.823  -4.830  1.00 18.97 ? 22  LEU B N   1 
ATOM   172  C  CA  . LEU A 1 38  ? 5.498   -6.984  -6.007  1.00 20.38 ? 22  LEU B CA  1 
ATOM   173  C  C   . LEU A 1 38  ? 6.204   -7.859  -7.046  1.00 18.91 ? 22  LEU B C   1 
ATOM   174  O  O   . LEU A 1 38  ? 7.216   -8.543  -6.708  1.00 15.46 ? 22  LEU B O   1 
ATOM   175  C  CB  . LEU A 1 38  ? 6.333   -5.788  -5.541  1.00 21.21 ? 22  LEU B CB  1 
ATOM   176  C  CG  . LEU A 1 38  ? 5.646   -4.887  -4.509  1.00 22.74 ? 22  LEU B CG  1 
ATOM   177  C  CD1 . LEU A 1 38  ? 6.648   -3.972  -3.817  1.00 25.00 ? 22  LEU B CD1 1 
ATOM   178  C  CD2 . LEU A 1 38  ? 4.547   -4.058  -5.152  1.00 23.83 ? 22  LEU B CD2 1 
ATOM   179  N  N   . ARG A 1 39  ? 5.703   -7.805  -8.269  1.00 19.00 ? 23  ARG B N   1 
ATOM   180  C  CA  . ARG A 1 39  ? 6.334   -8.461  -9.437  1.00 20.27 ? 23  ARG B CA  1 
ATOM   181  C  C   . ARG A 1 39  ? 6.806   -7.399  -10.415 1.00 20.99 ? 23  ARG B C   1 
ATOM   182  O  O   . ARG A 1 39  ? 6.071   -6.405  -10.581 1.00 20.16 ? 23  ARG B O   1 
ATOM   183  C  CB  . ARG A 1 39  ? 5.346   -9.402  -10.129 1.00 21.84 ? 23  ARG B CB  1 
ATOM   184  C  CG  . ARG A 1 39  ? 5.219   -10.740 -9.412  1.00 23.36 ? 23  ARG B CG  1 
ATOM   185  C  CD  . ARG A 1 39  ? 4.065   -11.541 -9.956  1.00 26.18 ? 23  ARG B CD  1 
ATOM   186  N  NE  . ARG A 1 39  ? 4.036   -12.876 -9.408  1.00 28.01 ? 23  ARG B NE  1 
ATOM   187  C  CZ  . ARG A 1 39  ? 3.364   -13.237 -8.330  1.00 32.68 ? 23  ARG B CZ  1 
ATOM   188  N  NH1 . ARG A 1 39  ? 2.654   -12.350 -7.648  1.00 36.31 ? 23  ARG B NH1 1 
ATOM   189  N  NH2 . ARG A 1 39  ? 3.401   -14.499 -7.930  1.00 34.46 ? 23  ARG B NH2 1 
ATOM   190  N  N   . ASP A 1 40  ? 7.958   -7.632  -11.059 1.00 20.39 ? 24  ASP B N   1 
ATOM   191  C  CA  . ASP A 1 40  ? 8.346   -6.921  -12.300 1.00 22.21 ? 24  ASP B CA  1 
ATOM   192  C  C   . ASP A 1 40  ? 7.286   -7.244  -13.359 1.00 21.91 ? 24  ASP B C   1 
ATOM   193  O  O   . ASP A 1 40  ? 7.108   -8.417  -13.687 1.00 22.07 ? 24  ASP B O   1 
ATOM   194  C  CB  . ASP A 1 40  ? 9.784   -7.271  -12.695 1.00 24.99 ? 24  ASP B CB  1 
ATOM   195  C  CG  . ASP A 1 40  ? 10.307  -6.498  -13.888 1.00 26.42 ? 24  ASP B CG  1 
ATOM   196  O  OD1 . ASP A 1 40  ? 9.539   -5.680  -14.455 1.00 27.90 ? 24  ASP B OD1 1 
ATOM   197  O  OD2 . ASP A 1 40  ? 11.481  -6.720  -14.234 1.00 30.98 ? 24  ASP B OD2 1 
ATOM   198  N  N   . ALA A 1 41  ? 6.496   -6.253  -13.764 1.00 21.75 ? 25  ALA B N   1 
ATOM   199  C  CA  . ALA A 1 41  ? 5.348   -6.447  -14.666 1.00 22.44 ? 25  ALA B CA  1 
ATOM   200  C  C   . ALA A 1 41  ? 5.884   -6.885  -16.035 1.00 23.40 ? 25  ALA B C   1 
ATOM   201  O  O   . ALA A 1 41  ? 5.260   -7.732  -16.668 1.00 24.04 ? 25  ALA B O   1 
ATOM   202  C  CB  . ALA A 1 41  ? 4.507   -5.192  -14.723 1.00 22.90 ? 25  ALA B CB  1 
ATOM   203  N  N   . GLU A 1 42  ? 7.066   -6.411  -16.405 1.00 25.18 ? 26  GLU B N   1 
ATOM   204  C  CA  . GLU A 1 42  ? 7.776   -6.784  -17.658 1.00 28.59 ? 26  GLU B CA  1 
ATOM   205  C  C   . GLU A 1 42  ? 7.964   -8.303  -17.768 1.00 26.57 ? 26  GLU B C   1 
ATOM   206  O  O   . GLU A 1 42  ? 7.864   -8.802  -18.877 1.00 25.21 ? 26  GLU B O   1 
ATOM   207  C  CB  . GLU A 1 42  ? 9.122   -6.058  -17.692 1.00 35.33 ? 26  GLU B CB  1 
ATOM   208  C  CG  . GLU A 1 42  ? 9.835   -6.153  -19.028 1.00 40.59 ? 26  GLU B CG  1 
ATOM   209  C  CD  . GLU A 1 42  ? 9.289   -5.203  -20.075 1.00 45.42 ? 26  GLU B CD  1 
ATOM   210  O  OE1 . GLU A 1 42  ? 8.906   -5.684  -21.172 1.00 51.73 ? 26  GLU B OE1 1 
ATOM   211  O  OE2 . GLU A 1 42  ? 9.235   -3.991  -19.787 1.00 52.91 ? 26  GLU B OE2 1 
ATOM   212  N  N   . THR A 1 43  ? 8.242   -9.010  -16.669 1.00 26.09 ? 27  THR B N   1 
ATOM   213  C  CA  . THR A 1 43  ? 8.641   -10.438 -16.668 1.00 26.03 ? 27  THR B CA  1 
ATOM   214  C  C   . THR A 1 43  ? 7.714   -11.291 -15.803 1.00 27.40 ? 27  THR B C   1 
ATOM   215  O  O   . THR A 1 43  ? 7.718   -12.511 -15.981 1.00 27.16 ? 27  THR B O   1 
ATOM   216  C  CB  . THR A 1 43  ? 10.065  -10.595 -16.126 1.00 27.55 ? 27  THR B CB  1 
ATOM   217  O  OG1 . THR A 1 43  ? 9.997   -10.404 -14.711 1.00 26.35 ? 27  THR B OG1 1 
ATOM   218  C  CG2 . THR A 1 43  ? 11.042  -9.612  -16.739 1.00 26.49 ? 27  THR B CG2 1 
ATOM   219  N  N   . GLY A 1 44  ? 7.003   -10.690 -14.853 1.00 26.48 ? 28  GLY B N   1 
ATOM   220  C  CA  . GLY A 1 44  ? 6.179   -11.434 -13.888 1.00 26.10 ? 28  GLY B CA  1 
ATOM   221  C  C   . GLY A 1 44  ? 7.002   -12.030 -12.769 1.00 25.48 ? 28  GLY B C   1 
ATOM   222  O  O   . GLY A 1 44  ? 6.419   -12.727 -11.972 1.00 26.37 ? 28  GLY B O   1 
ATOM   223  N  N   . LYS A 1 45  ? 8.304   -11.740 -12.691 1.00 25.49 ? 29  LYS B N   1 
ATOM   224  C  CA  . LYS A 1 45  ? 9.185   -12.277 -11.619 1.00 27.47 ? 29  LYS B CA  1 
ATOM   225  C  C   . LYS A 1 45  ? 8.957   -11.495 -10.315 1.00 25.62 ? 29  LYS B C   1 
ATOM   226  O  O   . LYS A 1 45  ? 8.783   -10.258 -10.380 1.00 23.75 ? 29  LYS B O   1 
ATOM   227  C  CB  . LYS A 1 45  ? 10.661  -12.226 -12.024 1.00 30.70 ? 29  LYS B CB  1 
ATOM   228  C  CG  . LYS A 1 45  ? 11.127  -13.434 -12.820 1.00 35.15 ? 29  LYS B CG  1 
ATOM   229  C  CD  . LYS A 1 45  ? 12.346  -13.172 -13.663 1.00 40.04 ? 29  LYS B CD  1 
ATOM   230  C  CE  . LYS A 1 45  ? 13.202  -14.400 -13.887 1.00 41.78 ? 29  LYS B CE  1 
ATOM   231  N  NZ  . LYS A 1 45  ? 12.379  -15.585 -14.202 1.00 44.63 ? 29  LYS B NZ  1 
ATOM   232  N  N   . ILE A 1 46  ? 8.985   -12.208 -9.188  1.00 22.81 ? 30  ILE B N   1 
ATOM   233  C  CA  . ILE A 1 46  ? 8.847   -11.638 -7.824  1.00 22.71 ? 30  ILE B CA  1 
ATOM   234  C  C   . ILE A 1 46  ? 9.991   -10.655 -7.603  1.00 21.85 ? 30  ILE B C   1 
ATOM   235  O  O   . ILE A 1 46  ? 11.140  -11.025 -7.818  1.00 22.20 ? 30  ILE B O   1 
ATOM   236  C  CB  . ILE A 1 46  ? 8.826   -12.723 -6.729  1.00 23.89 ? 30  ILE B CB  1 
ATOM   237  C  CG1 . ILE A 1 46  ? 7.594   -13.613 -6.850  1.00 26.15 ? 30  ILE B CG1 1 
ATOM   238  C  CG2 . ILE A 1 46  ? 8.919   -12.077 -5.340  1.00 22.36 ? 30  ILE B CG2 1 
ATOM   239  C  CD1 . ILE A 1 46  ? 6.323   -12.924 -6.393  1.00 27.69 ? 30  ILE B CD1 1 
ATOM   240  N  N   . LEU A 1 47  ? 9.660   -9.433  -7.202  1.00 20.77 ? 31  LEU B N   1 
ATOM   241  C  CA  . LEU A 1 47  ? 10.636  -8.437  -6.693  1.00 21.29 ? 31  LEU B CA  1 
ATOM   242  C  C   . LEU A 1 47  ? 10.714  -8.534  -5.165  1.00 20.30 ? 31  LEU B C   1 
ATOM   243  O  O   . LEU A 1 47  ? 11.829  -8.434  -4.598  1.00 19.47 ? 31  LEU B O   1 
ATOM   244  C  CB  . LEU A 1 47  ? 10.190  -7.031  -7.101  1.00 21.71 ? 31  LEU B CB  1 
ATOM   245  C  CG  . LEU A 1 47  ? 10.265  -6.717  -8.592  1.00 22.47 ? 31  LEU B CG  1 
ATOM   246  C  CD1 . LEU A 1 47  ? 9.600   -5.388  -8.901  1.00 23.50 ? 31  LEU B CD1 1 
ATOM   247  C  CD2 . LEU A 1 47  ? 11.700  -6.693  -9.086  1.00 23.95 ? 31  LEU B CD2 1 
ATOM   248  N  N   . TRP A 1 48  ? 9.560   -8.611  -4.519  1.00 19.19 ? 32  TRP B N   1 
ATOM   249  C  CA  . TRP A 1 48  ? 9.424   -8.428  -3.058  1.00 19.97 ? 32  TRP B CA  1 
ATOM   250  C  C   . TRP A 1 48  ? 8.189   -9.169  -2.551  1.00 18.90 ? 32  TRP B C   1 
ATOM   251  O  O   . TRP A 1 48  ? 7.173   -9.225  -3.244  1.00 16.55 ? 32  TRP B O   1 
ATOM   252  C  CB  . TRP A 1 48  ? 9.404   -6.935  -2.732  1.00 19.46 ? 32  TRP B CB  1 
ATOM   253  C  CG  . TRP A 1 48  ? 9.253   -6.653  -1.269  1.00 21.32 ? 32  TRP B CG  1 
ATOM   254  C  CD1 . TRP A 1 48  ? 10.250  -6.529  -0.344  1.00 23.35 ? 32  TRP B CD1 1 
ATOM   255  C  CD2 . TRP A 1 48  ? 8.020   -6.466  -0.553  1.00 21.68 ? 32  TRP B CD2 1 
ATOM   256  N  NE1 . TRP A 1 48  ? 9.731   -6.289  0.898   1.00 21.48 ? 32  TRP B NE1 1 
ATOM   257  C  CE2 . TRP A 1 48  ? 8.360   -6.251  0.800   1.00 23.01 ? 32  TRP B CE2 1 
ATOM   258  C  CE3 . TRP A 1 48  ? 6.673   -6.501  -0.914  1.00 19.64 ? 32  TRP B CE3 1 
ATOM   259  C  CZ2 . TRP A 1 48  ? 7.383   -6.050  1.784   1.00 24.19 ? 32  TRP B CZ2 1 
ATOM   260  C  CZ3 . TRP A 1 48  ? 5.722   -6.290  0.052   1.00 22.26 ? 32  TRP B CZ3 1 
ATOM   261  C  CH2 . TRP A 1 48  ? 6.069   -6.056  1.381   1.00 23.22 ? 32  TRP B CH2 1 
ATOM   262  N  N   . GLN A 1 49  ? 8.306   -9.740  -1.356  1.00 20.88 ? 33  GLN B N   1 
ATOM   263  C  CA  . GLN A 1 49  ? 7.202   -10.476 -0.690  1.00 20.28 ? 33  GLN B CA  1 
ATOM   264  C  C   . GLN A 1 49  ? 7.163   -10.092 0.791   1.00 19.38 ? 33  GLN B C   1 
ATOM   265  O  O   . GLN A 1 49  ? 8.181   -10.245 1.455   1.00 19.28 ? 33  GLN B O   1 
ATOM   266  C  CB  . GLN A 1 49  ? 7.387   -11.975 -0.867  1.00 18.71 ? 33  GLN B CB  1 
ATOM   267  C  CG  . GLN A 1 49  ? 7.317   -12.450 -2.310  1.00 19.33 ? 33  GLN B CG  1 
ATOM   268  C  CD  . GLN A 1 49  ? 7.196   -13.954 -2.397  1.00 18.15 ? 33  GLN B CD  1 
ATOM   269  O  OE1 . GLN A 1 49  ? 8.178   -14.685 -2.449  1.00 16.91 ? 33  GLN B OE1 1 
ATOM   270  N  NE2 . GLN A 1 49  ? 5.969   -14.435 -2.366  1.00 18.49 ? 33  GLN B NE2 1 
ATOM   271  N  N   . GLY A 1 50  ? 6.005   -9.629  1.258   1.00 19.31 ? 34  GLY B N   1 
ATOM   272  C  CA  . GLY A 1 50  ? 5.759   -9.237  2.659   1.00 19.14 ? 34  GLY B CA  1 
ATOM   273  C  C   . GLY A 1 50  ? 4.642   -10.068 3.256   1.00 18.36 ? 34  GLY B C   1 
ATOM   274  O  O   . GLY A 1 50  ? 3.731   -10.438 2.498   1.00 17.38 ? 34  GLY B O   1 
ATOM   275  N  N   . THR A 1 51  ? 4.712   -10.391 4.553   1.00 18.14 ? 35  THR B N   1 
ATOM   276  C  CA  . THR A 1 51  ? 3.627   -11.081 5.278   1.00 19.23 ? 35  THR B CA  1 
ATOM   277  C  C   . THR A 1 51  ? 3.219   -10.251 6.503   1.00 22.07 ? 35  THR B C   1 
ATOM   278  O  O   . THR A 1 51  ? 2.343   -10.728 7.250   1.00 25.35 ? 35  THR B O   1 
ATOM   279  C  CB  . THR A 1 51  ? 4.019   -12.514 5.651   1.00 20.18 ? 35  THR B CB  1 
ATOM   280  O  OG1 . THR A 1 51  ? 5.016   -12.481 6.681   1.00 20.24 ? 35  THR B OG1 1 
ATOM   281  C  CG2 . THR A 1 51  ? 4.485   -13.318 4.453   1.00 19.49 ? 35  THR B CG2 1 
ATOM   282  N  N   . GLU A 1 52  ? 3.809   -9.064  6.701   1.00 21.01 ? 36  GLU B N   1 
ATOM   283  C  CA  . GLU A 1 52  ? 3.450   -8.159  7.823   1.00 21.04 ? 36  GLU B CA  1 
ATOM   284  C  C   . GLU A 1 52  ? 2.137   -7.471  7.473   1.00 21.04 ? 36  GLU B C   1 
ATOM   285  O  O   . GLU A 1 52  ? 1.988   -7.058  6.295   1.00 21.91 ? 36  GLU B O   1 
ATOM   286  C  CB  . GLU A 1 52  ? 4.498   -7.069  8.081   1.00 20.98 ? 36  GLU B CB  1 
ATOM   287  C  CG  . GLU A 1 52  ? 4.026   -6.092  9.157   1.00 22.60 ? 36  GLU B CG  1 
ATOM   288  C  CD  . GLU A 1 52  ? 5.014   -5.145  9.804   1.00 21.94 ? 36  GLU B CD  1 
ATOM   289  O  OE1 . GLU A 1 52  ? 6.210   -5.112  9.415   1.00 19.09 ? 36  GLU B OE1 1 
ATOM   290  O  OE2 . GLU A 1 52  ? 4.571   -4.465  10.754  1.00 23.18 ? 36  GLU B OE2 1 
ATOM   291  N  N   . ASP A 1 53  ? 1.227   -7.338  8.439   1.00 20.31 ? 37  ASP B N   1 
ATOM   292  C  CA  . ASP A 1 53  ? 0.018   -6.479  8.277   1.00 20.97 ? 37  ASP B CA  1 
ATOM   293  C  C   . ASP A 1 53  ? 0.442   -5.008  8.329   1.00 20.35 ? 37  ASP B C   1 
ATOM   294  O  O   . ASP A 1 53  ? 0.380   -4.404  9.397   1.00 20.17 ? 37  ASP B O   1 
ATOM   295  C  CB  . ASP A 1 53  ? -1.066  -6.745  9.324   1.00 22.04 ? 37  ASP B CB  1 
ATOM   296  C  CG  . ASP A 1 53  ? -2.396  -6.072  8.976   1.00 23.57 ? 37  ASP B CG  1 
ATOM   297  O  OD1 . ASP A 1 53  ? -2.426  -5.162  8.111   1.00 25.08 ? 37  ASP B OD1 1 
ATOM   298  O  OD2 . ASP A 1 53  ? -3.394  -6.481  9.535   1.00 28.83 ? 37  ASP B OD2 1 
ATOM   299  N  N   . LEU A 1 54  ? 0.797   -4.441  7.185   1.00 22.38 ? 38  LEU B N   1 
ATOM   300  C  CA  . LEU A 1 54  ? 1.284   -3.044  7.097   1.00 22.35 ? 38  LEU B CA  1 
ATOM   301  C  C   . LEU A 1 54  ? 0.110   -2.064  7.129   1.00 24.05 ? 38  LEU B C   1 
ATOM   302  O  O   . LEU A 1 54  ? 0.391   -0.860  7.058   1.00 26.18 ? 38  LEU B O   1 
ATOM   303  C  CB  . LEU A 1 54  ? 2.107   -2.864  5.822   1.00 22.10 ? 38  LEU B CB  1 
ATOM   304  C  CG  . LEU A 1 54  ? 3.406   -3.668  5.741   1.00 21.22 ? 38  LEU B CG  1 
ATOM   305  C  CD1 . LEU A 1 54  ? 3.995   -3.564  4.349   1.00 21.48 ? 38  LEU B CD1 1 
ATOM   306  C  CD2 . LEU A 1 54  ? 4.412   -3.192  6.771   1.00 22.32 ? 38  LEU B CD2 1 
ATOM   307  N  N   . SER A 1 55  ? -1.133  -2.544  7.234   1.00 22.83 ? 39  SER B N   1 
ATOM   308  C  CA  . SER A 1 55  ? -2.344  -1.691  7.409   1.00 22.64 ? 39  SER B CA  1 
ATOM   309  C  C   . SER A 1 55  ? -2.484  -1.226  8.865   1.00 23.30 ? 39  SER B C   1 
ATOM   310  O  O   . SER A 1 55  ? -3.336  -0.338  9.114   1.00 23.46 ? 39  SER B O   1 
ATOM   311  C  CB  . SER A 1 55  ? -3.605  -2.397  6.929   1.00 22.64 ? 39  SER B CB  1 
ATOM   312  O  OG  . SER A 1 55  ? -4.140  -3.271  7.914   1.00 19.89 ? 39  SER B OG  1 
ATOM   313  N  N   . VAL A 1 56  ? -1.707  -1.795  9.809   1.00 21.54 ? 40  VAL B N   1 
ATOM   314  C  CA  . VAL A 1 56  ? -1.820  -1.417  11.248  1.00 21.29 ? 40  VAL B CA  1 
ATOM   315  C  C   . VAL A 1 56  ? -1.500  0.076   11.381  1.00 20.98 ? 40  VAL B C   1 
ATOM   316  O  O   . VAL A 1 56  ? -0.405  0.522   11.059  1.00 18.24 ? 40  VAL B O   1 
ATOM   317  C  CB  . VAL A 1 56  ? -0.946  -2.303  12.157  1.00 21.76 ? 40  VAL B CB  1 
ATOM   318  C  CG1 . VAL A 1 56  ? -0.981  -1.861  13.611  1.00 22.91 ? 40  VAL B CG1 1 
ATOM   319  C  CG2 . VAL A 1 56  ? -1.372  -3.757  12.062  1.00 23.25 ? 40  VAL B CG2 1 
ATOM   320  N  N   . PRO A 1 57  ? -2.457  0.913   11.854  1.00 20.88 ? 41  PRO B N   1 
ATOM   321  C  CA  . PRO A 1 57  ? -2.220  2.346   11.988  1.00 19.84 ? 41  PRO B CA  1 
ATOM   322  C  C   . PRO A 1 57  ? -1.565  2.768   13.306  1.00 21.99 ? 41  PRO B C   1 
ATOM   323  O  O   . PRO A 1 57  ? -1.426  1.947   14.203  1.00 22.12 ? 41  PRO B O   1 
ATOM   324  C  CB  . PRO A 1 57  ? -3.642  2.901   11.973  1.00 20.05 ? 41  PRO B CB  1 
ATOM   325  C  CG  . PRO A 1 57  ? -4.408  1.847   12.743  1.00 20.25 ? 41  PRO B CG  1 
ATOM   326  C  CD  . PRO A 1 57  ? -3.816  0.531   12.270  1.00 20.06 ? 41  PRO B CD  1 
ATOM   327  N  N   . GLY A 1 58  ? -1.157  4.039   13.364  1.00 23.15 ? 42  GLY B N   1 
ATOM   328  C  CA  . GLY A 1 58  ? -0.729  4.743   14.584  1.00 22.93 ? 42  GLY B CA  1 
ATOM   329  C  C   . GLY A 1 58  ? 0.704   4.438   14.941  1.00 22.66 ? 42  GLY B C   1 
ATOM   330  O  O   . GLY A 1 58  ? 1.168   4.957   15.956  1.00 23.44 ? 42  GLY B O   1 
ATOM   331  N  N   . VAL A 1 59  ? 1.401   3.660   14.110  1.00 22.04 ? 43  VAL B N   1 
ATOM   332  C  CA  . VAL A 1 59  ? 2.845   3.318   14.283  1.00 22.01 ? 43  VAL B CA  1 
ATOM   333  C  C   . VAL A 1 59  ? 3.505   3.477   12.924  1.00 20.66 ? 43  VAL B C   1 
ATOM   334  O  O   . VAL A 1 59  ? 2.763   3.482   11.916  1.00 23.17 ? 43  VAL B O   1 
ATOM   335  C  CB  . VAL A 1 59  ? 3.075   1.871   14.759  1.00 23.78 ? 43  VAL B CB  1 
ATOM   336  C  CG1 . VAL A 1 59  ? 2.523   1.591   16.144  1.00 24.16 ? 43  VAL B CG1 1 
ATOM   337  C  CG2 . VAL A 1 59  ? 2.577   0.855   13.739  1.00 24.46 ? 43  VAL B CG2 1 
ATOM   338  N  N   . GLU A 1 60  ? 4.832   3.480   12.895  1.00 20.68 ? 44  GLU B N   1 
ATOM   339  C  CA  . GLU A 1 60  ? 5.609   3.467   11.637  1.00 20.13 ? 44  GLU B CA  1 
ATOM   340  C  C   . GLU A 1 60  ? 6.093   2.040   11.413  1.00 20.07 ? 44  GLU B C   1 
ATOM   341  O  O   . GLU A 1 60  ? 6.526   1.377   12.379  1.00 19.53 ? 44  GLU B O   1 
ATOM   342  C  CB  . GLU A 1 60  ? 6.737   4.494   11.635  1.00 21.84 ? 44  GLU B CB  1 
ATOM   343  C  CG  . GLU A 1 60  ? 7.499   4.512   10.328  1.00 24.24 ? 44  GLU B CG  1 
ATOM   344  C  CD  . GLU A 1 60  ? 8.722   5.410   10.367  1.00 25.16 ? 44  GLU B CD  1 
ATOM   345  O  OE1 . GLU A 1 60  ? 8.565   6.633   10.209  1.00 25.21 ? 44  GLU B OE1 1 
ATOM   346  O  OE2 . GLU A 1 60  ? 9.806   4.887   10.604  1.00 26.08 ? 44  GLU B OE2 1 
ATOM   347  N  N   . HIS A 1 61  ? 5.946   1.571   10.180  1.00 18.75 ? 45  HIS B N   1 
ATOM   348  C  CA  . HIS A 1 61  ? 6.400   0.233   9.752   1.00 18.58 ? 45  HIS B CA  1 
ATOM   349  C  C   . HIS A 1 61  ? 7.640   0.448   8.903   1.00 19.03 ? 45  HIS B C   1 
ATOM   350  O  O   . HIS A 1 61  ? 7.918   1.607   8.582   1.00 20.14 ? 45  HIS B O   1 
ATOM   351  C  CB  . HIS A 1 61  ? 5.298   -0.489  8.976   1.00 17.28 ? 45  HIS B CB  1 
ATOM   352  C  CG  . HIS A 1 61  ? 4.042   -0.666  9.745   1.00 16.13 ? 45  HIS B CG  1 
ATOM   353  N  ND1 . HIS A 1 61  ? 3.971   -1.498  10.837  1.00 14.63 ? 45  HIS B ND1 1 
ATOM   354  C  CD2 . HIS A 1 61  ? 2.803   -0.145  9.546   1.00 15.46 ? 45  HIS B CD2 1 
ATOM   355  C  CE1 . HIS A 1 61  ? 2.722   -1.473  11.291  1.00 16.47 ? 45  HIS B CE1 1 
ATOM   356  N  NE2 . HIS A 1 61  ? 1.979   -0.644  10.499  1.00 13.92 ? 45  HIS B NE2 1 
ATOM   357  N  N   . GLU A 1 62  ? 8.338   -0.630  8.567   1.00 20.84 ? 46  GLU B N   1 
ATOM   358  C  CA  . GLU A 1 62  ? 9.478   -0.606  7.617   1.00 23.32 ? 46  GLU B CA  1 
ATOM   359  C  C   . GLU A 1 62  ? 9.261   -1.703  6.583   1.00 21.29 ? 46  GLU B C   1 
ATOM   360  O  O   . GLU A 1 62  ? 8.693   -2.726  6.924   1.00 21.81 ? 46  GLU B O   1 
ATOM   361  C  CB  . GLU A 1 62  ? 10.811  -0.785  8.347   1.00 26.77 ? 46  GLU B CB  1 
ATOM   362  C  CG  . GLU A 1 62  ? 11.169  0.432   9.191   1.00 33.18 ? 46  GLU B CG  1 
ATOM   363  C  CD  . GLU A 1 62  ? 12.393  0.288   10.074  1.00 35.53 ? 46  GLU B CD  1 
ATOM   364  O  OE1 . GLU A 1 62  ? 12.953  -0.831  10.103  1.00 34.45 ? 46  GLU B OE1 1 
ATOM   365  O  OE2 . GLU A 1 62  ? 12.771  1.296   10.734  1.00 40.53 ? 46  GLU B OE2 1 
ATOM   366  N  N   . ALA A 1 63  ? 9.657   -1.443  5.351   1.00 21.04 ? 47  ALA B N   1 
ATOM   367  C  CA  . ALA A 1 63  ? 9.752   -2.453  4.281   1.00 21.35 ? 47  ALA B CA  1 
ATOM   368  C  C   . ALA A 1 63  ? 11.133  -2.315  3.644   1.00 20.58 ? 47  ALA B C   1 
ATOM   369  O  O   . ALA A 1 63  ? 11.605  -1.191  3.451   1.00 20.07 ? 47  ALA B O   1 
ATOM   370  C  CB  . ALA A 1 63  ? 8.615   -2.301  3.296   1.00 21.46 ? 47  ALA B CB  1 
ATOM   371  N  N   . ARG A 1 64  ? 11.799  -3.443  3.453   1.00 22.01 ? 48  ARG B N   1 
ATOM   372  C  CA  . ARG A 1 64  ? 13.131  -3.544  2.820   1.00 22.10 ? 48  ARG B CA  1 
ATOM   373  C  C   . ARG A 1 64  ? 12.876  -4.141  1.433   1.00 20.94 ? 48  ARG B C   1 
ATOM   374  O  O   . ARG A 1 64  ? 12.498  -5.322  1.325   1.00 20.70 ? 48  ARG B O   1 
ATOM   375  C  CB  . ARG A 1 64  ? 14.080  -4.336  3.730   1.00 23.50 ? 48  ARG B CB  1 
ATOM   376  C  CG  . ARG A 1 64  ? 14.379  -3.638  5.052   1.00 24.82 ? 48  ARG B CG  1 
ATOM   377  C  CD  . ARG A 1 64  ? 15.262  -4.408  6.012   1.00 25.89 ? 48  ARG B CD  1 
ATOM   378  N  NE  . ARG A 1 64  ? 16.544  -4.767  5.420   1.00 28.83 ? 48  ARG B NE  1 
ATOM   379  C  CZ  . ARG A 1 64  ? 17.631  -3.980  5.395   1.00 33.37 ? 48  ARG B CZ  1 
ATOM   380  N  NH1 . ARG A 1 64  ? 17.612  -2.782  5.962   1.00 32.50 ? 48  ARG B NH1 1 
ATOM   381  N  NH2 . ARG A 1 64  ? 18.730  -4.389  4.790   1.00 33.32 ? 48  ARG B NH2 1 
ATOM   382  N  N   A VAL A 1 65  ? 13.054  -3.330  0.396   0.50 21.15 ? 49  VAL B N   1 
ATOM   383  N  N   B VAL A 1 65  ? 12.994  -3.324  0.387   0.50 21.34 ? 49  VAL B N   1 
ATOM   384  C  CA  A VAL A 1 65  ? 12.739  -3.716  -1.008  0.50 21.33 ? 49  VAL B CA  1 
ATOM   385  C  CA  B VAL A 1 65  ? 12.723  -3.761  -1.013  0.50 21.70 ? 49  VAL B CA  1 
ATOM   386  C  C   A VAL A 1 65  ? 14.029  -3.732  -1.818  0.50 21.96 ? 49  VAL B C   1 
ATOM   387  C  C   B VAL A 1 65  ? 14.024  -3.747  -1.803  0.50 22.16 ? 49  VAL B C   1 
ATOM   388  O  O   A VAL A 1 65  ? 14.871  -2.850  -1.662  0.50 21.59 ? 49  VAL B O   1 
ATOM   389  O  O   B VAL A 1 65  ? 14.864  -2.869  -1.619  0.50 21.73 ? 49  VAL B O   1 
ATOM   390  C  CB  A VAL A 1 65  ? 11.690  -2.768  -1.609  0.50 21.33 ? 49  VAL B CB  1 
ATOM   391  C  CB  B VAL A 1 65  ? 11.637  -2.907  -1.690  0.50 22.01 ? 49  VAL B CB  1 
ATOM   392  C  CG1 A VAL A 1 65  ? 11.131  -3.325  -2.906  0.50 21.26 ? 49  VAL B CG1 1 
ATOM   393  C  CG1 B VAL A 1 65  ? 10.272  -3.219  -1.099  0.50 23.17 ? 49  VAL B CG1 1 
ATOM   394  C  CG2 A VAL A 1 65  ? 10.582  -2.506  -0.599  0.50 21.62 ? 49  VAL B CG2 1 
ATOM   395  C  CG2 B VAL A 1 65  ? 11.943  -1.421  -1.615  0.50 21.36 ? 49  VAL B CG2 1 
ATOM   396  N  N   . PRO A 1 66  ? 14.243  -4.747  -2.687  1.00 24.04 ? 50  PRO B N   1 
ATOM   397  C  CA  . PRO A 1 66  ? 15.413  -4.757  -3.561  1.00 23.08 ? 50  PRO B CA  1 
ATOM   398  C  C   . PRO A 1 66  ? 15.434  -3.494  -4.413  1.00 22.73 ? 50  PRO B C   1 
ATOM   399  O  O   . PRO A 1 66  ? 14.402  -3.147  -4.913  1.00 21.23 ? 50  PRO B O   1 
ATOM   400  C  CB  . PRO A 1 66  ? 15.197  -5.987  -4.437  1.00 24.76 ? 50  PRO B CB  1 
ATOM   401  C  CG  . PRO A 1 66  ? 14.361  -6.891  -3.559  1.00 25.34 ? 50  PRO B CG  1 
ATOM   402  C  CD  . PRO A 1 66  ? 13.409  -5.951  -2.846  1.00 24.38 ? 50  PRO B CD  1 
ATOM   403  N  N   . LYS A 1 67  ? 16.596  -2.850  -4.524  1.00 22.91 ? 51  LYS B N   1 
ATOM   404  C  CA  . LYS A 1 67  ? 16.739  -1.547  -5.226  1.00 24.93 ? 51  LYS B CA  1 
ATOM   405  C  C   . LYS A 1 67  ? 16.354  -1.679  -6.713  1.00 26.35 ? 51  LYS B C   1 
ATOM   406  O  O   . LYS A 1 67  ? 15.973  -0.659  -7.299  1.00 26.56 ? 51  LYS B O   1 
ATOM   407  C  CB  . LYS A 1 67  ? 18.153  -1.008  -4.998  1.00 25.34 ? 51  LYS B CB  1 
ATOM   408  C  CG  . LYS A 1 67  ? 19.250  -1.843  -5.617  1.00 27.60 ? 51  LYS B CG  1 
ATOM   409  C  CD  . LYS A 1 67  ? 20.614  -1.231  -5.502  1.00 30.81 ? 51  LYS B CD  1 
ATOM   410  C  CE  . LYS A 1 67  ? 21.572  -1.873  -6.484  1.00 31.21 ? 51  LYS B CE  1 
ATOM   411  N  NZ  . LYS A 1 67  ? 22.962  -1.761  -5.999  1.00 35.19 ? 51  LYS B NZ  1 
ATOM   412  N  N   . LYS A 1 68  ? 16.398  -2.881  -7.307  1.00 26.28 ? 52  LYS B N   1 
ATOM   413  C  CA  . LYS A 1 68  ? 15.994  -3.121  -8.722  1.00 27.00 ? 52  LYS B CA  1 
ATOM   414  C  C   . LYS A 1 68  ? 14.558  -2.624  -8.959  1.00 28.30 ? 52  LYS B C   1 
ATOM   415  O  O   . LYS A 1 68  ? 14.217  -2.279  -10.106 1.00 25.68 ? 52  LYS B O   1 
ATOM   416  C  CB  . LYS A 1 68  ? 16.134  -4.619  -9.011  1.00 32.73 ? 52  LYS B CB  1 
ATOM   417  C  CG  . LYS A 1 68  ? 15.610  -5.137  -10.342 1.00 35.38 ? 52  LYS B CG  1 
ATOM   418  C  CD  . LYS A 1 68  ? 15.755  -6.645  -10.411 1.00 40.68 ? 52  LYS B CD  1 
ATOM   419  C  CE  . LYS A 1 68  ? 15.017  -7.290  -11.568 1.00 47.10 ? 52  LYS B CE  1 
ATOM   420  N  NZ  . LYS A 1 68  ? 15.807  -7.247  -12.821 1.00 48.39 ? 52  LYS B NZ  1 
ATOM   421  N  N   . ILE A 1 69  ? 13.706  -2.587  -7.931  1.00 26.06 ? 53  ILE B N   1 
ATOM   422  C  CA  . ILE A 1 69  ? 12.313  -2.089  -8.106  1.00 26.77 ? 53  ILE B CA  1 
ATOM   423  C  C   . ILE A 1 69  ? 12.345  -0.676  -8.707  1.00 28.56 ? 53  ILE B C   1 
ATOM   424  O  O   . ILE A 1 69  ? 11.472  -0.364  -9.520  1.00 28.36 ? 53  ILE B O   1 
ATOM   425  C  CB  . ILE A 1 69  ? 11.536  -2.130  -6.784  1.00 27.94 ? 53  ILE B CB  1 
ATOM   426  C  CG1 . ILE A 1 69  ? 10.047  -1.898  -7.046  1.00 30.51 ? 53  ILE B CG1 1 
ATOM   427  C  CG2 . ILE A 1 69  ? 12.119  -1.147  -5.771  1.00 25.44 ? 53  ILE B CG2 1 
ATOM   428  C  CD1 . ILE A 1 69  ? 9.163   -2.218  -5.872  1.00 34.60 ? 53  ILE B CD1 1 
ATOM   429  N  N   . LEU A 1 70  ? 13.327  0.146   -8.328  1.00 31.54 ? 54  LEU B N   1 
ATOM   430  C  CA  . LEU A 1 70  ? 13.434  1.566   -8.742  1.00 31.27 ? 54  LEU B CA  1 
ATOM   431  C  C   . LEU A 1 70  ? 13.585  1.652   -10.257 1.00 34.15 ? 54  LEU B C   1 
ATOM   432  O  O   . LEU A 1 70  ? 13.125  2.639   -10.815 1.00 36.43 ? 54  LEU B O   1 
ATOM   433  C  CB  . LEU A 1 70  ? 14.628  2.197   -8.025  1.00 30.43 ? 54  LEU B CB  1 
ATOM   434  C  CG  . LEU A 1 70  ? 14.371  2.510   -6.552  1.00 30.34 ? 54  LEU B CG  1 
ATOM   435  C  CD1 . LEU A 1 70  ? 15.660  2.890   -5.857  1.00 32.59 ? 54  LEU B CD1 1 
ATOM   436  C  CD2 . LEU A 1 70  ? 13.333  3.603   -6.406  1.00 30.83 ? 54  LEU B CD2 1 
ATOM   437  N  N   . LYS A 1 71  ? 14.206  0.649   -10.878 1.00 34.89 ? 55  LYS B N   1 
ATOM   438  C  CA  . LYS A 1 71  ? 14.458  0.601   -12.342 1.00 38.01 ? 55  LYS B CA  1 
ATOM   439  C  C   . LYS A 1 71  ? 13.355  -0.195  -13.054 1.00 36.26 ? 55  LYS B C   1 
ATOM   440  O  O   . LYS A 1 71  ? 13.519  -0.467  -14.244 1.00 41.86 ? 55  LYS B O   1 
ATOM   441  C  CB  . LYS A 1 71  ? 15.853  0.023   -12.618 1.00 42.03 ? 55  LYS B CB  1 
ATOM   442  C  CG  . LYS A 1 71  ? 16.992  1.028   -12.457 1.00 46.46 ? 55  LYS B CG  1 
ATOM   443  C  CD  . LYS A 1 71  ? 18.343  0.418   -12.135 1.00 51.88 ? 55  LYS B CD  1 
ATOM   444  C  CE  . LYS A 1 71  ? 19.450  1.449   -12.052 1.00 55.41 ? 55  LYS B CE  1 
ATOM   445  N  NZ  . LYS A 1 71  ? 20.704  0.871   -11.504 1.00 55.30 ? 55  LYS B NZ  1 
ATOM   446  N  N   . CYS A 1 72  ? 12.247  -0.529  -12.391 1.00 33.64 ? 56  CYS B N   1 
ATOM   447  C  CA  . CYS A 1 72  ? 11.068  -1.145  -13.063 1.00 32.61 ? 56  CYS B CA  1 
ATOM   448  C  C   . CYS A 1 72  ? 10.100  -0.042  -13.501 1.00 31.06 ? 56  CYS B C   1 
ATOM   449  O  O   . CYS A 1 72  ? 9.732   0.771   -12.646 1.00 33.13 ? 56  CYS B O   1 
ATOM   450  C  CB  . CYS A 1 72  ? 10.380  -2.159  -12.164 1.00 32.66 ? 56  CYS B CB  1 
ATOM   451  S  SG  . CYS A 1 72  ? 11.406  -3.623  -11.929 1.00 34.44 ? 56  CYS B SG  1 
ATOM   452  N  N   . LYS A 1 73  ? 9.723   -0.020  -14.783 1.00 30.69 ? 57  LYS B N   1 
ATOM   453  C  CA  . LYS A 1 73  ? 8.753   0.949   -15.354 1.00 30.89 ? 57  LYS B CA  1 
ATOM   454  C  C   . LYS A 1 73  ? 7.390   0.657   -14.735 1.00 28.42 ? 57  LYS B C   1 
ATOM   455  O  O   . LYS A 1 73  ? 6.603   1.588   -14.492 1.00 28.62 ? 57  LYS B O   1 
ATOM   456  C  CB  . LYS A 1 73  ? 8.647   0.795   -16.879 1.00 35.06 ? 57  LYS B CB  1 
ATOM   457  C  CG  . LYS A 1 73  ? 9.596   1.647   -17.712 1.00 40.63 ? 57  LYS B CG  1 
ATOM   458  C  CD  . LYS A 1 73  ? 11.051  1.213   -17.683 1.00 44.35 ? 57  LYS B CD  1 
ATOM   459  C  CE  . LYS A 1 73  ? 11.972  2.274   -18.256 1.00 46.34 ? 57  LYS B CE  1 
ATOM   460  N  NZ  . LYS A 1 73  ? 13.280  1.718   -18.675 1.00 46.83 ? 57  LYS B NZ  1 
ATOM   461  N  N   . ALA A 1 74  ? 7.101   -0.616  -14.529 1.00 23.61 ? 58  ALA B N   1 
ATOM   462  C  CA  . ALA A 1 74  ? 5.788   -1.033  -14.032 1.00 24.48 ? 58  ALA B CA  1 
ATOM   463  C  C   . ALA A 1 74  ? 5.974   -2.232  -13.124 1.00 22.87 ? 58  ALA B C   1 
ATOM   464  O  O   . ALA A 1 74  ? 6.702   -3.157  -13.514 1.00 21.32 ? 58  ALA B O   1 
ATOM   465  C  CB  . ALA A 1 74  ? 4.876   -1.328  -15.193 1.00 26.53 ? 58  ALA B CB  1 
ATOM   466  N  N   . VAL A 1 75  ? 5.345   -2.149  -11.950 1.00 23.08 ? 59  VAL B N   1 
ATOM   467  C  CA  . VAL A 1 75  ? 5.310   -3.192  -10.891 1.00 22.34 ? 59  VAL B CA  1 
ATOM   468  C  C   . VAL A 1 75  ? 3.872   -3.692  -10.753 1.00 22.29 ? 59  VAL B C   1 
ATOM   469  O  O   . VAL A 1 75  ? 2.942   -2.885  -10.855 1.00 21.54 ? 59  VAL B O   1 
ATOM   470  C  CB  . VAL A 1 75  ? 5.889   -2.602  -9.599  1.00 22.28 ? 59  VAL B CB  1 
ATOM   471  C  CG1 . VAL A 1 75  ? 5.595   -3.457  -8.399  1.00 24.24 ? 59  VAL B CG1 1 
ATOM   472  C  CG2 . VAL A 1 75  ? 7.384   -2.386  -9.740  1.00 22.97 ? 59  VAL B CG2 1 
ATOM   473  N  N   . SER A 1 76  ? 3.686   -5.005  -10.612 1.00 22.75 ? 60  SER B N   1 
ATOM   474  C  CA  . SER A 1 76  ? 2.366   -5.617  -10.317 1.00 20.73 ? 60  SER B CA  1 
ATOM   475  C  C   . SER A 1 76  ? 2.319   -5.925  -8.819  1.00 20.70 ? 60  SER B C   1 
ATOM   476  O  O   . SER A 1 76  ? 3.137   -6.734  -8.353  1.00 19.42 ? 60  SER B O   1 
ATOM   477  C  CB  . SER A 1 76  ? 2.099   -6.850  -11.132 1.00 22.08 ? 60  SER B CB  1 
ATOM   478  O  OG  . SER A 1 76  ? 0.739   -7.220  -10.991 1.00 20.83 ? 60  SER B OG  1 
ATOM   479  N  N   . ARG A 1 77  ? 1.422   -5.260  -8.101  1.00 19.34 ? 61  ARG B N   1 
ATOM   480  C  CA  . ARG A 1 77  ? 1.232   -5.465  -6.653  1.00 20.82 ? 61  ARG B CA  1 
ATOM   481  C  C   . ARG A 1 77  ? 0.021   -6.371  -6.462  1.00 20.93 ? 61  ARG B C   1 
ATOM   482  O  O   . ARG A 1 77  ? -1.021  -6.122  -7.099  1.00 21.26 ? 61  ARG B O   1 
ATOM   483  C  CB  . ARG A 1 77  ? 1.073   -4.120  -5.950  1.00 21.34 ? 61  ARG B CB  1 
ATOM   484  C  CG  . ARG A 1 77  ? 0.908   -4.250  -4.444  1.00 22.55 ? 61  ARG B CG  1 
ATOM   485  C  CD  . ARG A 1 77  ? 0.832   -2.865  -3.874  1.00 23.76 ? 61  ARG B CD  1 
ATOM   486  N  NE  . ARG A 1 77  ? -0.462  -2.265  -4.130  1.00 24.16 ? 61  ARG B NE  1 
ATOM   487  C  CZ  . ARG A 1 77  ? -0.716  -0.973  -3.953  1.00 25.04 ? 61  ARG B CZ  1 
ATOM   488  N  NH1 . ARG A 1 77  ? 0.246   -0.161  -3.563  1.00 24.67 ? 61  ARG B NH1 1 
ATOM   489  N  NH2 . ARG A 1 77  ? -1.924  -0.490  -4.179  1.00 25.01 ? 61  ARG B NH2 1 
ATOM   490  N  N   . GLU A 1 78  ? 0.170   -7.396  -5.627  1.00 21.07 ? 62  GLU B N   1 
ATOM   491  C  CA  . GLU A 1 78  ? -0.977  -8.143  -5.076  1.00 21.39 ? 62  GLU B CA  1 
ATOM   492  C  C   . GLU A 1 78  ? -1.024  -7.880  -3.569  1.00 21.62 ? 62  GLU B C   1 
ATOM   493  O  O   . GLU A 1 78  ? -0.015  -8.132  -2.887  1.00 20.40 ? 62  GLU B O   1 
ATOM   494  C  CB  . GLU A 1 78  ? -0.826  -9.606  -5.452  1.00 22.94 ? 62  GLU B CB  1 
ATOM   495  C  CG  . GLU A 1 78  ? -1.025  -9.809  -6.937  1.00 25.76 ? 62  GLU B CG  1 
ATOM   496  C  CD  . GLU A 1 78  ? -0.954  -11.243 -7.435  1.00 28.60 ? 62  GLU B CD  1 
ATOM   497  O  OE1 . GLU A 1 78  ? -1.133  -11.448 -8.664  1.00 31.77 ? 62  GLU B OE1 1 
ATOM   498  O  OE2 . GLU A 1 78  ? -0.746  -12.151 -6.601  1.00 31.69 ? 62  GLU B OE2 1 
ATOM   499  N  N   . LEU A 1 79  ? -2.150  -7.360  -3.082  1.00 21.40 ? 63  LEU B N   1 
ATOM   500  C  CA  . LEU A 1 79  ? -2.466  -7.195  -1.632  1.00 21.26 ? 63  LEU B CA  1 
ATOM   501  C  C   . LEU A 1 79  ? -3.547  -8.207  -1.289  1.00 18.66 ? 63  LEU B C   1 
ATOM   502  O  O   . LEU A 1 79  ? -4.613  -8.154  -1.895  1.00 18.31 ? 63  LEU B O   1 
ATOM   503  C  CB  . LEU A 1 79  ? -2.942  -5.773  -1.325  1.00 24.90 ? 63  LEU B CB  1 
ATOM   504  C  CG  . LEU A 1 79  ? -1.896  -4.676  -1.473  1.00 28.30 ? 63  LEU B CG  1 
ATOM   505  C  CD1 . LEU A 1 79  ? -2.544  -3.324  -1.738  1.00 33.47 ? 63  LEU B CD1 1 
ATOM   506  C  CD2 . LEU A 1 79  ? -1.019  -4.608  -0.237  1.00 32.84 ? 63  LEU B CD2 1 
ATOM   507  N  N   . ASN A 1 80  ? -3.260  -9.129  -0.381  1.00 16.79 ? 64  ASN B N   1 
ATOM   508  C  CA  . ASN A 1 80  ? -4.268  -10.101 0.071   1.00 17.18 ? 64  ASN B CA  1 
ATOM   509  C  C   . ASN A 1 80  ? -4.766  -9.624  1.432   1.00 17.26 ? 64  ASN B C   1 
ATOM   510  O  O   . ASN A 1 80  ? -3.927  -9.394  2.306   1.00 17.13 ? 64  ASN B O   1 
ATOM   511  C  CB  . ASN A 1 80  ? -3.704  -11.507 0.126   1.00 16.90 ? 64  ASN B CB  1 
ATOM   512  C  CG  . ASN A 1 80  ? -4.777  -12.527 0.436   1.00 17.41 ? 64  ASN B CG  1 
ATOM   513  O  OD1 . ASN A 1 80  ? -5.050  -12.768 1.594   1.00 19.05 ? 64  ASN B OD1 1 
ATOM   514  N  ND2 . ASN A 1 80  ? -5.354  -13.151 -0.582  1.00 17.00 ? 64  ASN B ND2 1 
ATOM   515  N  N   . PHE A 1 81  ? -6.071  -9.413  1.568   1.00 16.98 ? 65  PHE B N   1 
ATOM   516  C  CA  . PHE A 1 81  ? -6.664  -8.812  2.780   1.00 17.60 ? 65  PHE B CA  1 
ATOM   517  C  C   . PHE A 1 81  ? -7.947  -9.541  3.092   1.00 18.46 ? 65  PHE B C   1 
ATOM   518  O  O   . PHE A 1 81  ? -8.594  -10.042 2.157   1.00 18.31 ? 65  PHE B O   1 
ATOM   519  C  CB  . PHE A 1 81  ? -6.951  -7.317  2.619   1.00 17.99 ? 65  PHE B CB  1 
ATOM   520  C  CG  . PHE A 1 81  ? -8.054  -7.022  1.645   1.00 18.33 ? 65  PHE B CG  1 
ATOM   521  C  CD1 . PHE A 1 81  ? -7.778  -6.876  0.303   1.00 17.22 ? 65  PHE B CD1 1 
ATOM   522  C  CD2 . PHE A 1 81  ? -9.369  -6.929  2.064   1.00 18.36 ? 65  PHE B CD2 1 
ATOM   523  C  CE1 . PHE A 1 81  ? -8.784  -6.606  -0.605  1.00 18.35 ? 65  PHE B CE1 1 
ATOM   524  C  CE2 . PHE A 1 81  ? -10.379 -6.699  1.152   1.00 18.10 ? 65  PHE B CE2 1 
ATOM   525  C  CZ  . PHE A 1 81  ? -10.085 -6.525  -0.177  1.00 18.59 ? 65  PHE B CZ  1 
ATOM   526  N  N   . SER A 1 82  ? -8.257  -9.576  4.390   1.00 20.13 ? 66  SER B N   1 
ATOM   527  C  CA  . SER A 1 82  ? -9.517  -10.090 4.968   1.00 21.40 ? 66  SER B CA  1 
ATOM   528  C  C   . SER A 1 82  ? -10.304 -8.917  5.577   1.00 20.77 ? 66  SER B C   1 
ATOM   529  O  O   . SER A 1 82  ? -9.676  -8.026  6.192   1.00 19.32 ? 66  SER B O   1 
ATOM   530  C  CB  . SER A 1 82  ? -9.200  -11.167 5.964   1.00 23.44 ? 66  SER B CB  1 
ATOM   531  O  OG  . SER A 1 82  ? -8.505  -12.226 5.329   1.00 22.86 ? 66  SER B OG  1 
ATOM   532  N  N   . SER A 1 83  ? -11.620 -8.898  5.357   1.00 19.83 ? 67  SER B N   1 
ATOM   533  C  CA  . SER A 1 83  ? -12.577 -7.943  5.959   1.00 20.20 ? 67  SER B CA  1 
ATOM   534  C  C   . SER A 1 83  ? -13.766 -8.709  6.537   1.00 21.41 ? 67  SER B C   1 
ATOM   535  O  O   . SER A 1 83  ? -14.519 -9.358  5.757   1.00 19.16 ? 67  SER B O   1 
ATOM   536  C  CB  . SER A 1 83  ? -13.053 -6.915  4.988   1.00 20.87 ? 67  SER B CB  1 
ATOM   537  O  OG  . SER A 1 83  ? -13.834 -5.942  5.661   1.00 20.12 ? 67  SER B OG  1 
ATOM   538  N  N   . THR A 1 84  ? -13.961 -8.574  7.846   1.00 22.42 ? 68  THR B N   1 
ATOM   539  C  CA  . THR A 1 84  ? -15.178 -9.070  8.527   1.00 26.94 ? 68  THR B CA  1 
ATOM   540  C  C   . THR A 1 84  ? -16.355 -8.229  8.016   1.00 25.55 ? 68  THR B C   1 
ATOM   541  O  O   . THR A 1 84  ? -17.387 -8.830  7.743   1.00 24.49 ? 68  THR B O   1 
ATOM   542  C  CB  . THR A 1 84  ? -15.036 -9.056  10.055  1.00 28.23 ? 68  THR B CB  1 
ATOM   543  O  OG1 . THR A 1 84  ? -15.209 -7.727  10.525  1.00 36.73 ? 68  THR B OG1 1 
ATOM   544  C  CG2 . THR A 1 84  ? -13.692 -9.521  10.539  1.00 26.89 ? 68  THR B CG2 1 
ATOM   545  N  N   . GLU A 1 85  ? -16.167 -6.909  7.843   1.00 24.17 ? 69  GLU B N   1 
ATOM   546  C  CA  . GLU A 1 85  ? -17.253 -5.962  7.469   1.00 25.41 ? 69  GLU B CA  1 
ATOM   547  C  C   . GLU A 1 85  ? -17.347 -5.845  5.941   1.00 24.66 ? 69  GLU B C   1 
ATOM   548  O  O   . GLU A 1 85  ? -16.321 -5.894  5.254   1.00 24.11 ? 69  GLU B O   1 
ATOM   549  C  CB  . GLU A 1 85  ? -17.046 -4.569  8.080   1.00 26.50 ? 69  GLU B CB  1 
ATOM   550  C  CG  . GLU A 1 85  ? -16.991 -4.538  9.603   1.00 26.22 ? 69  GLU B CG  1 
ATOM   551  C  CD  . GLU A 1 85  ? -18.192 -5.125  10.334  1.00 27.99 ? 69  GLU B CD  1 
ATOM   552  O  OE1 . GLU A 1 85  ? -19.314 -4.940  9.839   1.00 25.72 ? 69  GLU B OE1 1 
ATOM   553  O  OE2 . GLU A 1 85  ? -17.977 -5.800  11.383  1.00 29.22 ? 69  GLU B OE2 1 
ATOM   554  N  N   . GLN A 1 86  ? -18.568 -5.679  5.446   1.00 23.31 ? 70  GLN B N   1 
ATOM   555  C  CA  . GLN A 1 86  ? -18.885 -5.232  4.070   1.00 22.74 ? 70  GLN B CA  1 
ATOM   556  C  C   . GLN A 1 86  ? -18.298 -3.842  3.848   1.00 20.84 ? 70  GLN B C   1 
ATOM   557  O  O   . GLN A 1 86  ? -18.326 -3.010  4.758   1.00 19.64 ? 70  GLN B O   1 
ATOM   558  C  CB  . GLN A 1 86  ? -20.396 -5.137  3.889   1.00 24.04 ? 70  GLN B CB  1 
ATOM   559  C  CG  . GLN A 1 86  ? -20.846 -4.859  2.474   1.00 24.39 ? 70  GLN B CG  1 
ATOM   560  C  CD  . GLN A 1 86  ? -22.298 -5.269  2.338   1.00 26.16 ? 70  GLN B CD  1 
ATOM   561  O  OE1 . GLN A 1 86  ? -22.653 -6.428  2.558   1.00 26.56 ? 70  GLN B OE1 1 
ATOM   562  N  NE2 . GLN A 1 86  ? -23.153 -4.317  1.995   1.00 23.65 ? 70  GLN B NE2 1 
ATOM   563  N  N   . MET A 1 87  ? -17.777 -3.619  2.665   1.00 21.29 ? 71  MET B N   1 
ATOM   564  C  CA  . MET A 1 87  ? -17.410 -2.268  2.196   1.00 23.47 ? 71  MET B CA  1 
ATOM   565  C  C   . MET A 1 87  ? -18.041 -2.094  0.825   1.00 22.23 ? 71  MET B C   1 
ATOM   566  O  O   . MET A 1 87  ? -17.987 -3.034  0.034   1.00 22.29 ? 71  MET B O   1 
ATOM   567  C  CB  . MET A 1 87  ? -15.895 -2.097  2.119   1.00 24.81 ? 71  MET B CB  1 
ATOM   568  C  CG  . MET A 1 87  ? -15.277 -1.942  3.486   1.00 25.97 ? 71  MET B CG  1 
ATOM   569  S  SD  . MET A 1 87  ? -13.544 -1.471  3.376   1.00 27.84 ? 71  MET B SD  1 
ATOM   570  C  CE  . MET A 1 87  ? -12.835 -3.112  3.366   1.00 26.20 ? 71  MET B CE  1 
ATOM   571  N  N   . GLU A 1 88  ? -18.643 -0.935  0.633   1.00 22.55 ? 72  GLU B N   1 
ATOM   572  C  CA  . GLU A 1 88  ? -19.372 -0.522  -0.579  1.00 24.33 ? 72  GLU B CA  1 
ATOM   573  C  C   . GLU A 1 88  ? -18.352 -0.222  -1.662  1.00 24.21 ? 72  GLU B C   1 
ATOM   574  O  O   . GLU A 1 88  ? -18.576 -0.651  -2.793  1.00 23.79 ? 72  GLU B O   1 
ATOM   575  C  CB  . GLU A 1 88  ? -20.216 0.706   -0.247  1.00 26.29 ? 72  GLU B CB  1 
ATOM   576  C  CG  . GLU A 1 88  ? -21.321 0.368   0.706   1.00 27.07 ? 72  GLU B CG  1 
ATOM   577  C  CD  . GLU A 1 88  ? -22.165 -0.818  0.269   1.00 30.10 ? 72  GLU B CD  1 
ATOM   578  O  OE1 . GLU A 1 88  ? -22.414 -1.709  1.108   1.00 32.06 ? 72  GLU B OE1 1 
ATOM   579  O  OE2 . GLU A 1 88  ? -22.556 -0.853  -0.917  1.00 35.44 ? 72  GLU B OE2 1 
ATOM   580  N  N   . LYS A 1 89  ? -17.250 0.439   -1.289  1.00 23.06 ? 73  LYS B N   1 
ATOM   581  C  CA  . LYS A 1 89  ? -16.234 0.879   -2.268  1.00 23.09 ? 73  LYS B CA  1 
ATOM   582  C  C   . LYS A 1 89  ? -14.893 1.034   -1.558  1.00 21.38 ? 73  LYS B C   1 
ATOM   583  O  O   . LYS A 1 89  ? -14.492 2.175   -1.243  1.00 19.77 ? 73  LYS B O   1 
ATOM   584  C  CB  . LYS A 1 89  ? -16.675 2.175   -2.945  1.00 26.32 ? 73  LYS B CB  1 
ATOM   585  C  CG  . LYS A 1 89  ? -15.917 2.498   -4.216  1.00 28.40 ? 73  LYS B CG  1 
ATOM   586  C  CD  . LYS A 1 89  ? -15.657 3.965   -4.350  1.00 32.91 ? 73  LYS B CD  1 
ATOM   587  C  CE  . LYS A 1 89  ? -15.910 4.497   -5.741  1.00 33.78 ? 73  LYS B CE  1 
ATOM   588  N  NZ  . LYS A 1 89  ? -16.285 5.929   -5.649  1.00 37.23 ? 73  LYS B NZ  1 
ATOM   589  N  N   . PHE A 1 90  ? -14.216 -0.088  -1.340  1.00 19.98 ? 74  PHE B N   1 
ATOM   590  C  CA  . PHE A 1 90  ? -12.883 -0.108  -0.703  1.00 19.04 ? 74  PHE B CA  1 
ATOM   591  C  C   . PHE A 1 90  ? -11.929 0.561   -1.688  1.00 18.11 ? 74  PHE B C   1 
ATOM   592  O  O   . PHE A 1 90  ? -11.935 0.160   -2.896  1.00 16.00 ? 74  PHE B O   1 
ATOM   593  C  CB  . PHE A 1 90  ? -12.516 -1.541  -0.329  1.00 20.57 ? 74  PHE B CB  1 
ATOM   594  C  CG  . PHE A 1 90  ? -11.172 -1.713  0.325   1.00 20.40 ? 74  PHE B CG  1 
ATOM   595  C  CD1 . PHE A 1 90  ? -10.646 -0.747  1.160   1.00 22.63 ? 74  PHE B CD1 1 
ATOM   596  C  CD2 . PHE A 1 90  ? -10.462 -2.887  0.151   1.00 22.37 ? 74  PHE B CD2 1 
ATOM   597  C  CE1 . PHE A 1 90  ? -9.433  -0.957  1.802   1.00 24.88 ? 74  PHE B CE1 1 
ATOM   598  C  CE2 . PHE A 1 90  ? -9.239  -3.085  0.773   1.00 21.42 ? 74  PHE B CE2 1 
ATOM   599  C  CZ  . PHE A 1 90  ? -8.731  -2.126  1.602   1.00 22.30 ? 74  PHE B CZ  1 
ATOM   600  N  N   . ARG A 1 91  ? -11.223 1.594   -1.232  1.00 17.20 ? 75  ARG B N   1 
ATOM   601  C  CA  . ARG A 1 91  ? -10.165 2.243   -2.037  1.00 19.78 ? 75  ARG B CA  1 
ATOM   602  C  C   . ARG A 1 91  ? -8.996  2.649   -1.153  1.00 17.99 ? 75  ARG B C   1 
ATOM   603  O  O   . ARG A 1 91  ? -9.153  2.717   0.065   1.00 19.82 ? 75  ARG B O   1 
ATOM   604  C  CB  . ARG A 1 91  ? -10.694 3.435   -2.850  1.00 20.31 ? 75  ARG B CB  1 
ATOM   605  C  CG  . ARG A 1 91  ? -11.604 4.382   -2.102  1.00 21.96 ? 75  ARG B CG  1 
ATOM   606  C  CD  . ARG A 1 91  ? -12.155 5.536   -2.924  1.00 22.14 ? 75  ARG B CD  1 
ATOM   607  N  NE  . ARG A 1 91  ? -12.323 6.651   -1.994  1.00 21.77 ? 75  ARG B NE  1 
ATOM   608  C  CZ  . ARG A 1 91  ? -11.402 7.549   -1.684  1.00 21.16 ? 75  ARG B CZ  1 
ATOM   609  N  NH1 . ARG A 1 91  ? -10.225 7.516   -2.272  1.00 23.21 ? 75  ARG B NH1 1 
ATOM   610  N  NH2 . ARG A 1 91  ? -11.663 8.482   -0.780  1.00 22.84 ? 75  ARG B NH2 1 
ATOM   611  N  N   . LEU A 1 92  ? -7.865  2.893   -1.801  1.00 17.71 ? 76  LEU B N   1 
ATOM   612  C  CA  . LEU A 1 92  ? -6.594  3.335   -1.190  1.00 18.16 ? 76  LEU B CA  1 
ATOM   613  C  C   . LEU A 1 92  ? -6.170  4.632   -1.860  1.00 17.21 ? 76  LEU B C   1 
ATOM   614  O  O   . LEU A 1 92  ? -6.401  4.792   -3.086  1.00 17.48 ? 76  LEU B O   1 
ATOM   615  C  CB  . LEU A 1 92  ? -5.498  2.292   -1.405  1.00 18.88 ? 76  LEU B CB  1 
ATOM   616  C  CG  . LEU A 1 92  ? -5.711  0.939   -0.747  1.00 20.62 ? 76  LEU B CG  1 
ATOM   617  C  CD1 . LEU A 1 92  ? -4.555  0.014   -1.086  1.00 19.94 ? 76  LEU B CD1 1 
ATOM   618  C  CD2 . LEU A 1 92  ? -5.846  1.072   0.766   1.00 21.67 ? 76  LEU B CD2 1 
ATOM   619  N  N   . GLU A 1 93  ? -5.569  5.501   -1.071  1.00 16.51 ? 77  GLU B N   1 
ATOM   620  C  CA  . GLU A 1 93  ? -4.817  6.692   -1.512  1.00 17.68 ? 77  GLU B CA  1 
ATOM   621  C  C   . GLU A 1 93  ? -3.418  6.506   -0.939  1.00 18.63 ? 77  GLU B C   1 
ATOM   622  O  O   . GLU A 1 93  ? -3.265  6.296   0.289   1.00 17.43 ? 77  GLU B O   1 
ATOM   623  C  CB  . GLU A 1 93  ? -5.437  7.992   -1.025  1.00 18.88 ? 77  GLU B CB  1 
ATOM   624  C  CG  . GLU A 1 93  ? -6.937  8.088   -1.201  1.00 20.77 ? 77  GLU B CG  1 
ATOM   625  C  CD  . GLU A 1 93  ? -7.504  9.381   -0.634  1.00 24.04 ? 77  GLU B CD  1 
ATOM   626  O  OE1 . GLU A 1 93  ? -6.748  10.103  0.076   1.00 27.02 ? 77  GLU B OE1 1 
ATOM   627  O  OE2 . GLU A 1 93  ? -8.708  9.671   -0.890  1.00 25.13 ? 77  GLU B OE2 1 
ATOM   628  N  N   . GLN A 1 94  ? -2.424  6.522   -1.802  1.00 19.16 ? 78  GLN B N   1 
ATOM   629  C  CA  . GLN A 1 94  ? -1.033  6.343   -1.359  1.00 21.37 ? 78  GLN B CA  1 
ATOM   630  C  C   . GLN A 1 94  ? -0.283  7.588   -1.787  1.00 21.68 ? 78  GLN B C   1 
ATOM   631  O  O   . GLN A 1 94  ? -0.493  8.045   -2.924  1.00 22.90 ? 78  GLN B O   1 
ATOM   632  C  CB  . GLN A 1 94  ? -0.515  5.016   -1.901  1.00 22.18 ? 78  GLN B CB  1 
ATOM   633  C  CG  . GLN A 1 94  ? -1.270  3.833   -1.313  1.00 22.40 ? 78  GLN B CG  1 
ATOM   634  C  CD  . GLN A 1 94  ? -0.545  2.564   -1.656  1.00 22.61 ? 78  GLN B CD  1 
ATOM   635  O  OE1 . GLN A 1 94  ? -0.344  2.273   -2.836  1.00 24.62 ? 78  GLN B OE1 1 
ATOM   636  N  NE2 . GLN A 1 94  ? -0.054  1.873   -0.640  1.00 19.58 ? 78  GLN B NE2 1 
ATOM   637  N  N   . LYS A 1 95  ? 0.462   8.154   -0.851  1.00 22.79 ? 79  LYS B N   1 
ATOM   638  C  CA  . LYS A 1 95  ? 1.374   9.297   -1.073  1.00 25.16 ? 79  LYS B CA  1 
ATOM   639  C  C   . LYS A 1 95  ? 2.785   8.821   -0.711  1.00 23.30 ? 79  LYS B C   1 
ATOM   640  O  O   . LYS A 1 95  ? 2.986   8.267   0.400   1.00 21.09 ? 79  LYS B O   1 
ATOM   641  C  CB  . LYS A 1 95  ? 0.904   10.499  -0.246  1.00 27.83 ? 79  LYS B CB  1 
ATOM   642  C  CG  . LYS A 1 95  ? -0.325  11.219  -0.791  1.00 31.97 ? 79  LYS B CG  1 
ATOM   643  C  CD  . LYS A 1 95  ? -0.816  12.360  0.097   1.00 35.57 ? 79  LYS B CD  1 
ATOM   644  C  CE  . LYS A 1 95  ? -1.849  13.263  -0.556  1.00 41.10 ? 79  LYS B CE  1 
ATOM   645  N  NZ  . LYS A 1 95  ? -2.806  12.522  -1.427  1.00 44.03 ? 79  LYS B NZ  1 
ATOM   646  N  N   . VAL A 1 96  ? 3.712   8.990   -1.635  1.00 21.68 ? 80  VAL B N   1 
ATOM   647  C  CA  . VAL A 1 96  ? 5.151   8.726   -1.433  1.00 23.64 ? 80  VAL B CA  1 
ATOM   648  C  C   . VAL A 1 96  ? 5.789   10.051  -0.996  1.00 23.34 ? 80  VAL B C   1 
ATOM   649  O  O   . VAL A 1 96  ? 5.707   11.066  -1.747  1.00 22.36 ? 80  VAL B O   1 
ATOM   650  C  CB  . VAL A 1 96  ? 5.796   8.154   -2.705  1.00 26.56 ? 80  VAL B CB  1 
ATOM   651  C  CG1 . VAL A 1 96  ? 7.256   7.817   -2.464  1.00 27.83 ? 80  VAL B CG1 1 
ATOM   652  C  CG2 . VAL A 1 96  ? 5.051   6.934   -3.216  1.00 28.26 ? 80  VAL B CG2 1 
ATOM   653  N  N   . TYR A 1 97  ? 6.355   10.066  0.202   1.00 21.98 ? 81  TYR B N   1 
ATOM   654  C  CA  . TYR A 1 97  ? 7.067   11.250  0.739   1.00 22.59 ? 81  TYR B CA  1 
ATOM   655  C  C   . TYR A 1 97  ? 8.555   10.966  0.747   1.00 22.79 ? 81  TYR B C   1 
ATOM   656  O  O   . TYR A 1 97  ? 8.966   9.900   1.212   1.00 21.14 ? 81  TYR B O   1 
ATOM   657  C  CB  . TYR A 1 97  ? 6.616   11.612  2.153   1.00 24.01 ? 81  TYR B CB  1 
ATOM   658  C  CG  . TYR A 1 97  ? 5.212   12.135  2.220   1.00 26.33 ? 81  TYR B CG  1 
ATOM   659  C  CD1 . TYR A 1 97  ? 4.147   11.274  2.449   1.00 28.29 ? 81  TYR B CD1 1 
ATOM   660  C  CD2 . TYR A 1 97  ? 4.940   13.485  2.022   1.00 28.25 ? 81  TYR B CD2 1 
ATOM   661  C  CE1 . TYR A 1 97  ? 2.843   11.748  2.506   1.00 32.08 ? 81  TYR B CE1 1 
ATOM   662  C  CE2 . TYR A 1 97  ? 3.640   13.970  2.054   1.00 30.47 ? 81  TYR B CE2 1 
ATOM   663  C  CZ  . TYR A 1 97  ? 2.590   13.097  2.290   1.00 32.12 ? 81  TYR B CZ  1 
ATOM   664  O  OH  . TYR A 1 97  ? 1.311   13.563  2.350   1.00 38.67 ? 81  TYR B OH  1 
ATOM   665  N  N   . PHE A 1 98  ? 9.309   11.934  0.247   1.00 24.49 ? 82  PHE B N   1 
ATOM   666  C  CA  . PHE A 1 98  ? 10.778  11.993  0.312   1.00 24.74 ? 82  PHE B CA  1 
ATOM   667  C  C   . PHE A 1 98  ? 11.148  13.322  0.956   1.00 25.93 ? 82  PHE B C   1 
ATOM   668  O  O   . PHE A 1 98  ? 10.809  14.377  0.412   1.00 21.30 ? 82  PHE B O   1 
ATOM   669  C  CB  . PHE A 1 98  ? 11.361  11.824  -1.085  1.00 25.84 ? 82  PHE B CB  1 
ATOM   670  C  CG  . PHE A 1 98  ? 12.853  11.978  -1.130  1.00 27.29 ? 82  PHE B CG  1 
ATOM   671  C  CD1 . PHE A 1 98  ? 13.664  11.069  -0.476  1.00 26.05 ? 82  PHE B CD1 1 
ATOM   672  C  CD2 . PHE A 1 98  ? 13.433  13.032  -1.821  1.00 28.77 ? 82  PHE B CD2 1 
ATOM   673  C  CE1 . PHE A 1 98  ? 15.042  11.215  -0.502  1.00 29.19 ? 82  PHE B CE1 1 
ATOM   674  C  CE2 . PHE A 1 98  ? 14.814  13.172  -1.858  1.00 30.46 ? 82  PHE B CE2 1 
ATOM   675  C  CZ  . PHE A 1 98  ? 15.613  12.266  -1.196  1.00 28.33 ? 82  PHE B CZ  1 
ATOM   676  N  N   . LYS A 1 99  ? 11.804  13.237  2.111   1.00 28.56 ? 83  LYS B N   1 
ATOM   677  C  CA  . LYS A 1 99  ? 12.306  14.389  2.889   1.00 28.64 ? 83  LYS B CA  1 
ATOM   678  C  C   . LYS A 1 99  ? 11.188  15.421  3.036   1.00 28.83 ? 83  LYS B C   1 
ATOM   679  O  O   . LYS A 1 99  ? 11.453  16.613  2.828   1.00 31.17 ? 83  LYS B O   1 
ATOM   680  C  CB  . LYS A 1 99  ? 13.580  14.924  2.238   1.00 28.63 ? 83  LYS B CB  1 
ATOM   681  C  CG  . LYS A 1 99  ? 14.704  13.917  2.332   1.00 31.32 ? 83  LYS B CG  1 
ATOM   682  C  CD  . LYS A 1 99  ? 15.940  14.331  1.667   1.00 32.61 ? 83  LYS B CD  1 
ATOM   683  C  CE  . LYS A 1 99  ? 17.104  13.492  2.137   1.00 33.34 ? 83  LYS B CE  1 
ATOM   684  N  NZ  . LYS A 1 99  ? 18.365  14.186  1.818   1.00 37.69 ? 83  LYS B NZ  1 
ATOM   685  N  N   . GLY A 1 100 ? 9.989   14.956  3.390   1.00 31.21 ? 84  GLY B N   1 
ATOM   686  C  CA  . GLY A 1 100 ? 8.842   15.809  3.763   1.00 32.56 ? 84  GLY B CA  1 
ATOM   687  C  C   . GLY A 1 100 ? 8.048   16.251  2.546   1.00 33.92 ? 84  GLY B C   1 
ATOM   688  O  O   . GLY A 1 100 ? 6.980   16.874  2.733   1.00 34.87 ? 84  GLY B O   1 
ATOM   689  N  N   . GLN A 1 101 ? 8.546   15.960  1.342   1.00 34.35 ? 85  GLN B N   1 
ATOM   690  C  CA  . GLN A 1 101 ? 7.953   16.439  0.066   1.00 34.69 ? 85  GLN B CA  1 
ATOM   691  C  C   . GLN A 1 101 ? 7.211   15.274  -0.598  1.00 33.52 ? 85  GLN B C   1 
ATOM   692  O  O   . GLN A 1 101 ? 7.817   14.185  -0.749  1.00 25.19 ? 85  GLN B O   1 
ATOM   693  C  CB  . GLN A 1 101 ? 9.032   17.022  -0.847  1.00 37.24 ? 85  GLN B CB  1 
ATOM   694  C  CG  . GLN A 1 101 ? 9.767   18.224  -0.249  1.00 38.21 ? 85  GLN B CG  1 
ATOM   695  C  CD  . GLN A 1 101 ? 8.847   19.372  0.085   1.00 43.07 ? 85  GLN B CD  1 
ATOM   696  O  OE1 . GLN A 1 101 ? 8.805   19.835  1.221   1.00 45.91 ? 85  GLN B OE1 1 
ATOM   697  N  NE2 . GLN A 1 101 ? 8.080   19.839  -0.892  1.00 45.43 ? 85  GLN B NE2 1 
ATOM   698  N  N   . CYS A 1 102 ? 5.939   15.483  -0.952  1.00 32.26 ? 86  CYS B N   1 
ATOM   699  C  CA  . CYS A 1 102 ? 5.136   14.467  -1.677  1.00 33.91 ? 86  CYS B CA  1 
ATOM   700  C  C   . CYS A 1 102 ? 5.656   14.370  -3.107  1.00 32.26 ? 86  CYS B C   1 
ATOM   701  O  O   . CYS A 1 102 ? 5.419   15.293  -3.895  1.00 36.20 ? 86  CYS B O   1 
ATOM   702  C  CB  . CYS A 1 102 ? 3.636   14.743  -1.698  1.00 34.84 ? 86  CYS B CB  1 
ATOM   703  S  SG  . CYS A 1 102 ? 2.724   13.375  -2.468  1.00 33.43 ? 86  CYS B SG  1 
ATOM   704  N  N   . LEU A 1 103 ? 6.303   13.261  -3.437  1.00 34.46 ? 87  LEU B N   1 
ATOM   705  C  CA  . LEU A 1 103 ? 6.851   13.027  -4.794  1.00 34.93 ? 87  LEU B CA  1 
ATOM   706  C  C   . LEU A 1 103 ? 5.757   12.426  -5.667  1.00 33.83 ? 87  LEU B C   1 
ATOM   707  O  O   . LEU A 1 103 ? 5.682   12.820  -6.817  1.00 32.36 ? 87  LEU B O   1 
ATOM   708  C  CB  . LEU A 1 103 ? 8.067   12.096  -4.735  1.00 38.39 ? 87  LEU B CB  1 
ATOM   709  C  CG  . LEU A 1 103 ? 9.322   12.673  -4.068  1.00 40.43 ? 87  LEU B CG  1 
ATOM   710  C  CD1 . LEU A 1 103 ? 10.554  11.939  -4.563  1.00 42.50 ? 87  LEU B CD1 1 
ATOM   711  C  CD2 . LEU A 1 103 ? 9.469   14.179  -4.298  1.00 40.88 ? 87  LEU B CD2 1 
ATOM   712  N  N   . GLU A 1 104 ? 4.962   11.493  -5.142  1.00 32.28 ? 88  GLU B N   1 
ATOM   713  C  CA  . GLU A 1 104 ? 3.964   10.754  -5.957  1.00 33.13 ? 88  GLU B CA  1 
ATOM   714  C  C   . GLU A 1 104 ? 2.648   10.569  -5.190  1.00 32.57 ? 88  GLU B C   1 
ATOM   715  O  O   . GLU A 1 104 ? 2.686   10.313  -3.982  1.00 27.75 ? 88  GLU B O   1 
ATOM   716  C  CB  . GLU A 1 104 ? 4.482   9.371   -6.335  1.00 37.99 ? 88  GLU B CB  1 
ATOM   717  C  CG  . GLU A 1 104 ? 5.583   9.370   -7.374  1.00 45.18 ? 88  GLU B CG  1 
ATOM   718  C  CD  . GLU A 1 104 ? 5.503   8.208   -8.350  1.00 47.54 ? 88  GLU B CD  1 
ATOM   719  O  OE1 . GLU A 1 104 ? 4.488   8.138   -9.096  1.00 54.10 ? 88  GLU B OE1 1 
ATOM   720  O  OE2 . GLU A 1 104 ? 6.437   7.375   -8.361  1.00 54.04 ? 88  GLU B OE2 1 
ATOM   721  N  N   . GLU A 1 105 ? 1.534   10.623  -5.916  1.00 30.77 ? 89  GLU B N   1 
ATOM   722  C  CA  . GLU A 1 105 ? 0.162   10.389  -5.425  1.00 31.23 ? 89  GLU B CA  1 
ATOM   723  C  C   . GLU A 1 105 ? -0.476  9.266   -6.244  1.00 28.06 ? 89  GLU B C   1 
ATOM   724  O  O   . GLU A 1 105 ? -0.515  9.401   -7.472  1.00 29.05 ? 89  GLU B O   1 
ATOM   725  C  CB  . GLU A 1 105 ? -0.631  11.671  -5.628  1.00 34.92 ? 89  GLU B CB  1 
ATOM   726  C  CG  . GLU A 1 105 ? -1.378  12.092  -4.402  1.00 41.18 ? 89  GLU B CG  1 
ATOM   727  C  CD  . GLU A 1 105 ? -1.853  13.527  -4.438  1.00 42.83 ? 89  GLU B CD  1 
ATOM   728  O  OE1 . GLU A 1 105 ? -1.232  14.319  -5.169  1.00 45.67 ? 89  GLU B OE1 1 
ATOM   729  O  OE2 . GLU A 1 105 ? -2.822  13.842  -3.717  1.00 48.88 ? 89  GLU B OE2 1 
ATOM   730  N  N   . TRP A 1 106 ? -0.911  8.188   -5.599  1.00 26.28 ? 90  TRP B N   1 
ATOM   731  C  CA  . TRP A 1 106 ? -1.592  7.047   -6.263  1.00 25.19 ? 90  TRP B CA  1 
ATOM   732  C  C   . TRP A 1 106 ? -3.001  6.903   -5.677  1.00 23.11 ? 90  TRP B C   1 
ATOM   733  O  O   . TRP A 1 106 ? -3.182  7.092   -4.444  1.00 18.99 ? 90  TRP B O   1 
ATOM   734  C  CB  . TRP A 1 106 ? -0.787  5.758   -6.107  1.00 26.68 ? 90  TRP B CB  1 
ATOM   735  C  CG  . TRP A 1 106 ? 0.591   5.758   -6.691  1.00 30.28 ? 90  TRP B CG  1 
ATOM   736  C  CD1 . TRP A 1 106 ? 1.008   6.371   -7.839  1.00 32.30 ? 90  TRP B CD1 1 
ATOM   737  C  CD2 . TRP A 1 106 ? 1.733   5.040   -6.179  1.00 32.34 ? 90  TRP B CD2 1 
ATOM   738  N  NE1 . TRP A 1 106 ? 2.337   6.129   -8.045  1.00 33.13 ? 90  TRP B NE1 1 
ATOM   739  C  CE2 . TRP A 1 106 ? 2.811   5.312   -7.046  1.00 34.03 ? 90  TRP B CE2 1 
ATOM   740  C  CE3 . TRP A 1 106 ? 1.957   4.199   -5.076  1.00 34.49 ? 90  TRP B CE3 1 
ATOM   741  C  CZ2 . TRP A 1 106 ? 4.082   4.766   -6.842  1.00 33.05 ? 90  TRP B CZ2 1 
ATOM   742  C  CZ3 . TRP A 1 106 ? 3.216   3.662   -4.875  1.00 32.94 ? 90  TRP B CZ3 1 
ATOM   743  C  CH2 . TRP A 1 106 ? 4.262   3.946   -5.751  1.00 32.00 ? 90  TRP B CH2 1 
ATOM   744  N  N   . PHE A 1 107 ? -3.980  6.617   -6.535  1.00 21.02 ? 91  PHE B N   1 
ATOM   745  C  CA  . PHE A 1 107 ? -5.372  6.288   -6.153  1.00 19.73 ? 91  PHE B CA  1 
ATOM   746  C  C   . PHE A 1 107 ? -5.703  4.926   -6.741  1.00 21.48 ? 91  PHE B C   1 
ATOM   747  O  O   . PHE A 1 107 ? -5.551  4.791   -7.957  1.00 21.65 ? 91  PHE B O   1 
ATOM   748  C  CB  . PHE A 1 107 ? -6.346  7.363   -6.648  1.00 20.45 ? 91  PHE B CB  1 
ATOM   749  C  CG  . PHE A 1 107 ? -6.014  8.727   -6.110  1.00 21.44 ? 91  PHE B CG  1 
ATOM   750  C  CD1 . PHE A 1 107 ? -5.196  9.593   -6.830  1.00 22.12 ? 91  PHE B CD1 1 
ATOM   751  C  CD2 . PHE A 1 107 ? -6.427  9.107   -4.842  1.00 20.49 ? 91  PHE B CD2 1 
ATOM   752  C  CE1 . PHE A 1 107 ? -4.847  10.839  -6.319  1.00 21.41 ? 91  PHE B CE1 1 
ATOM   753  C  CE2 . PHE A 1 107 ? -6.086  10.358  -4.340  1.00 21.62 ? 91  PHE B CE2 1 
ATOM   754  C  CZ  . PHE A 1 107 ? -5.294  11.217  -5.070  1.00 21.84 ? 91  PHE B CZ  1 
ATOM   755  N  N   . PHE A 1 108 ? -6.082  3.961   -5.902  1.00 20.59 ? 92  PHE B N   1 
ATOM   756  C  CA  . PHE A 1 108 ? -6.482  2.597   -6.308  1.00 21.23 ? 92  PHE B CA  1 
ATOM   757  C  C   . PHE A 1 108 ? -7.882  2.326   -5.788  1.00 19.62 ? 92  PHE B C   1 
ATOM   758  O  O   . PHE A 1 108 ? -8.219  2.772   -4.683  1.00 21.20 ? 92  PHE B O   1 
ATOM   759  C  CB  . PHE A 1 108 ? -5.522  1.543   -5.762  1.00 22.86 ? 92  PHE B CB  1 
ATOM   760  C  CG  . PHE A 1 108 ? -4.087  1.809   -6.106  1.00 24.44 ? 92  PHE B CG  1 
ATOM   761  C  CD1 . PHE A 1 108 ? -3.592  1.450   -7.348  1.00 25.82 ? 92  PHE B CD1 1 
ATOM   762  C  CD2 . PHE A 1 108 ? -3.232  2.425   -5.197  1.00 25.76 ? 92  PHE B CD2 1 
ATOM   763  C  CE1 . PHE A 1 108 ? -2.266  1.692   -7.669  1.00 25.86 ? 92  PHE B CE1 1 
ATOM   764  C  CE2 . PHE A 1 108 ? -1.909  2.670   -5.528  1.00 23.13 ? 92  PHE B CE2 1 
ATOM   765  C  CZ  . PHE A 1 108 ? -1.434  2.305   -6.767  1.00 24.53 ? 92  PHE B CZ  1 
ATOM   766  N  N   . GLU A 1 109 ? -8.668  1.604   -6.568  1.00 20.56 ? 93  GLU B N   1 
ATOM   767  C  CA  . GLU A 1 109 ? -10.058 1.223   -6.198  1.00 22.56 ? 93  GLU B CA  1 
ATOM   768  C  C   . GLU A 1 109 ? -10.204 -0.288  -6.314  1.00 20.25 ? 93  GLU B C   1 
ATOM   769  O  O   . GLU A 1 109 ? -9.882  -0.832  -7.406  1.00 17.78 ? 93  GLU B O   1 
ATOM   770  C  CB  . GLU A 1 109 ? -11.081 1.910   -7.099  1.00 27.59 ? 93  GLU B CB  1 
ATOM   771  C  CG  . GLU A 1 109 ? -12.525 1.655   -6.666  1.00 32.07 ? 93  GLU B CG  1 
ATOM   772  C  CD  . GLU A 1 109 ? -13.550 1.846   -7.781  1.00 39.53 ? 93  GLU B CD  1 
ATOM   773  O  OE1 . GLU A 1 109 ? -14.642 1.224   -7.701  1.00 46.89 ? 93  GLU B OE1 1 
ATOM   774  O  OE2 . GLU A 1 109 ? -13.231 2.554   -8.768  1.00 40.35 ? 93  GLU B OE2 1 
ATOM   775  N  N   . PHE A 1 110 ? -10.656 -0.936  -5.242  1.00 18.73 ? 94  PHE B N   1 
ATOM   776  C  CA  . PHE A 1 110 ? -11.042 -2.372  -5.247  1.00 20.53 ? 94  PHE B CA  1 
ATOM   777  C  C   . PHE A 1 110 ? -12.533 -2.471  -5.582  1.00 21.79 ? 94  PHE B C   1 
ATOM   778  O  O   . PHE A 1 110 ? -12.916 -3.287  -6.413  1.00 21.79 ? 94  PHE B O   1 
ATOM   779  C  CB  . PHE A 1 110 ? -10.741 -3.038  -3.896  1.00 19.45 ? 94  PHE B CB  1 
ATOM   780  C  CG  . PHE A 1 110 ? -11.075 -4.511  -3.854  1.00 20.20 ? 94  PHE B CG  1 
ATOM   781  C  CD1 . PHE A 1 110 ? -10.164 -5.456  -4.297  1.00 20.23 ? 94  PHE B CD1 1 
ATOM   782  C  CD2 . PHE A 1 110 ? -12.301 -4.961  -3.393  1.00 20.92 ? 94  PHE B CD2 1 
ATOM   783  C  CE1 . PHE A 1 110 ? -10.469 -6.809  -4.260  1.00 21.10 ? 94  PHE B CE1 1 
ATOM   784  C  CE2 . PHE A 1 110 ? -12.609 -6.314  -3.362  1.00 21.15 ? 94  PHE B CE2 1 
ATOM   785  C  CZ  . PHE A 1 110 ? -11.698 -7.240  -3.805  1.00 21.38 ? 94  PHE B CZ  1 
ATOM   786  N  N   . GLY A 1 111 ? -13.343 -1.689  -4.869  1.00 21.32 ? 95  GLY B N   1 
ATOM   787  C  CA  . GLY A 1 111 ? -14.811 -1.682  -4.953  1.00 21.87 ? 95  GLY B CA  1 
ATOM   788  C  C   . GLY A 1 111 ? -15.461 -2.456  -3.810  1.00 21.46 ? 95  GLY B C   1 
ATOM   789  O  O   . GLY A 1 111 ? -15.006 -2.358  -2.659  1.00 20.03 ? 95  GLY B O   1 
ATOM   790  N  N   . PHE A 1 112 ? -16.497 -3.223  -4.134  1.00 21.55 ? 96  PHE B N   1 
ATOM   791  C  CA  . PHE A 1 112 ? -17.390 -3.911  -3.171  1.00 22.36 ? 96  PHE B CA  1 
ATOM   792  C  C   . PHE A 1 112 ? -16.634 -5.045  -2.468  1.00 21.42 ? 96  PHE B C   1 
ATOM   793  O  O   . PHE A 1 112 ? -16.027 -5.888  -3.148  1.00 20.15 ? 96  PHE B O   1 
ATOM   794  C  CB  . PHE A 1 112 ? -18.633 -4.465  -3.873  1.00 22.31 ? 96  PHE B CB  1 
ATOM   795  C  CG  . PHE A 1 112 ? -19.627 -5.037  -2.903  1.00 23.89 ? 96  PHE B CG  1 
ATOM   796  C  CD1 . PHE A 1 112 ? -20.472 -4.205  -2.183  1.00 24.24 ? 96  PHE B CD1 1 
ATOM   797  C  CD2 . PHE A 1 112 ? -19.682 -6.395  -2.664  1.00 26.03 ? 96  PHE B CD2 1 
ATOM   798  C  CE1 . PHE A 1 112 ? -21.387 -4.727  -1.284  1.00 25.02 ? 96  PHE B CE1 1 
ATOM   799  C  CE2 . PHE A 1 112 ? -20.579 -6.912  -1.738  1.00 26.72 ? 96  PHE B CE2 1 
ATOM   800  C  CZ  . PHE A 1 112 ? -21.422 -6.078  -1.050  1.00 25.27 ? 96  PHE B CZ  1 
ATOM   801  N  N   . VAL A 1 113 ? -16.672 -5.073  -1.135  1.00 21.87 ? 97  VAL B N   1 
ATOM   802  C  CA  . VAL A 1 113 ? -16.026 -6.161  -0.341  1.00 22.14 ? 97  VAL B CA  1 
ATOM   803  C  C   . VAL A 1 113 ? -17.127 -6.939  0.366   1.00 20.84 ? 97  VAL B C   1 
ATOM   804  O  O   . VAL A 1 113 ? -17.803 -6.333  1.219   1.00 24.15 ? 97  VAL B O   1 
ATOM   805  C  CB  . VAL A 1 113 ? -14.993 -5.634  0.667   1.00 20.93 ? 97  VAL B CB  1 
ATOM   806  C  CG1 . VAL A 1 113 ? -14.381 -6.771  1.474   1.00 21.63 ? 97  VAL B CG1 1 
ATOM   807  C  CG2 . VAL A 1 113 ? -13.928 -4.798  -0.018  1.00 21.16 ? 97  VAL B CG2 1 
ATOM   808  N  N   . ILE A 1 114 ? -17.330 -8.196  -0.017  1.00 23.53 ? 98  ILE B N   1 
ATOM   809  C  CA  . ILE A 1 114 ? -18.299 -9.116  0.646   1.00 25.59 ? 98  ILE B CA  1 
ATOM   810  C  C   . ILE A 1 114 ? -17.845 -9.248  2.099   1.00 28.04 ? 98  ILE B C   1 
ATOM   811  O  O   . ILE A 1 114 ? -16.651 -9.396  2.364   1.00 23.75 ? 98  ILE B O   1 
ATOM   812  C  CB  . ILE A 1 114 ? -18.369 -10.461 -0.104  1.00 29.88 ? 98  ILE B CB  1 
ATOM   813  C  CG1 . ILE A 1 114 ? -19.066 -10.327 -1.460  1.00 32.63 ? 98  ILE B CG1 1 
ATOM   814  C  CG2 . ILE A 1 114 ? -19.034 -11.532 0.735   1.00 31.92 ? 98  ILE B CG2 1 
ATOM   815  C  CD1 . ILE A 1 114 ? -18.766 -11.455 -2.416  1.00 33.15 ? 98  ILE B CD1 1 
ATOM   816  N  N   . PRO A 1 115 ? -18.750 -9.182  3.105   1.00 27.66 ? 99  PRO B N   1 
ATOM   817  C  CA  . PRO A 1 115 ? -18.324 -9.348  4.490   1.00 28.46 ? 99  PRO B CA  1 
ATOM   818  C  C   . PRO A 1 115 ? -17.778 -10.777 4.699   1.00 26.91 ? 99  PRO B C   1 
ATOM   819  O  O   . PRO A 1 115 ? -18.179 -11.677 3.965   1.00 24.24 ? 99  PRO B O   1 
ATOM   820  C  CB  . PRO A 1 115 ? -19.609 -9.035  5.267   1.00 29.49 ? 99  PRO B CB  1 
ATOM   821  C  CG  . PRO A 1 115 ? -20.691 -9.501  4.333   1.00 29.68 ? 99  PRO B CG  1 
ATOM   822  C  CD  . PRO A 1 115 ? -20.206 -9.039  2.981   1.00 28.59 ? 99  PRO B CD  1 
ATOM   823  N  N   . ASN A 1 116 ? -16.832 -10.940 5.631   1.00 24.11 ? 100 ASN B N   1 
ATOM   824  C  CA  . ASN A 1 116 ? -16.175 -12.236 5.928   1.00 24.91 ? 100 ASN B CA  1 
ATOM   825  C  C   . ASN A 1 116 ? -15.587 -12.820 4.635   1.00 24.01 ? 100 ASN B C   1 
ATOM   826  O  O   . ASN A 1 116 ? -15.844 -14.000 4.351   1.00 26.02 ? 100 ASN B O   1 
ATOM   827  C  CB  . ASN A 1 116 ? -17.160 -13.207 6.587   1.00 28.62 ? 100 ASN B CB  1 
ATOM   828  C  CG  . ASN A 1 116 ? -16.564 -14.559 6.940   1.00 31.53 ? 100 ASN B CG  1 
ATOM   829  O  OD1 . ASN A 1 116 ? -17.122 -15.594 6.579   1.00 36.10 ? 100 ASN B OD1 1 
ATOM   830  N  ND2 . ASN A 1 116 ? -15.431 -14.574 7.628   1.00 31.31 ? 100 ASN B ND2 1 
ATOM   831  N  N   . SER A 1 117 ? -14.824 -12.032 3.877   1.00 20.51 ? 101 SER B N   1 
ATOM   832  C  CA  . SER A 1 117 ? -14.143 -12.481 2.638   1.00 20.62 ? 101 SER B CA  1 
ATOM   833  C  C   . SER A 1 117 ? -12.635 -12.227 2.727   1.00 19.99 ? 101 SER B C   1 
ATOM   834  O  O   . SER A 1 117 ? -12.187 -11.355 3.495   1.00 20.20 ? 101 SER B O   1 
ATOM   835  C  CB  . SER A 1 117 ? -14.718 -11.794 1.437   1.00 20.89 ? 101 SER B CB  1 
ATOM   836  O  OG  . SER A 1 117 ? -14.425 -10.402 1.495   1.00 20.73 ? 101 SER B OG  1 
ATOM   837  N  N   . THR A 1 118 ? -11.874 -13.000 1.968   1.00 21.53 ? 102 THR B N   1 
ATOM   838  C  CA  . THR A 1 118 ? -10.420 -12.833 1.795   1.00 20.65 ? 102 THR B CA  1 
ATOM   839  C  C   . THR A 1 118 ? -10.249 -12.628 0.306   1.00 20.93 ? 102 THR B C   1 
ATOM   840  O  O   . THR A 1 118 ? -10.848 -13.383 -0.432  1.00 21.86 ? 102 THR B O   1 
ATOM   841  C  CB  . THR A 1 118 ? -9.642  -14.016 2.376   1.00 20.69 ? 102 THR B CB  1 
ATOM   842  O  OG1 . THR A 1 118 ? -9.842  -13.914 3.776   1.00 20.68 ? 102 THR B OG1 1 
ATOM   843  C  CG2 . THR A 1 118 ? -8.158  -14.007 2.070   1.00 21.34 ? 102 THR B CG2 1 
ATOM   844  N  N   . ASN A 1 119 ? -9.503  -11.606 -0.085  1.00 22.88 ? 103 ASN B N   1 
ATOM   845  C  CA  . ASN A 1 119 ? -9.455  -11.099 -1.472  1.00 22.06 ? 103 ASN B CA  1 
ATOM   846  C  C   . ASN A 1 119 ? -8.023  -10.770 -1.837  1.00 22.32 ? 103 ASN B C   1 
ATOM   847  O  O   . ASN A 1 119 ? -7.304  -10.260 -0.978  1.00 21.59 ? 103 ASN B O   1 
ATOM   848  C  CB  . ASN A 1 119 ? -10.269 -9.826  -1.624  1.00 23.26 ? 103 ASN B CB  1 
ATOM   849  C  CG  . ASN A 1 119 ? -11.678 -9.990  -1.116  1.00 23.00 ? 103 ASN B CG  1 
ATOM   850  O  OD1 . ASN A 1 119 ? -12.543 -10.407 -1.860  1.00 20.77 ? 103 ASN B OD1 1 
ATOM   851  N  ND2 . ASN A 1 119 ? -11.906 -9.637  0.136   1.00 26.71 ? 103 ASN B ND2 1 
ATOM   852  N  N   . THR A 1 120 ? -7.672  -11.012 -3.095  1.00 20.41 ? 104 THR B N   1 
ATOM   853  C  CA  . THR A 1 120 ? -6.396  -10.546 -3.659  1.00 22.18 ? 104 THR B CA  1 
ATOM   854  C  C   . THR A 1 120 ? -6.731  -9.353  -4.550  1.00 21.20 ? 104 THR B C   1 
ATOM   855  O  O   . THR A 1 120 ? -7.511  -9.509  -5.511  1.00 18.99 ? 104 THR B O   1 
ATOM   856  C  CB  . THR A 1 120 ? -5.606  -11.677 -4.323  1.00 21.50 ? 104 THR B CB  1 
ATOM   857  O  OG1 . THR A 1 120 ? -5.341  -12.631 -3.295  1.00 21.89 ? 104 THR B OG1 1 
ATOM   858  C  CG2 . THR A 1 120 ? -4.309  -11.201 -4.927  1.00 22.63 ? 104 THR B CG2 1 
ATOM   859  N  N   . TRP A 1 121 ? -6.135  -8.220  -4.202  1.00 19.12 ? 105 TRP B N   1 
ATOM   860  C  CA  . TRP A 1 121 ? -6.238  -6.940  -4.932  1.00 19.41 ? 105 TRP B CA  1 
ATOM   861  C  C   . TRP A 1 121 ? -4.978  -6.763  -5.783  1.00 17.96 ? 105 TRP B C   1 
ATOM   862  O  O   . TRP A 1 121 ? -3.890  -6.501  -5.201  1.00 15.71 ? 105 TRP B O   1 
ATOM   863  C  CB  . TRP A 1 121 ? -6.397  -5.818  -3.907  1.00 18.68 ? 105 TRP B CB  1 
ATOM   864  C  CG  . TRP A 1 121 ? -6.625  -4.451  -4.468  1.00 19.12 ? 105 TRP B CG  1 
ATOM   865  C  CD1 . TRP A 1 121 ? -6.627  -4.067  -5.779  1.00 20.19 ? 105 TRP B CD1 1 
ATOM   866  C  CD2 . TRP A 1 121 ? -6.998  -3.287  -3.715  1.00 19.86 ? 105 TRP B CD2 1 
ATOM   867  N  NE1 . TRP A 1 121 ? -6.940  -2.739  -5.881  1.00 20.31 ? 105 TRP B NE1 1 
ATOM   868  C  CE2 . TRP A 1 121 ? -7.187  -2.237  -4.637  1.00 20.71 ? 105 TRP B CE2 1 
ATOM   869  C  CE3 . TRP A 1 121 ? -7.216  -3.028  -2.360  1.00 20.52 ? 105 TRP B CE3 1 
ATOM   870  C  CZ2 . TRP A 1 121 ? -7.526  -0.945  -4.234  1.00 21.38 ? 105 TRP B CZ2 1 
ATOM   871  C  CZ3 . TRP A 1 121 ? -7.548  -1.749  -1.961  1.00 20.90 ? 105 TRP B CZ3 1 
ATOM   872  C  CH2 . TRP A 1 121 ? -7.700  -0.725  -2.888  1.00 20.16 ? 105 TRP B CH2 1 
ATOM   873  N  N   . GLN A 1 122 ? -5.107  -6.888  -7.098  1.00 18.69 ? 106 GLN B N   1 
ATOM   874  C  CA  . GLN A 1 122 ? -3.968  -6.706  -8.029  1.00 19.60 ? 106 GLN B CA  1 
ATOM   875  C  C   . GLN A 1 122 ? -3.995  -5.307  -8.626  1.00 19.58 ? 106 GLN B C   1 
ATOM   876  O  O   . GLN A 1 122 ? -5.050  -4.931  -9.171  1.00 19.30 ? 106 GLN B O   1 
ATOM   877  C  CB  . GLN A 1 122 ? -4.030  -7.726  -9.146  1.00 21.94 ? 106 GLN B CB  1 
ATOM   878  C  CG  . GLN A 1 122 ? -2.737  -7.817  -9.912  1.00 23.02 ? 106 GLN B CG  1 
ATOM   879  C  CD  . GLN A 1 122 ? -2.889  -8.843  -11.007 1.00 25.14 ? 106 GLN B CD  1 
ATOM   880  O  OE1 . GLN A 1 122 ? -2.458  -9.987  -10.859 1.00 26.39 ? 106 GLN B OE1 1 
ATOM   881  N  NE2 . GLN A 1 122 ? -3.570  -8.446  -12.072 1.00 24.75 ? 106 GLN B NE2 1 
ATOM   882  N  N   . SER A 1 123 ? -2.866  -4.599  -8.558  1.00 19.30 ? 107 SER B N   1 
ATOM   883  C  CA  . SER A 1 123 ? -2.710  -3.211  -9.071  1.00 20.29 ? 107 SER B CA  1 
ATOM   884  C  C   . SER A 1 123 ? -1.460  -3.136  -9.943  1.00 19.81 ? 107 SER B C   1 
ATOM   885  O  O   . SER A 1 123 ? -0.412  -3.592  -9.496  1.00 16.88 ? 107 SER B O   1 
ATOM   886  C  CB  . SER A 1 123 ? -2.613  -2.191  -7.951  1.00 22.54 ? 107 SER B CB  1 
ATOM   887  O  OG  . SER A 1 123 ? -3.848  -2.020  -7.261  1.00 24.10 ? 107 SER B OG  1 
ATOM   888  N  N   . LEU A 1 124 ? -1.574  -2.590  -11.151 1.00 21.03 ? 108 LEU B N   1 
ATOM   889  C  CA  . LEU A 1 124 ? -0.370  -2.197  -11.907 1.00 24.11 ? 108 LEU B CA  1 
ATOM   890  C  C   . LEU A 1 124 ? 0.040   -0.819  -11.409 1.00 25.04 ? 108 LEU B C   1 
ATOM   891  O  O   . LEU A 1 124 ? -0.802  0.058   -11.341 1.00 26.80 ? 108 LEU B O   1 
ATOM   892  C  CB  . LEU A 1 124 ? -0.621  -2.197  -13.412 1.00 22.86 ? 108 LEU B CB  1 
ATOM   893  C  CG  . LEU A 1 124 ? 0.654   -1.993  -14.211 1.00 23.29 ? 108 LEU B CG  1 
ATOM   894  C  CD1 . LEU A 1 124 ? 1.527   -3.238  -14.155 1.00 24.56 ? 108 LEU B CD1 1 
ATOM   895  C  CD2 . LEU A 1 124 ? 0.336   -1.606  -15.645 1.00 23.65 ? 108 LEU B CD2 1 
ATOM   896  N  N   . ILE A 1 125 ? 1.283   -0.674  -11.002 1.00 27.14 ? 109 ILE B N   1 
ATOM   897  C  CA  . ILE A 1 125 ? 1.805   0.609   -10.462 1.00 26.91 ? 109 ILE B CA  1 
ATOM   898  C  C   . ILE A 1 125 ? 2.891   1.036   -11.427 1.00 26.73 ? 109 ILE B C   1 
ATOM   899  O  O   . ILE A 1 125 ? 3.867   0.287   -11.525 1.00 22.94 ? 109 ILE B O   1 
ATOM   900  C  CB  . ILE A 1 125 ? 2.326   0.449   -9.026  1.00 26.86 ? 109 ILE B CB  1 
ATOM   901  C  CG1 . ILE A 1 125 ? 1.265   -0.159  -8.107  1.00 28.44 ? 109 ILE B CG1 1 
ATOM   902  C  CG2 . ILE A 1 125 ? 2.865   1.778   -8.504  1.00 27.49 ? 109 ILE B CG2 1 
ATOM   903  C  CD1 . ILE A 1 125 ? 1.714   -0.347  -6.691  1.00 30.06 ? 109 ILE B CD1 1 
ATOM   904  N  N   . GLU A 1 126 ? 2.674   2.158   -12.114 1.00 28.53 ? 110 GLU B N   1 
ATOM   905  C  CA  . GLU A 1 126 ? 3.608   2.749   -13.103 1.00 33.74 ? 110 GLU B CA  1 
ATOM   906  C  C   . GLU A 1 126 ? 4.278   3.955   -12.456 1.00 35.60 ? 110 GLU B C   1 
ATOM   907  O  O   . GLU A 1 126 ? 3.671   5.025   -12.446 1.00 38.13 ? 110 GLU B O   1 
ATOM   908  C  CB  . GLU A 1 126 ? 2.870   3.161   -14.374 1.00 34.99 ? 110 GLU B CB  1 
ATOM   909  C  CG  . GLU A 1 126 ? 2.228   1.993   -15.084 1.00 38.77 ? 110 GLU B CG  1 
ATOM   910  C  CD  . GLU A 1 126 ? 1.800   2.322   -16.503 1.00 45.10 ? 110 GLU B CD  1 
ATOM   911  O  OE1 . GLU A 1 126 ? 0.736   2.979   -16.653 1.00 45.37 ? 110 GLU B OE1 1 
ATOM   912  O  OE2 . GLU A 1 126 ? 2.545   1.940   -17.455 1.00 44.54 ? 110 GLU B OE2 1 
ATOM   913  N  N   . ALA A 1 127 ? 5.477   3.755   -11.925 1.00 35.95 ? 111 ALA B N   1 
ATOM   914  C  CA  . ALA A 1 127 ? 6.314   4.789   -11.279 1.00 41.80 ? 111 ALA B CA  1 
ATOM   915  C  C   . ALA A 1 127 ? 6.508   5.992   -12.224 1.00 41.51 ? 111 ALA B C   1 
ATOM   916  O  O   . ALA A 1 127 ? 6.653   5.797   -13.451 1.00 38.79 ? 111 ALA B O   1 
ATOM   917  C  CB  . ALA A 1 127 ? 7.639   4.160   -10.901 1.00 41.55 ? 111 ALA B CB  1 
ATOM   918  N  N   . ALA A 1 128 ? 6.544   7.204   -11.673 1.00 44.02 ? 112 ALA B N   1 
ATOM   919  C  CA  . ALA A 1 128 ? 7.061   8.405   -12.369 1.00 46.61 ? 112 ALA B CA  1 
ATOM   920  C  C   . ALA A 1 128 ? 8.442   8.080   -12.941 1.00 45.56 ? 112 ALA B C   1 
ATOM   921  O  O   . ALA A 1 128 ? 9.287   7.542   -12.229 1.00 45.29 ? 112 ALA B O   1 
ATOM   922  C  CB  . ALA A 1 128 ? 7.130   9.564   -11.408 1.00 46.25 ? 112 ALA B CB  1 
ATOM   923  N  N   . PRO A 1 129 ? 8.726   8.364   -14.232 1.00 47.43 ? 113 PRO B N   1 
ATOM   924  C  CA  . PRO A 1 129 ? 10.073  8.166   -14.778 1.00 48.70 ? 113 PRO B CA  1 
ATOM   925  C  C   . PRO A 1 129 ? 11.168  8.922   -14.000 1.00 49.48 ? 113 PRO B C   1 
ATOM   926  O  O   . PRO A 1 129 ? 12.296  8.450   -13.975 1.00 50.00 ? 113 PRO B O   1 
ATOM   927  C  CB  . PRO A 1 129 ? 9.976   8.697   -16.217 1.00 50.16 ? 113 PRO B CB  1 
ATOM   928  C  CG  . PRO A 1 129 ? 8.493   8.673   -16.550 1.00 48.73 ? 113 PRO B CG  1 
ATOM   929  C  CD  . PRO A 1 129 ? 7.773   8.874   -15.232 1.00 48.60 ? 113 PRO B CD  1 
ATOM   930  N  N   . GLU A 1 130 ? 10.813  10.045  -13.362 1.00 49.44 ? 114 GLU B N   1 
ATOM   931  C  CA  . GLU A 1 130 ? 11.722  10.881  -12.527 1.00 47.95 ? 114 GLU B CA  1 
ATOM   932  C  C   . GLU A 1 130 ? 12.193  10.081  -11.310 1.00 51.70 ? 114 GLU B C   1 
ATOM   933  O  O   . GLU A 1 130 ? 13.359  10.251  -10.894 1.00 54.08 ? 114 GLU B O   1 
ATOM   934  C  CB  . GLU A 1 130 ? 11.021  12.153  -12.068 1.00 47.78 ? 114 GLU B CB  1 
ATOM   935  C  CG  . GLU A 1 130 ? 10.811  13.152  -13.189 1.00 47.46 ? 114 GLU B CG  1 
ATOM   936  C  CD  . GLU A 1 130 ? 9.629   12.883  -14.107 1.00 47.90 ? 114 GLU B CD  1 
ATOM   937  O  OE1 . GLU A 1 130 ? 9.477   13.636  -15.099 1.00 46.80 ? 114 GLU B OE1 1 
ATOM   938  O  OE2 . GLU A 1 130 ? 8.857   11.932  -13.828 1.00 46.04 ? 114 GLU B OE2 1 
ATOM   939  N  N   . SER A 1 131 ? 11.315  9.231   -10.777 1.00 53.53 ? 115 SER B N   1 
ATOM   940  C  CA  . SER A 1 131 ? 11.580  8.344   -9.613  1.00 56.37 ? 115 SER B CA  1 
ATOM   941  C  C   . SER A 1 131 ? 12.540  7.211   -10.003 1.00 56.06 ? 115 SER B C   1 
ATOM   942  O  O   . SER A 1 131 ? 13.274  6.738   -9.113  1.00 59.28 ? 115 SER B O   1 
ATOM   943  C  CB  . SER A 1 131 ? 10.284  7.812   -9.047  1.00 59.76 ? 115 SER B CB  1 
ATOM   944  O  OG  . SER A 1 131 ? 9.479   8.872   -8.537  1.00 64.50 ? 115 SER B OG  1 
ATOM   945  N  N   . GLN A 1 132 ? 12.557  6.809   -11.279 1.00 57.15 ? 116 GLN B N   1 
ATOM   946  C  CA  . GLN A 1 132 ? 13.315  5.621   -11.768 1.00 55.28 ? 116 GLN B CA  1 
ATOM   947  C  C   . GLN A 1 132 ? 14.830  5.845   -11.694 1.00 53.14 ? 116 GLN B C   1 
ATOM   948  O  O   . GLN A 1 132 ? 15.570  4.839   -11.606 1.00 47.75 ? 116 GLN B O   1 
ATOM   949  C  CB  . GLN A 1 132 ? 12.932  5.262   -13.203 1.00 56.14 ? 116 GLN B CB  1 
ATOM   950  C  CG  . GLN A 1 132 ? 11.598  4.546   -13.306 1.00 61.24 ? 116 GLN B CG  1 
ATOM   951  C  CD  . GLN A 1 132 ? 11.516  3.728   -14.569 1.00 62.92 ? 116 GLN B CD  1 
ATOM   952  O  OE1 . GLN A 1 132 ? 12.185  2.702   -14.723 1.00 69.83 ? 116 GLN B OE1 1 
ATOM   953  N  NE2 . GLN A 1 132 ? 10.682  4.184   -15.488 1.00 64.78 ? 116 GLN B NE2 1 
ATOM   954  N  N   . MET A 1 133 ? 15.290  7.096   -11.752 1.00 50.83 ? 117 MET B N   1 
ATOM   955  C  CA  . MET A 1 133 ? 16.742  7.399   -11.870 1.00 45.43 ? 117 MET B CA  1 
ATOM   956  C  C   . MET A 1 133 ? 17.302  7.958   -10.559 1.00 44.50 ? 117 MET B C   1 
ATOM   957  O  O   . MET A 1 133 ? 18.531  8.149   -10.476 1.00 45.94 ? 117 MET B O   1 
ATOM   958  C  CB  . MET A 1 133 ? 16.965  8.408   -12.990 1.00 45.54 ? 117 MET B CB  1 
ATOM   959  C  CG  . MET A 1 133 ? 18.316  8.297   -13.632 1.00 42.62 ? 117 MET B CG  1 
ATOM   960  S  SD  . MET A 1 133 ? 18.341  9.273   -15.141 1.00 40.42 ? 117 MET B SD  1 
ATOM   961  C  CE  . MET A 1 133 ? 18.910  8.031   -16.300 1.00 36.78 ? 117 MET B CE  1 
ATOM   962  N  N   . MET A 1 134 ? 16.454  8.204   -9.564  1.00 44.61 ? 118 MET B N   1 
ATOM   963  C  CA  . MET A 1 134 ? 16.921  8.655   -8.231  1.00 42.93 ? 118 MET B CA  1 
ATOM   964  C  C   . MET A 1 134 ? 17.739  7.528   -7.613  1.00 40.41 ? 118 MET B C   1 
ATOM   965  O  O   . MET A 1 134 ? 17.338  6.365   -7.664  1.00 36.23 ? 118 MET B O   1 
ATOM   966  C  CB  . MET A 1 134 ? 15.743  9.032   -7.336  1.00 45.72 ? 118 MET B CB  1 
ATOM   967  C  CG  . MET A 1 134 ? 15.017  10.261  -7.837  1.00 48.11 ? 118 MET B CG  1 
ATOM   968  S  SD  . MET A 1 134 ? 13.873  10.885  -6.595  1.00 52.46 ? 118 MET B SD  1 
ATOM   969  C  CE  . MET A 1 134 ? 15.034  11.481  -5.361  1.00 50.31 ? 118 MET B CE  1 
ATOM   970  N  N   . PRO A 1 135 ? 18.944  7.833   -7.086  1.00 40.44 ? 119 PRO B N   1 
ATOM   971  C  CA  . PRO A 1 135 ? 19.822  6.808   -6.529  1.00 36.69 ? 119 PRO B CA  1 
ATOM   972  C  C   . PRO A 1 135 ? 19.229  6.126   -5.287  1.00 36.47 ? 119 PRO B C   1 
ATOM   973  O  O   . PRO A 1 135 ? 18.702  6.824   -4.418  1.00 30.80 ? 119 PRO B O   1 
ATOM   974  C  CB  . PRO A 1 135 ? 21.090  7.546   -6.095  1.00 41.15 ? 119 PRO B CB  1 
ATOM   975  C  CG  . PRO A 1 135 ? 20.975  8.951   -6.663  1.00 42.74 ? 119 PRO B CG  1 
ATOM   976  C  CD  . PRO A 1 135 ? 19.524  9.181   -7.028  1.00 42.47 ? 119 PRO B CD  1 
ATOM   977  N  N   . ALA A 1 136 ? 19.365  4.799   -5.220  1.00 32.21 ? 120 ALA B N   1 
ATOM   978  C  CA  . ALA A 1 136 ? 18.907  3.956   -4.096  1.00 30.34 ? 120 ALA B CA  1 
ATOM   979  C  C   . ALA A 1 136 ? 19.491  4.497   -2.792  1.00 29.18 ? 120 ALA B C   1 
ATOM   980  O  O   . ALA A 1 136 ? 18.724  4.612   -1.826  1.00 27.86 ? 120 ALA B O   1 
ATOM   981  C  CB  . ALA A 1 136 ? 19.289  2.514   -4.327  1.00 29.18 ? 120 ALA B CB  1 
ATOM   982  N  N   . SER A 1 137 ? 20.777  4.881   -2.794  1.00 29.09 ? 121 SER B N   1 
ATOM   983  C  CA  . SER A 1 137 ? 21.531  5.322   -1.585  1.00 29.27 ? 121 SER B CA  1 
ATOM   984  C  C   . SER A 1 137 ? 20.923  6.595   -0.982  1.00 28.52 ? 121 SER B C   1 
ATOM   985  O  O   . SER A 1 137 ? 21.137  6.837   0.194   1.00 27.71 ? 121 SER B O   1 
ATOM   986  C  CB  . SER A 1 137 ? 22.991  5.515   -1.887  1.00 30.75 ? 121 SER B CB  1 
ATOM   987  O  OG  . SER A 1 137 ? 23.184  6.323   -3.037  1.00 29.66 ? 121 SER B OG  1 
ATOM   988  N  N   . VAL A 1 138 ? 20.214  7.389   -1.776  1.00 27.99 ? 122 VAL B N   1 
ATOM   989  C  CA  . VAL A 1 138 ? 19.576  8.664   -1.339  1.00 29.39 ? 122 VAL B CA  1 
ATOM   990  C  C   . VAL A 1 138 ? 18.147  8.372   -0.858  1.00 27.16 ? 122 VAL B C   1 
ATOM   991  O  O   . VAL A 1 138 ? 17.775  8.871   0.231   1.00 24.95 ? 122 VAL B O   1 
ATOM   992  C  CB  . VAL A 1 138 ? 19.633  9.688   -2.485  1.00 29.93 ? 122 VAL B CB  1 
ATOM   993  C  CG1 . VAL A 1 138 ? 18.784  10.917  -2.236  1.00 32.22 ? 122 VAL B CG1 1 
ATOM   994  C  CG2 . VAL A 1 138 ? 21.078  10.081  -2.750  1.00 30.86 ? 122 VAL B CG2 1 
ATOM   995  N  N   . LEU A 1 139 ? 17.405  7.550   -1.606  1.00 25.43 ? 123 LEU B N   1 
ATOM   996  C  CA  . LEU A 1 139 ? 15.999  7.172   -1.281  1.00 25.00 ? 123 LEU B CA  1 
ATOM   997  C  C   . LEU A 1 139 ? 15.959  6.348   0.013   1.00 23.67 ? 123 LEU B C   1 
ATOM   998  O  O   . LEU A 1 139 ? 15.078  6.607   0.864   1.00 23.29 ? 123 LEU B O   1 
ATOM   999  C  CB  . LEU A 1 139 ? 15.386  6.410   -2.465  1.00 26.96 ? 123 LEU B CB  1 
ATOM   1000 C  CG  . LEU A 1 139 ? 15.270  7.183   -3.779  1.00 27.03 ? 123 LEU B CG  1 
ATOM   1001 C  CD1 . LEU A 1 139 ? 14.802  6.282   -4.911  1.00 25.91 ? 123 LEU B CD1 1 
ATOM   1002 C  CD2 . LEU A 1 139 ? 14.352  8.382   -3.649  1.00 27.20 ? 123 LEU B CD2 1 
ATOM   1003 N  N   . THR A 1 140 ? 16.909  5.433   0.197   1.00 22.17 ? 124 THR B N   1 
ATOM   1004 C  CA  . THR A 1 140 ? 16.855  4.393   1.253   1.00 22.38 ? 124 THR B CA  1 
ATOM   1005 C  C   . THR A 1 140 ? 16.723  5.076   2.617   1.00 23.57 ? 124 THR B C   1 
ATOM   1006 O  O   . THR A 1 140 ? 17.551  5.944   2.917   1.00 23.22 ? 124 THR B O   1 
ATOM   1007 C  CB  . THR A 1 140 ? 18.055  3.433   1.183   1.00 22.48 ? 124 THR B CB  1 
ATOM   1008 O  OG1 . THR A 1 140 ? 17.719  2.310   1.992   1.00 21.36 ? 124 THR B OG1 1 
ATOM   1009 C  CG2 . THR A 1 140 ? 19.353  4.018   1.682   1.00 24.30 ? 124 THR B CG2 1 
ATOM   1010 N  N   . GLY A 1 141 ? 15.695  4.708   3.388   1.00 21.21 ? 125 GLY B N   1 
ATOM   1011 C  CA  . GLY A 1 141 ? 15.452  5.215   4.753   1.00 23.57 ? 125 GLY B CA  1 
ATOM   1012 C  C   . GLY A 1 141 ? 14.800  6.586   4.772   1.00 23.27 ? 125 GLY B C   1 
ATOM   1013 O  O   . GLY A 1 141 ? 14.465  7.062   5.855   1.00 24.00 ? 125 GLY B O   1 
ATOM   1014 N  N   . ASN A 1 142 ? 14.589  7.193   3.614   1.00 22.41 ? 126 ASN B N   1 
ATOM   1015 C  CA  . ASN A 1 142 ? 14.166  8.603   3.493   1.00 23.25 ? 126 ASN B CA  1 
ATOM   1016 C  C   . ASN A 1 142 ? 12.827  8.696   2.777   1.00 22.26 ? 126 ASN B C   1 
ATOM   1017 O  O   . ASN A 1 142 ? 12.446  9.824   2.406   1.00 22.11 ? 126 ASN B O   1 
ATOM   1018 C  CB  . ASN A 1 142 ? 15.230  9.422   2.769   1.00 22.34 ? 126 ASN B CB  1 
ATOM   1019 C  CG  . ASN A 1 142 ? 16.458  9.551   3.631   1.00 24.84 ? 126 ASN B CG  1 
ATOM   1020 O  OD1 . ASN A 1 142 ? 16.335  9.834   4.824   1.00 23.53 ? 126 ASN B OD1 1 
ATOM   1021 N  ND2 . ASN A 1 142 ? 17.621  9.293   3.049   1.00 23.37 ? 126 ASN B ND2 1 
ATOM   1022 N  N   . VAL A 1 143 ? 12.175  7.559   2.545   1.00 22.80 ? 127 VAL B N   1 
ATOM   1023 C  CA  . VAL A 1 143 ? 10.888  7.498   1.794   1.00 21.89 ? 127 VAL B CA  1 
ATOM   1024 C  C   . VAL A 1 143 ? 9.867   6.912   2.758   1.00 21.64 ? 127 VAL B C   1 
ATOM   1025 O  O   . VAL A 1 143 ? 10.154  5.881   3.331   1.00 19.74 ? 127 VAL B O   1 
ATOM   1026 C  CB  . VAL A 1 143 ? 10.982  6.670   0.499   1.00 22.34 ? 127 VAL B CB  1 
ATOM   1027 C  CG1 . VAL A 1 143 ? 9.610   6.391   -0.101  1.00 21.61 ? 127 VAL B CG1 1 
ATOM   1028 C  CG2 . VAL A 1 143 ? 11.904  7.322   -0.520  1.00 23.44 ? 127 VAL B CG2 1 
ATOM   1029 N  N   . ILE A 1 144 ? 8.733   7.590   2.910   1.00 21.71 ? 128 ILE B N   1 
ATOM   1030 C  CA  . ILE A 1 144 ? 7.553   7.089   3.654   1.00 22.07 ? 128 ILE B CA  1 
ATOM   1031 C  C   . ILE A 1 144 ? 6.438   6.908   2.637   1.00 19.42 ? 128 ILE B C   1 
ATOM   1032 O  O   . ILE A 1 144 ? 6.193   7.879   1.858   1.00 17.35 ? 128 ILE B O   1 
ATOM   1033 C  CB  . ILE A 1 144 ? 7.119   8.058   4.770   1.00 23.96 ? 128 ILE B CB  1 
ATOM   1034 C  CG1 . ILE A 1 144 ? 8.133   8.124   5.906   1.00 25.14 ? 128 ILE B CG1 1 
ATOM   1035 C  CG2 . ILE A 1 144 ? 5.736   7.681   5.272   1.00 24.42 ? 128 ILE B CG2 1 
ATOM   1036 C  CD1 . ILE A 1 144 ? 8.068   6.921   6.801   1.00 27.96 ? 128 ILE B CD1 1 
ATOM   1037 N  N   . ILE A 1 145 ? 5.809   5.726   2.647   1.00 19.16 ? 129 ILE B N   1 
ATOM   1038 C  CA  . ILE A 1 145 ? 4.525   5.530   1.921   1.00 19.72 ? 129 ILE B CA  1 
ATOM   1039 C  C   . ILE A 1 145 ? 3.403   5.682   2.931   1.00 19.36 ? 129 ILE B C   1 
ATOM   1040 O  O   . ILE A 1 145 ? 3.357   4.916   3.904   1.00 19.58 ? 129 ILE B O   1 
ATOM   1041 C  CB  . ILE A 1 145 ? 4.447   4.202   1.151   1.00 21.68 ? 129 ILE B CB  1 
ATOM   1042 C  CG1 . ILE A 1 145 ? 5.652   4.032   0.220   1.00 24.06 ? 129 ILE B CG1 1 
ATOM   1043 C  CG2 . ILE A 1 145 ? 3.110   4.142   0.410   1.00 20.07 ? 129 ILE B CG2 1 
ATOM   1044 C  CD1 . ILE A 1 145 ? 5.369   3.277   -1.053  1.00 26.58 ? 129 ILE B CD1 1 
ATOM   1045 N  N   . GLU A 1 146 ? 2.550   6.672   2.705   1.00 19.68 ? 130 GLU B N   1 
ATOM   1046 C  CA  . GLU A 1 146 ? 1.339   6.926   3.517   1.00 22.05 ? 130 GLU B CA  1 
ATOM   1047 C  C   . GLU A 1 146 ? 0.141   6.320   2.791   1.00 21.05 ? 130 GLU B C   1 
ATOM   1048 O  O   . GLU A 1 146 ? -0.103  6.727   1.640   1.00 20.78 ? 130 GLU B O   1 
ATOM   1049 C  CB  . GLU A 1 146 ? 1.137   8.429   3.679   1.00 23.93 ? 130 GLU B CB  1 
ATOM   1050 C  CG  . GLU A 1 146 ? 0.018   8.784   4.628   1.00 28.23 ? 130 GLU B CG  1 
ATOM   1051 C  CD  . GLU A 1 146 ? -0.323  10.262  4.540   1.00 32.36 ? 130 GLU B CD  1 
ATOM   1052 O  OE1 . GLU A 1 146 ? -0.940  10.690  3.525   1.00 33.15 ? 130 GLU B OE1 1 
ATOM   1053 O  OE2 . GLU A 1 146 ? 0.102   10.982  5.444   1.00 36.07 ? 130 GLU B OE2 1 
ATOM   1054 N  N   . THR A 1 147 ? -0.538  5.352   3.402   1.00 20.03 ? 131 THR B N   1 
ATOM   1055 C  CA  . THR A 1 147 ? -1.736  4.711   2.801   1.00 18.08 ? 131 THR B CA  1 
ATOM   1056 C  C   . THR A 1 147 ? -2.956  5.103   3.628   1.00 18.14 ? 131 THR B C   1 
ATOM   1057 O  O   . THR A 1 147 ? -2.925  4.888   4.862   1.00 17.05 ? 131 THR B O   1 
ATOM   1058 C  CB  . THR A 1 147 ? -1.555  3.201   2.677   1.00 18.50 ? 131 THR B CB  1 
ATOM   1059 O  OG1 . THR A 1 147 ? -0.375  2.944   1.917   1.00 18.44 ? 131 THR B OG1 1 
ATOM   1060 C  CG2 . THR A 1 147 ? -2.749  2.528   2.034   1.00 18.93 ? 131 THR B CG2 1 
ATOM   1061 N  N   . LYS A 1 148 ? -3.938  5.744   2.976   1.00 18.44 ? 132 LYS B N   1 
ATOM   1062 C  CA  . LYS A 1 148 ? -5.282  5.979   3.538   1.00 18.96 ? 132 LYS B CA  1 
ATOM   1063 C  C   . LYS A 1 148 ? -6.246  4.941   2.963   1.00 19.68 ? 132 LYS B C   1 
ATOM   1064 O  O   . LYS A 1 148 ? -6.412  4.893   1.720   1.00 18.34 ? 132 LYS B O   1 
ATOM   1065 C  CB  . LYS A 1 148 ? -5.702  7.413   3.271   1.00 20.75 ? 132 LYS B CB  1 
ATOM   1066 C  CG  . LYS A 1 148 ? -4.864  8.466   3.982   1.00 22.71 ? 132 LYS B CG  1 
ATOM   1067 C  CD  . LYS A 1 148 ? -5.389  9.830   3.709   1.00 26.25 ? 132 LYS B CD  1 
ATOM   1068 C  CE  . LYS A 1 148 ? -4.372  10.932  3.859   1.00 32.89 ? 132 LYS B CE  1 
ATOM   1069 N  NZ  . LYS A 1 148 ? -4.425  11.493  5.227   1.00 35.94 ? 132 LYS B NZ  1 
ATOM   1070 N  N   . PHE A 1 149 ? -6.784  4.109   3.857   1.00 20.28 ? 133 PHE B N   1 
ATOM   1071 C  CA  . PHE A 1 149 ? -7.803  3.057   3.613   1.00 22.33 ? 133 PHE B CA  1 
ATOM   1072 C  C   . PHE A 1 149 ? -9.181  3.716   3.741   1.00 20.12 ? 133 PHE B C   1 
ATOM   1073 O  O   . PHE A 1 149 ? -9.511  4.216   4.812   1.00 20.43 ? 133 PHE B O   1 
ATOM   1074 C  CB  . PHE A 1 149 ? -7.653  1.883   4.601   1.00 24.40 ? 133 PHE B CB  1 
ATOM   1075 C  CG  . PHE A 1 149 ? -6.480  0.970   4.324   1.00 31.31 ? 133 PHE B CG  1 
ATOM   1076 C  CD1 . PHE A 1 149 ? -6.669  -0.247  3.674   1.00 32.65 ? 133 PHE B CD1 1 
ATOM   1077 C  CD2 . PHE A 1 149 ? -5.180  1.300   4.710   1.00 33.83 ? 133 PHE B CD2 1 
ATOM   1078 C  CE1 . PHE A 1 149 ? -5.609  -1.101  3.403   1.00 32.67 ? 133 PHE B CE1 1 
ATOM   1079 C  CE2 . PHE A 1 149 ? -4.123  0.434   4.437   1.00 34.68 ? 133 PHE B CE2 1 
ATOM   1080 C  CZ  . PHE A 1 149 ? -4.332  -0.752  3.753   1.00 32.46 ? 133 PHE B CZ  1 
ATOM   1081 N  N   . PHE A 1 150 ? -9.949  3.760   2.661   1.00 19.15 ? 134 PHE B N   1 
ATOM   1082 C  CA  . PHE A 1 150 ? -11.305 4.356   2.630   1.00 19.02 ? 134 PHE B CA  1 
ATOM   1083 C  C   . PHE A 1 150 ? -12.359 3.308   2.296   1.00 17.90 ? 134 PHE B C   1 
ATOM   1084 O  O   . PHE A 1 150 ? -12.072 2.380   1.504   1.00 17.92 ? 134 PHE B O   1 
ATOM   1085 C  CB  . PHE A 1 150 ? -11.379 5.433   1.549   1.00 20.06 ? 134 PHE B CB  1 
ATOM   1086 C  CG  . PHE A 1 150 ? -10.766 6.746   1.948   1.00 21.07 ? 134 PHE B CG  1 
ATOM   1087 C  CD1 . PHE A 1 150 ? -11.536 7.706   2.594   1.00 22.33 ? 134 PHE B CD1 1 
ATOM   1088 C  CD2 . PHE A 1 150 ? -9.432  7.017   1.699   1.00 20.95 ? 134 PHE B CD2 1 
ATOM   1089 C  CE1 . PHE A 1 150 ? -10.983 8.915   2.982   1.00 22.27 ? 134 PHE B CE1 1 
ATOM   1090 C  CE2 . PHE A 1 150 ? -8.894  8.242   2.058   1.00 21.85 ? 134 PHE B CE2 1 
ATOM   1091 C  CZ  . PHE A 1 150 ? -9.669  9.189   2.695   1.00 22.14 ? 134 PHE B CZ  1 
ATOM   1092 N  N   . ASP A 1 151 ? -13.566 3.494   2.839   1.00 18.35 ? 135 ASP B N   1 
ATOM   1093 C  CA  . ASP A 1 151 ? -14.841 2.963   2.284   1.00 18.95 ? 135 ASP B CA  1 
ATOM   1094 C  C   . ASP A 1 151 ? -15.595 4.134   1.643   1.00 18.48 ? 135 ASP B C   1 
ATOM   1095 O  O   . ASP A 1 151 ? -16.227 4.925   2.367   1.00 19.65 ? 135 ASP B O   1 
ATOM   1096 C  CB  . ASP A 1 151 ? -15.691 2.230   3.319   1.00 20.61 ? 135 ASP B CB  1 
ATOM   1097 C  CG  . ASP A 1 151 ? -16.895 1.558   2.688   1.00 21.95 ? 135 ASP B CG  1 
ATOM   1098 O  OD1 . ASP A 1 151 ? -16.985 1.590   1.474   1.00 25.78 ? 135 ASP B OD1 1 
ATOM   1099 O  OD2 . ASP A 1 151 ? -17.746 1.040   3.418   1.00 24.57 ? 135 ASP B OD2 1 
ATOM   1100 N  N   . ASP A 1 152 ? -15.492 4.260   0.336   1.00 18.28 ? 136 ASP B N   1 
ATOM   1101 C  CA  . ASP A 1 152 ? -15.916 5.454   -0.417  1.00 21.28 ? 136 ASP B CA  1 
ATOM   1102 C  C   . ASP A 1 152 ? -15.210 6.663   0.222   1.00 21.43 ? 136 ASP B C   1 
ATOM   1103 O  O   . ASP A 1 152 ? -14.004 6.754   0.075   1.00 20.24 ? 136 ASP B O   1 
ATOM   1104 C  CB  . ASP A 1 152 ? -17.445 5.521   -0.466  1.00 23.81 ? 136 ASP B CB  1 
ATOM   1105 C  CG  . ASP A 1 152 ? -17.969 6.497   -1.505  1.00 26.58 ? 136 ASP B CG  1 
ATOM   1106 O  OD1 . ASP A 1 152 ? -17.326 6.634   -2.550  1.00 31.38 ? 136 ASP B OD1 1 
ATOM   1107 O  OD2 . ASP A 1 152 ? -19.021 7.099   -1.264  1.00 28.27 ? 136 ASP B OD2 1 
ATOM   1108 N  N   . ASP A 1 153 ? -15.912 7.535   0.955   1.00 22.85 ? 137 ASP B N   1 
ATOM   1109 C  CA  . ASP A 1 153 ? -15.316 8.786   1.512   1.00 25.26 ? 137 ASP B CA  1 
ATOM   1110 C  C   . ASP A 1 153 ? -15.107 8.643   3.021   1.00 23.36 ? 137 ASP B C   1 
ATOM   1111 O  O   . ASP A 1 153 ? -14.699 9.629   3.660   1.00 25.16 ? 137 ASP B O   1 
ATOM   1112 C  CB  . ASP A 1 153 ? -16.174 10.008  1.185   1.00 26.75 ? 137 ASP B CB  1 
ATOM   1113 C  CG  . ASP A 1 153 ? -17.521 9.953   1.878   1.00 29.73 ? 137 ASP B CG  1 
ATOM   1114 O  OD1 . ASP A 1 153 ? -17.972 8.841   2.202   1.00 31.02 ? 137 ASP B OD1 1 
ATOM   1115 O  OD2 . ASP A 1 153 ? -18.108 11.024  2.102   1.00 36.79 ? 137 ASP B OD2 1 
ATOM   1116 N  N   . LEU A 1 154 ? -15.376 7.468   3.583   1.00 22.25 ? 138 LEU B N   1 
ATOM   1117 C  CA  . LEU A 1 154 ? -15.168 7.202   5.024   1.00 21.29 ? 138 LEU B CA  1 
ATOM   1118 C  C   . LEU A 1 154 ? -13.719 6.746   5.223   1.00 21.94 ? 138 LEU B C   1 
ATOM   1119 O  O   . LEU A 1 154 ? -13.390 5.645   4.771   1.00 18.61 ? 138 LEU B O   1 
ATOM   1120 C  CB  . LEU A 1 154 ? -16.157 6.124   5.472   1.00 22.18 ? 138 LEU B CB  1 
ATOM   1121 C  CG  . LEU A 1 154 ? -16.111 5.767   6.953   1.00 23.03 ? 138 LEU B CG  1 
ATOM   1122 C  CD1 . LEU A 1 154 ? -16.713 6.890   7.791   1.00 22.95 ? 138 LEU B CD1 1 
ATOM   1123 C  CD2 . LEU A 1 154 ? -16.822 4.437   7.211   1.00 23.66 ? 138 LEU B CD2 1 
ATOM   1124 N  N   . LEU A 1 155 ? -12.876 7.561   5.868   1.00 23.52 ? 139 LEU B N   1 
ATOM   1125 C  CA  . LEU A 1 155 ? -11.462 7.184   6.161   1.00 22.29 ? 139 LEU B CA  1 
ATOM   1126 C  C   . LEU A 1 155 ? -11.474 6.082   7.219   1.00 21.71 ? 139 LEU B C   1 
ATOM   1127 O  O   . LEU A 1 155 ? -12.107 6.269   8.258   1.00 23.80 ? 139 LEU B O   1 
ATOM   1128 C  CB  . LEU A 1 155 ? -10.679 8.411   6.633   1.00 22.48 ? 139 LEU B CB  1 
ATOM   1129 C  CG  . LEU A 1 155 ? -9.236  8.116   7.036   1.00 24.54 ? 139 LEU B CG  1 
ATOM   1130 C  CD1 . LEU A 1 155 ? -8.427  7.628   5.849   1.00 23.47 ? 139 LEU B CD1 1 
ATOM   1131 C  CD2 . LEU A 1 155 ? -8.576  9.337   7.663   1.00 26.37 ? 139 LEU B CD2 1 
ATOM   1132 N  N   . VAL A 1 156 ? -10.863 4.942   6.940   1.00 20.85 ? 140 VAL B N   1 
ATOM   1133 C  CA  . VAL A 1 156 ? -10.872 3.768   7.862   1.00 22.62 ? 140 VAL B CA  1 
ATOM   1134 C  C   . VAL A 1 156 ? -9.577  3.743   8.690   1.00 24.75 ? 140 VAL B C   1 
ATOM   1135 O  O   . VAL A 1 156 ? -9.605  3.437   9.904   1.00 26.43 ? 140 VAL B O   1 
ATOM   1136 C  CB  . VAL A 1 156 ? -11.077 2.479   7.053   1.00 23.18 ? 140 VAL B CB  1 
ATOM   1137 C  CG1 . VAL A 1 156 ? -10.890 1.236   7.902   1.00 22.99 ? 140 VAL B CG1 1 
ATOM   1138 C  CG2 . VAL A 1 156 ? -12.455 2.498   6.392   1.00 24.57 ? 140 VAL B CG2 1 
ATOM   1139 N  N   . SER A 1 157 ? -8.460  4.071   8.065   1.00 25.55 ? 141 SER B N   1 
ATOM   1140 C  CA  . SER A 1 157 ? -7.144  4.126   8.744   1.00 25.57 ? 141 SER B CA  1 
ATOM   1141 C  C   . SER A 1 157 ? -6.147  4.827   7.843   1.00 23.30 ? 141 SER B C   1 
ATOM   1142 O  O   . SER A 1 157 ? -6.392  4.896   6.606   1.00 22.29 ? 141 SER B O   1 
ATOM   1143 C  CB  . SER A 1 157 ? -6.647  2.757   9.106   1.00 26.24 ? 141 SER B CB  1 
ATOM   1144 O  OG  . SER A 1 157 ? -6.588  1.921   7.966   1.00 29.08 ? 141 SER B OG  1 
ATOM   1145 N  N   . THR A 1 158 ? -5.076  5.296   8.466   1.00 22.24 ? 142 THR B N   1 
ATOM   1146 C  CA  . THR A 1 158 ? -3.867  5.849   7.807   1.00 22.51 ? 142 THR B CA  1 
ATOM   1147 C  C   . THR A 1 158 ? -2.697  5.006   8.301   1.00 21.75 ? 142 THR B C   1 
ATOM   1148 O  O   . THR A 1 158 ? -2.586  4.848   9.516   1.00 21.28 ? 142 THR B O   1 
ATOM   1149 C  CB  . THR A 1 158 ? -3.721  7.345   8.091   1.00 23.59 ? 142 THR B CB  1 
ATOM   1150 O  OG1 . THR A 1 158 ? -4.928  7.929   7.602   1.00 27.36 ? 142 THR B OG1 1 
ATOM   1151 C  CG2 . THR A 1 158 ? -2.510  7.986   7.444   1.00 23.56 ? 142 THR B CG2 1 
ATOM   1152 N  N   . SER A 1 159 ? -1.905  4.429   7.402   1.00 21.21 ? 143 SER B N   1 
ATOM   1153 C  CA  . SER A 1 159 ? -0.702  3.676   7.810   1.00 22.95 ? 143 SER B CA  1 
ATOM   1154 C  C   . SER A 1 159 ? 0.512   4.298   7.127   1.00 21.69 ? 143 SER B C   1 
ATOM   1155 O  O   . SER A 1 159 ? 0.350   4.972   6.080   1.00 20.03 ? 143 SER B O   1 
ATOM   1156 C  CB  . SER A 1 159 ? -0.852  2.222   7.555   1.00 25.35 ? 143 SER B CB  1 
ATOM   1157 O  OG  . SER A 1 159 ? -1.221  2.022   6.224   1.00 27.05 ? 143 SER B OG  1 
ATOM   1158 N  N   A ARG A 1 160 ? 1.680   4.121   7.747   0.50 20.85 ? 144 ARG B N   1 
ATOM   1159 N  N   B ARG A 1 160 ? 1.685   4.110   7.732   0.50 21.87 ? 144 ARG B N   1 
ATOM   1160 C  CA  A ARG A 1 160 ? 2.972   4.696   7.294   0.50 20.90 ? 144 ARG B CA  1 
ATOM   1161 C  CA  B ARG A 1 160 ? 2.964   4.709   7.271   0.50 22.58 ? 144 ARG B CA  1 
ATOM   1162 C  C   A ARG A 1 160 ? 4.024   3.583   7.291   0.50 19.86 ? 144 ARG B C   1 
ATOM   1163 C  C   B ARG A 1 160 ? 4.043   3.619   7.300   0.50 20.79 ? 144 ARG B C   1 
ATOM   1164 O  O   A ARG A 1 160 ? 4.107   2.844   8.300   0.50 18.65 ? 144 ARG B O   1 
ATOM   1165 O  O   B ARG A 1 160 ? 4.155   2.921   8.335   0.50 19.61 ? 144 ARG B O   1 
ATOM   1166 C  CB  A ARG A 1 160 ? 3.398   5.847   8.207   0.50 20.63 ? 144 ARG B CB  1 
ATOM   1167 C  CB  B ARG A 1 160 ? 3.302   5.932   8.127   0.50 23.65 ? 144 ARG B CB  1 
ATOM   1168 C  CG  A ARG A 1 160 ? 2.490   7.063   8.139   0.50 22.14 ? 144 ARG B CG  1 
ATOM   1169 C  CG  B ARG A 1 160 ? 2.364   7.112   7.901   0.50 26.71 ? 144 ARG B CG  1 
ATOM   1170 C  CD  A ARG A 1 160 ? 2.841   8.047   9.240   0.50 21.93 ? 144 ARG B CD  1 
ATOM   1171 C  CD  B ARG A 1 160 ? 2.588   8.238   8.898   0.50 28.73 ? 144 ARG B CD  1 
ATOM   1172 N  NE  A ARG A 1 160 ? 3.776   9.074   8.799   0.50 22.25 ? 144 ARG B NE  1 
ATOM   1173 N  NE  B ARG A 1 160 ? 1.391   9.049   9.078   0.50 30.09 ? 144 ARG B NE  1 
ATOM   1174 C  CZ  A ARG A 1 160 ? 5.052   9.135   9.157   0.50 21.63 ? 144 ARG B CZ  1 
ATOM   1175 C  CZ  B ARG A 1 160 ? 1.108   10.142  8.389   0.50 31.81 ? 144 ARG B CZ  1 
ATOM   1176 N  NH1 A ARG A 1 160 ? 5.799   10.125  8.706   0.50 21.77 ? 144 ARG B NH1 1 
ATOM   1177 N  NH1 B ARG A 1 160 ? -0.019  10.786  8.632   0.50 31.07 ? 144 ARG B NH1 1 
ATOM   1178 N  NH2 A ARG A 1 160 ? 5.571   8.213   9.956   0.50 20.65 ? 144 ARG B NH2 1 
ATOM   1179 N  NH2 B ARG A 1 160 ? 1.940   10.576  7.456   0.50 32.92 ? 144 ARG B NH2 1 
ATOM   1180 N  N   . VAL A 1 161 ? 4.745   3.452   6.172   1.00 19.18 ? 145 VAL B N   1 
ATOM   1181 C  CA  . VAL A 1 161 ? 5.820   2.444   5.977   1.00 18.22 ? 145 VAL B CA  1 
ATOM   1182 C  C   . VAL A 1 161 ? 7.038   3.214   5.486   1.00 18.47 ? 145 VAL B C   1 
ATOM   1183 O  O   . VAL A 1 161 ? 6.938   3.883   4.473   1.00 18.53 ? 145 VAL B O   1 
ATOM   1184 C  CB  . VAL A 1 161 ? 5.377   1.359   4.990   1.00 18.30 ? 145 VAL B CB  1 
ATOM   1185 C  CG1 . VAL A 1 161 ? 6.466   0.323   4.753   1.00 19.03 ? 145 VAL B CG1 1 
ATOM   1186 C  CG2 . VAL A 1 161 ? 4.073   0.699   5.419   1.00 17.99 ? 145 VAL B CG2 1 
ATOM   1187 N  N   . ARG A 1 162 ? 8.130   3.170   6.238   1.00 19.46 ? 146 ARG B N   1 
ATOM   1188 C  CA  . ARG A 1 162 ? 9.427   3.716   5.794   1.00 19.36 ? 146 ARG B CA  1 
ATOM   1189 C  C   . ARG A 1 162 ? 10.044  2.685   4.842   1.00 20.19 ? 146 ARG B C   1 
ATOM   1190 O  O   . ARG A 1 162 ? 10.078  1.502   5.216   1.00 17.94 ? 146 ARG B O   1 
ATOM   1191 C  CB  . ARG A 1 162 ? 10.313  3.994   7.005   1.00 21.41 ? 146 ARG B CB  1 
ATOM   1192 C  CG  . ARG A 1 162 ? 11.652  4.629   6.659   1.00 21.75 ? 146 ARG B CG  1 
ATOM   1193 C  CD  . ARG A 1 162 ? 12.390  5.063   7.914   1.00 23.98 ? 146 ARG B CD  1 
ATOM   1194 N  NE  . ARG A 1 162 ? 11.586  6.025   8.637   1.00 24.12 ? 146 ARG B NE  1 
ATOM   1195 C  CZ  . ARG A 1 162 ? 11.556  7.319   8.385   1.00 25.85 ? 146 ARG B CZ  1 
ATOM   1196 N  NH1 . ARG A 1 162 ? 10.771  8.114   9.090   1.00 27.44 ? 146 ARG B NH1 1 
ATOM   1197 N  NH2 . ARG A 1 162 ? 12.320  7.826   7.440   1.00 26.76 ? 146 ARG B NH2 1 
ATOM   1198 N  N   . LEU A 1 163 ? 10.555  3.123   3.689   1.00 19.29 ? 147 LEU B N   1 
ATOM   1199 C  CA  . LEU A 1 163 ? 11.150  2.208   2.682   1.00 20.88 ? 147 LEU B CA  1 
ATOM   1200 C  C   . LEU A 1 163 ? 12.672  2.259   2.753   1.00 21.54 ? 147 LEU B C   1 
ATOM   1201 O  O   . LEU A 1 163 ? 13.238  3.374   2.841   1.00 20.52 ? 147 LEU B O   1 
ATOM   1202 C  CB  . LEU A 1 163 ? 10.667  2.598   1.284   1.00 20.81 ? 147 LEU B CB  1 
ATOM   1203 C  CG  . LEU A 1 163 ? 9.228   2.222   0.959   1.00 22.63 ? 147 LEU B CG  1 
ATOM   1204 C  CD1 . LEU A 1 163 ? 8.918   2.556   -0.497  1.00 23.17 ? 147 LEU B CD1 1 
ATOM   1205 C  CD2 . LEU A 1 163 ? 8.936   0.752   1.251   1.00 24.35 ? 147 LEU B CD2 1 
ATOM   1206 N  N   . PHE A 1 164 ? 13.286  1.076   2.713   1.00 22.55 ? 148 PHE B N   1 
ATOM   1207 C  CA  . PHE A 1 164 ? 14.737  0.852   2.521   1.00 22.69 ? 148 PHE B CA  1 
ATOM   1208 C  C   . PHE A 1 164 ? 14.921  0.129   1.186   1.00 22.68 ? 148 PHE B C   1 
ATOM   1209 O  O   . PHE A 1 164 ? 14.185  -0.825  0.892   1.00 20.67 ? 148 PHE B O   1 
ATOM   1210 C  CB  . PHE A 1 164 ? 15.302  0.060   3.699   1.00 24.00 ? 148 PHE B CB  1 
ATOM   1211 C  CG  . PHE A 1 164 ? 15.211  0.822   4.991   1.00 24.50 ? 148 PHE B CG  1 
ATOM   1212 C  CD1 . PHE A 1 164 ? 16.294  1.548   5.453   1.00 24.90 ? 148 PHE B CD1 1 
ATOM   1213 C  CD2 . PHE A 1 164 ? 14.027  0.851   5.710   1.00 24.86 ? 148 PHE B CD2 1 
ATOM   1214 C  CE1 . PHE A 1 164 ? 16.203  2.276   6.622   1.00 25.47 ? 148 PHE B CE1 1 
ATOM   1215 C  CE2 . PHE A 1 164 ? 13.944  1.566   6.892   1.00 25.16 ? 148 PHE B CE2 1 
ATOM   1216 C  CZ  . PHE A 1 164 ? 15.034  2.282   7.339   1.00 24.36 ? 148 PHE B CZ  1 
ATOM   1217 N  N   . TYR A 1 165 ? 15.851  0.609   0.370   1.00 23.13 ? 149 TYR B N   1 
ATOM   1218 C  CA  . TYR A 1 165 ? 16.195  -0.008  -0.933  1.00 24.33 ? 149 TYR B CA  1 
ATOM   1219 C  C   . TYR A 1 165 ? 17.544  -0.687  -0.749  1.00 27.68 ? 149 TYR B C   1 
ATOM   1220 O  O   . TYR A 1 165 ? 18.543  0.039   -0.589  1.00 30.86 ? 149 TYR B O   1 
ATOM   1221 C  CB  . TYR A 1 165 ? 16.186  1.040   -2.040  1.00 25.18 ? 149 TYR B CB  1 
ATOM   1222 C  CG  . TYR A 1 165 ? 14.840  1.683   -2.214  1.00 26.38 ? 149 TYR B CG  1 
ATOM   1223 C  CD1 . TYR A 1 165 ? 13.893  1.142   -3.071  1.00 28.46 ? 149 TYR B CD1 1 
ATOM   1224 C  CD2 . TYR A 1 165 ? 14.482  2.786   -1.455  1.00 28.70 ? 149 TYR B CD2 1 
ATOM   1225 C  CE1 . TYR A 1 165 ? 12.641  1.722   -3.221  1.00 29.93 ? 149 TYR B CE1 1 
ATOM   1226 C  CE2 . TYR A 1 165 ? 13.238  3.379   -1.598  1.00 29.88 ? 149 TYR B CE2 1 
ATOM   1227 C  CZ  . TYR A 1 165 ? 12.317  2.848   -2.482  1.00 29.26 ? 149 TYR B CZ  1 
ATOM   1228 O  OH  . TYR A 1 165 ? 11.082  3.412   -2.605  1.00 30.99 ? 149 TYR B OH  1 
ATOM   1229 N  N   . VAL A 1 166 ? 17.536  -2.013  -0.677  1.00 27.05 ? 150 VAL B N   1 
ATOM   1230 C  CA  . VAL A 1 166 ? 18.729  -2.835  -0.318  1.00 29.27 ? 150 VAL B CA  1 
ATOM   1231 C  C   . VAL A 1 166 ? 19.355  -3.363  -1.611  1.00 29.18 ? 150 VAL B C   1 
ATOM   1232 O  O   . VAL A 1 166 ? 18.689  -3.451  -2.653  1.00 32.24 ? 150 VAL B O   1 
ATOM   1233 C  CB  . VAL A 1 166 ? 18.345  -3.982  0.641   1.00 30.18 ? 150 VAL B CB  1 
ATOM   1234 C  CG1 . VAL A 1 166 ? 17.574  -3.469  1.842   1.00 32.18 ? 150 VAL B CG1 1 
ATOM   1235 C  CG2 . VAL A 1 166 ? 17.560  -5.088  -0.045  1.00 32.92 ? 150 VAL B CG2 1 
ATOM   1236 O  OXT . VAL A 1 166 ? 20.530  -3.720  -1.631  1.00 30.22 ? 150 VAL B OXT 1 
HETATM 1237 NI NI  . NI  B 2 .   ? -26.171 6.826   16.061  1.00 19.51 ? 201 NI  B NI  1 
HETATM 1238 N  N1  . EPE C 3 .   ? -8.822  -3.661  -9.993  1.00 42.63 ? 202 EPE B N1  1 
HETATM 1239 C  C2  . EPE C 3 .   ? -8.614  -4.959  -10.662 1.00 42.25 ? 202 EPE B C2  1 
HETATM 1240 C  C3  . EPE C 3 .   ? -9.797  -5.908  -10.444 1.00 43.03 ? 202 EPE B C3  1 
HETATM 1241 N  N4  . EPE C 3 .   ? -10.028 -6.121  -8.987  1.00 44.42 ? 202 EPE B N4  1 
HETATM 1242 C  C5  . EPE C 3 .   ? -10.211 -4.829  -8.287  1.00 40.93 ? 202 EPE B C5  1 
HETATM 1243 C  C6  . EPE C 3 .   ? -9.008  -3.912  -8.547  1.00 40.43 ? 202 EPE B C6  1 
HETATM 1244 C  C7  . EPE C 3 .   ? -11.207 -6.982  -8.824  1.00 43.62 ? 202 EPE B C7  1 
HETATM 1245 C  C8  . EPE C 3 .   ? -11.090 -7.729  -7.512  1.00 47.13 ? 202 EPE B C8  1 
HETATM 1246 O  O8  . EPE C 3 .   ? -12.265 -8.533  -7.342  1.00 47.81 ? 202 EPE B O8  1 
HETATM 1247 C  C9  . EPE C 3 .   ? -7.641  -2.803  -10.245 1.00 39.38 ? 202 EPE B C9  1 
HETATM 1248 C  C10 . EPE C 3 .   ? -8.021  -1.335  -10.032 1.00 40.75 ? 202 EPE B C10 1 
HETATM 1249 S  S   . EPE C 3 .   ? -6.762  -0.437  -9.354  1.00 43.02 ? 202 EPE B S   1 
HETATM 1250 O  O1S . EPE C 3 .   ? -5.703  -0.357  -10.398 1.00 41.98 ? 202 EPE B O1S 1 
HETATM 1251 O  O2S . EPE C 3 .   ? -6.167  -1.130  -8.191  1.00 38.23 ? 202 EPE B O2S 1 
HETATM 1252 O  O3S . EPE C 3 .   ? -7.255  0.921   -9.030  1.00 35.37 ? 202 EPE B O3S 1 
HETATM 1253 O  O   . HOH D 4 .   ? -21.768 0.532   15.594  1.00 26.84 ? 301 HOH B O   1 
HETATM 1254 O  O   . HOH D 4 .   ? -21.096 7.039   -0.264  1.00 31.91 ? 302 HOH B O   1 
HETATM 1255 O  O   . HOH D 4 .   ? -5.531  -3.152  9.751   1.00 41.76 ? 303 HOH B O   1 
HETATM 1256 O  O   . HOH D 4 .   ? -3.747  -1.838  -4.952  1.00 37.63 ? 304 HOH B O   1 
HETATM 1257 O  O   . HOH D 4 .   ? -3.441  0.169   -10.894 1.00 30.79 ? 305 HOH B O   1 
HETATM 1258 O  O   . HOH D 4 .   ? 4.505   -14.214 8.234   1.00 28.71 ? 306 HOH B O   1 
HETATM 1259 O  O   . HOH D 4 .   ? 13.298  -2.623  8.555   1.00 45.55 ? 307 HOH B O   1 
HETATM 1260 O  O   . HOH D 4 .   ? -19.160 -0.925  17.027  1.00 30.28 ? 308 HOH B O   1 
HETATM 1261 O  O   . HOH D 4 .   ? -17.989 -0.346  -5.131  1.00 31.62 ? 309 HOH B O   1 
HETATM 1262 O  O   . HOH D 4 .   ? 7.074   -2.949  10.110  1.00 17.33 ? 310 HOH B O   1 
HETATM 1263 O  O   . HOH D 4 .   ? -19.912 12.066  3.366   1.00 33.84 ? 311 HOH B O   1 
HETATM 1264 O  O   . HOH D 4 .   ? 2.811   -7.490  -16.965 1.00 24.88 ? 312 HOH B O   1 
HETATM 1265 O  O   . HOH D 4 .   ? 1.040   2.721   10.302  1.00 15.64 ? 313 HOH B O   1 
HETATM 1266 O  O   . HOH D 4 .   ? 19.398  0.912   3.168   1.00 29.06 ? 314 HOH B O   1 
HETATM 1267 O  O   . HOH D 4 .   ? 19.108  14.697  -0.511  1.00 31.85 ? 315 HOH B O   1 
HETATM 1268 O  O   . HOH D 4 .   ? -22.858 1.251   -2.231  1.00 21.94 ? 316 HOH B O   1 
HETATM 1269 O  O   . HOH D 4 .   ? -12.044 -11.202 -4.186  1.00 38.82 ? 317 HOH B O   1 
HETATM 1270 O  O   . HOH D 4 .   ? -15.566 -5.581  12.506  1.00 23.64 ? 318 HOH B O   1 
HETATM 1271 O  O   . HOH D 4 .   ? -1.515  5.933   11.541  1.00 26.88 ? 319 HOH B O   1 
HETATM 1272 O  O   . HOH D 4 .   ? -11.135 -10.613 -8.261  1.00 18.25 ? 320 HOH B O   1 
HETATM 1273 O  O   . HOH D 4 .   ? -0.151  -13.401 7.052   1.00 43.75 ? 321 HOH B O   1 
HETATM 1274 O  O   . HOH D 4 .   ? -0.749  -5.850  -12.563 1.00 26.04 ? 322 HOH B O   1 
HETATM 1275 O  O   . HOH D 4 .   ? 14.549  11.417  5.812   1.00 29.93 ? 323 HOH B O   1 
HETATM 1276 O  O   . HOH D 4 .   ? 0.477   3.506   -11.918 1.00 31.85 ? 324 HOH B O   1 
HETATM 1277 O  O   . HOH D 4 .   ? -13.442 11.838  3.127   1.00 38.25 ? 325 HOH B O   1 
HETATM 1278 O  O   . HOH D 4 .   ? -2.667  -4.201  -5.217  1.00 22.69 ? 326 HOH B O   1 
HETATM 1279 O  O   . HOH D 4 .   ? -8.805  -11.024 -7.199  1.00 30.29 ? 327 HOH B O   1 
HETATM 1280 O  O   . HOH D 4 .   ? -4.924  -5.304  11.300  1.00 27.65 ? 328 HOH B O   1 
HETATM 1281 O  O   . HOH D 4 .   ? -3.013  9.406   -3.226  1.00 32.64 ? 329 HOH B O   1 
HETATM 1282 O  O   . HOH D 4 .   ? -4.737  -15.152 2.666   1.00 29.17 ? 330 HOH B O   1 
HETATM 1283 O  O   . HOH D 4 .   ? -8.478  6.022   -4.153  1.00 18.98 ? 331 HOH B O   1 
HETATM 1284 O  O   . HOH D 4 .   ? 12.098  -9.359  -13.467 1.00 31.60 ? 332 HOH B O   1 
HETATM 1285 O  O   . HOH D 4 .   ? -4.213  10.753  0.545   1.00 34.19 ? 333 HOH B O   1 
HETATM 1286 O  O   . HOH D 4 .   ? -25.062 7.744   17.636  1.00 19.24 ? 334 HOH B O   1 
HETATM 1287 O  O   . HOH D 4 .   ? -11.113 3.732   12.089  1.00 27.55 ? 335 HOH B O   1 
HETATM 1288 O  O   . HOH D 4 .   ? 10.629  16.015  -15.547 1.00 28.83 ? 336 HOH B O   1 
HETATM 1289 O  O   . HOH D 4 .   ? -13.534 -5.314  8.285   1.00 18.63 ? 337 HOH B O   1 
HETATM 1290 O  O   . HOH D 4 .   ? -8.017  -6.971  12.513  1.00 34.53 ? 338 HOH B O   1 
HETATM 1291 O  O   . HOH D 4 .   ? 3.365   -7.025  3.967   1.00 28.49 ? 339 HOH B O   1 
HETATM 1292 O  O   . HOH D 4 .   ? -0.205  -10.365 8.098   1.00 27.34 ? 340 HOH B O   1 
HETATM 1293 O  O   . HOH D 4 .   ? 1.577   2.805   3.797   1.00 18.60 ? 341 HOH B O   1 
HETATM 1294 O  O   . HOH D 4 .   ? 2.506   -9.421  -7.619  1.00 19.52 ? 342 HOH B O   1 
HETATM 1295 O  O   . HOH D 4 .   ? -18.301 9.251   4.882   1.00 27.46 ? 343 HOH B O   1 
HETATM 1296 O  O   . HOH D 4 .   ? 1.980   -4.776  11.602  1.00 20.81 ? 344 HOH B O   1 
HETATM 1297 O  O   . HOH D 4 .   ? -7.671  -7.334  -8.080  1.00 26.63 ? 345 HOH B O   1 
HETATM 1298 O  O   . HOH D 4 .   ? -4.105  -2.074  -12.192 1.00 17.45 ? 346 HOH B O   1 
HETATM 1299 O  O   . HOH D 4 .   ? -12.987 6.343   13.141  1.00 29.42 ? 347 HOH B O   1 
HETATM 1300 O  O   . HOH D 4 .   ? 6.193   3.669   15.320  1.00 22.57 ? 348 HOH B O   1 
HETATM 1301 O  O   . HOH D 4 .   ? -10.004 -10.057 8.958   1.00 34.56 ? 349 HOH B O   1 
HETATM 1302 O  O   . HOH D 4 .   ? 0.884   -9.852  -9.815  1.00 31.95 ? 350 HOH B O   1 
HETATM 1303 O  O   . HOH D 4 .   ? -12.034 -15.439 4.696   1.00 30.73 ? 351 HOH B O   1 
HETATM 1304 O  O   . HOH D 4 .   ? -9.359  -12.628 -4.697  1.00 31.71 ? 352 HOH B O   1 
HETATM 1305 O  O   . HOH D 4 .   ? 8.345   -6.593  8.282   1.00 31.49 ? 353 HOH B O   1 
HETATM 1306 O  O   . HOH D 4 .   ? 8.472   -8.361  -22.035 1.00 23.29 ? 354 HOH B O   1 
HETATM 1307 O  O   . HOH D 4 .   ? 11.740  6.383   12.060  1.00 36.22 ? 355 HOH B O   1 
HETATM 1308 O  O   . HOH D 4 .   ? 2.505   -15.950 -5.643  1.00 38.39 ? 356 HOH B O   1 
HETATM 1309 O  O   . HOH D 4 .   ? -2.290  8.936   1.706   1.00 28.72 ? 357 HOH B O   1 
HETATM 1310 O  O   . HOH D 4 .   ? 10.534  -5.952  4.015   1.00 19.56 ? 358 HOH B O   1 
HETATM 1311 O  O   . HOH D 4 .   ? -15.417 -9.402  -1.777  1.00 24.49 ? 359 HOH B O   1 
HETATM 1312 O  O   . HOH D 4 .   ? -16.129 -8.676  -3.848  1.00 29.89 ? 360 HOH B O   1 
HETATM 1313 O  O   . HOH D 4 .   ? -3.389  -5.776  -13.127 1.00 23.17 ? 361 HOH B O   1 
HETATM 1314 O  O   . HOH D 4 .   ? 9.630   -8.855  3.522   1.00 35.62 ? 362 HOH B O   1 
HETATM 1315 O  O   . HOH D 4 .   ? -3.851  -16.513 0.424   1.00 29.86 ? 363 HOH B O   1 
HETATM 1316 O  O   . HOH D 4 .   ? 8.619   -3.099  -15.686 1.00 27.13 ? 364 HOH B O   1 
HETATM 1317 O  O   . HOH D 4 .   ? -14.066 9.963   6.996   1.00 24.45 ? 365 HOH B O   1 
HETATM 1318 O  O   . HOH D 4 .   ? 11.186  -1.683  -16.673 1.00 38.88 ? 366 HOH B O   1 
HETATM 1319 O  O   . HOH D 4 .   ? 22.252  4.039   -5.191  1.00 35.04 ? 367 HOH B O   1 
HETATM 1320 O  O   . HOH D 4 .   ? -21.701 10.248  11.687  1.00 21.15 ? 368 HOH B O   1 
HETATM 1321 O  O   . HOH D 4 .   ? -18.887 10.332  12.892  1.00 30.17 ? 369 HOH B O   1 
HETATM 1322 O  O   . HOH D 4 .   ? 4.019   -12.708 0.600   1.00 21.63 ? 370 HOH B O   1 
HETATM 1323 O  O   . HOH D 4 .   ? -14.767 -8.197  -5.763  1.00 36.75 ? 371 HOH B O   1 
HETATM 1324 O  O   . HOH D 4 .   ? -14.861 -5.752  -5.892  1.00 24.61 ? 372 HOH B O   1 
HETATM 1325 O  O   . HOH D 4 .   ? -17.687 -3.226  -6.889  1.00 36.68 ? 373 HOH B O   1 
HETATM 1326 O  O   . HOH D 4 .   ? -5.838  5.435   11.369  1.00 25.61 ? 374 HOH B O   1 
HETATM 1327 O  O   . HOH D 4 .   ? -13.550 -15.331 1.019   1.00 22.71 ? 375 HOH B O   1 
HETATM 1328 O  O   . HOH D 4 .   ? -5.151  -4.313  -12.130 1.00 33.50 ? 376 HOH B O   1 
HETATM 1329 O  O   . HOH D 4 .   ? -18.210 5.071   19.556  1.00 36.17 ? 377 HOH B O   1 
HETATM 1330 O  O   . HOH D 4 .   ? -16.350 10.661  5.996   1.00 31.20 ? 378 HOH B O   1 
HETATM 1331 O  O   . HOH D 4 .   ? 9.359   -15.171 -9.786  1.00 31.09 ? 379 HOH B O   1 
HETATM 1332 O  O   . HOH D 4 .   ? -3.024  6.431   -9.434  1.00 31.24 ? 380 HOH B O   1 
HETATM 1333 O  O   . HOH D 4 .   ? -11.937 -0.544  -9.654  1.00 32.94 ? 381 HOH B O   1 
HETATM 1334 O  O   . HOH D 4 .   ? -21.754 -1.173  4.074   1.00 32.05 ? 382 HOH B O   1 
HETATM 1335 O  O   . HOH D 4 .   ? 11.890  11.349  5.034   1.00 34.26 ? 383 HOH B O   1 
HETATM 1336 O  O   . HOH D 4 .   ? -12.359 4.747   -6.757  1.00 33.31 ? 384 HOH B O   1 
HETATM 1337 O  O   . HOH D 4 .   ? 0.770   0.197   -19.385 1.00 29.45 ? 385 HOH B O   1 
HETATM 1338 O  O   . HOH D 4 .   ? 4.432   12.018  6.172   1.00 39.39 ? 386 HOH B O   1 
HETATM 1339 O  O   . HOH D 4 .   ? -21.056 8.096   2.239   1.00 32.62 ? 387 HOH B O   1 
HETATM 1340 O  O   . HOH D 4 .   ? 7.491   -15.358 -14.456 1.00 40.42 ? 388 HOH B O   1 
HETATM 1341 O  O   . HOH D 4 .   ? 5.797   -6.993  5.010   1.00 28.20 ? 389 HOH B O   1 
HETATM 1342 O  O   . HOH D 4 .   ? -26.958 5.524   19.612  1.00 31.83 ? 390 HOH B O   1 
HETATM 1343 O  O   . HOH D 4 .   ? 9.626   11.623  4.294   1.00 38.06 ? 391 HOH B O   1 
HETATM 1344 O  O   . HOH D 4 .   ? -22.617 7.589   18.050  1.00 30.55 ? 392 HOH B O   1 
HETATM 1345 O  O   . HOH D 4 .   ? 2.040   10.883  -9.402  1.00 36.63 ? 393 HOH B O   1 
HETATM 1346 O  O   . HOH D 4 .   ? -15.658 12.933  4.445   1.00 32.23 ? 394 HOH B O   1 
HETATM 1347 O  O   . HOH D 4 .   ? -20.871 4.280   0.123   1.00 31.20 ? 395 HOH B O   1 
HETATM 1348 O  O   . HOH D 4 .   ? -4.330  5.094   15.710  1.00 29.74 ? 396 HOH B O   1 
HETATM 1349 O  O   . HOH D 4 .   ? -23.359 3.121   -0.252  1.00 26.37 ? 397 HOH B O   1 
HETATM 1350 O  O   . HOH D 4 .   ? 1.588   -10.878 -12.671 1.00 34.34 ? 398 HOH B O   1 
HETATM 1351 O  O   . HOH D 4 .   ? 5.694   13.753  5.664   1.00 36.64 ? 399 HOH B O   1 
HETATM 1352 O  O   . HOH D 4 .   ? 1.648   -6.889  13.160  1.00 33.29 ? 400 HOH B O   1 
HETATM 1353 O  O   . HOH D 4 .   ? -24.260 2.346   2.311   1.00 31.53 ? 401 HOH B O   1 
HETATM 1354 O  O   . HOH D 4 .   ? -1.531  4.848   -11.005 1.00 41.73 ? 402 HOH B O   1 
# 
